data_8PUH
# 
_entry.id   8PUH 
# 
_audit_conform.dict_name       mmcif_pdbx.dic 
_audit_conform.dict_version    5.402 
_audit_conform.dict_location   http://mmcif.pdb.org/dictionaries/ascii/mmcif_pdbx.dic 
# 
loop_
_database_2.database_id 
_database_2.database_code 
_database_2.pdbx_database_accession 
_database_2.pdbx_DOI 
PDB   8PUH         pdb_00008puh 10.2210/pdb8puh/pdb 
WWPDB D_1292131315 ?            ?                   
EMDB  EMD-17943    ?            ?                   
# 
loop_
_pdbx_audit_revision_history.ordinal 
_pdbx_audit_revision_history.data_content_type 
_pdbx_audit_revision_history.major_revision 
_pdbx_audit_revision_history.minor_revision 
_pdbx_audit_revision_history.revision_date 
_pdbx_audit_revision_history.part_number 
1  'Structure model' 1 0 2023-08-23 ? 
2  'EM metadata'     1 0 2023-08-23 ? 
3  'Additional map'  1 0 2023-08-23 ? 
4  'Half map'        1 0 2023-08-23 1 
5  'Half map'        1 0 2023-08-23 2 
6  Image             1 0 2023-08-23 ? 
7  'Primary map'     1 0 2023-08-23 ? 
8  'Structure model' 1 1 2024-09-11 ? 
9  'Additional map'  1 0 2023-08-23 ? 
10 'Half map'        1 0 2023-08-23 1 
11 'Half map'        1 0 2023-08-23 2 
12 Image             1 0 2023-08-23 ? 
13 'Primary map'     1 0 2023-08-23 ? 
14 'Structure model' 1 2 2024-09-18 ? 
15 'Additional map'  1 0 2023-08-23 ? 
16 'Half map'        1 0 2023-08-23 1 
17 'Half map'        1 0 2023-08-23 2 
18 Image             1 0 2023-08-23 ? 
19 'Primary map'     1 0 2023-08-23 ? 
20 'Structure model' 1 3 2025-02-26 ? 
21 'EM metadata'     1 1 2025-02-26 ? 
# 
loop_
_pdbx_audit_revision_details.ordinal 
_pdbx_audit_revision_details.revision_ordinal 
_pdbx_audit_revision_details.data_content_type 
_pdbx_audit_revision_details.provider 
_pdbx_audit_revision_details.type 
_pdbx_audit_revision_details.description 
_pdbx_audit_revision_details.details 
1  1  'Structure model' repository 'Initial release' ? ? 
2  2  'EM metadata'     repository 'Initial release' ? ? 
3  3  'Additional map'  repository 'Initial release' ? ? 
4  4  'Half map'        repository 'Initial release' ? ? 
5  5  'Half map'        repository 'Initial release' ? ? 
6  6  Image             repository 'Initial release' ? ? 
7  7  'Primary map'     repository 'Initial release' ? ? 
8  9  'Additional map'  repository 'Initial release' ? ? 
9  10 'Half map'        repository 'Initial release' ? ? 
10 11 'Half map'        repository 'Initial release' ? ? 
11 12 Image             repository 'Initial release' ? ? 
12 13 'Primary map'     repository 'Initial release' ? ? 
13 15 'Additional map'  repository 'Initial release' ? ? 
14 16 'Half map'        repository 'Initial release' ? ? 
15 17 'Half map'        repository 'Initial release' ? ? 
16 18 Image             repository 'Initial release' ? ? 
17 19 'Primary map'     repository 'Initial release' ? ? 
# 
loop_
_pdbx_audit_revision_group.ordinal 
_pdbx_audit_revision_group.revision_ordinal 
_pdbx_audit_revision_group.data_content_type 
_pdbx_audit_revision_group.group 
1 8  'Structure model' 'Data collection'      
2 8  'Structure model' 'Database references'  
3 14 'Structure model' 'Data collection'      
4 14 'Structure model' 'Database references'  
5 20 'Structure model' 'Data collection'      
6 20 'Structure model' 'Database references'  
7 20 'Structure model' 'Structure summary'    
8 21 'EM metadata'     'Database references'  
9 21 'EM metadata'     'Experimental summary' 
# 
loop_
_pdbx_audit_revision_category.ordinal 
_pdbx_audit_revision_category.revision_ordinal 
_pdbx_audit_revision_category.data_content_type 
_pdbx_audit_revision_category.category 
1  8  'Structure model' citation           
2  8  'Structure model' em_admin           
3  14 'Structure model' citation           
4  14 'Structure model' citation_author    
5  14 'Structure model' em_admin           
6  20 'Structure model' citation           
7  20 'Structure model' citation_author    
8  20 'Structure model' em_admin           
9  20 'Structure model' pdbx_entry_details 
10 21 'EM metadata'     citation           
11 21 'EM metadata'     citation_author    
12 21 'EM metadata'     em_admin           
# 
loop_
_pdbx_audit_revision_item.ordinal 
_pdbx_audit_revision_item.revision_ordinal 
_pdbx_audit_revision_item.data_content_type 
_pdbx_audit_revision_item.item 
1  8  'Structure model' '_citation.journal_abbrev'          
2  8  'Structure model' '_citation.journal_id_ISSN'         
3  8  'Structure model' '_citation.pdbx_database_id_DOI'    
4  8  'Structure model' '_citation.pdbx_database_id_PubMed' 
5  8  'Structure model' '_citation.title'                   
6  8  'Structure model' '_citation.year'                    
7  8  'Structure model' '_em_admin.last_update'             
8  14 'Structure model' '_citation.pdbx_database_id_PubMed' 
9  14 'Structure model' '_citation.title'                   
10 14 'Structure model' '_citation_author.identifier_ORCID' 
11 14 'Structure model' '_citation_author.name'             
12 14 'Structure model' '_em_admin.last_update'             
13 20 'Structure model' '_citation.journal_volume'          
14 20 'Structure model' '_citation.page_first'              
15 20 'Structure model' '_citation.page_last'               
16 20 'Structure model' '_citation.year'                    
17 20 'Structure model' '_citation_author.identifier_ORCID' 
18 20 'Structure model' '_em_admin.last_update'             
19 21 'EM metadata'     '_citation.journal_volume'          
20 21 'EM metadata'     '_citation.page_first'              
21 21 'EM metadata'     '_citation.page_last'               
22 21 'EM metadata'     '_citation.year'                    
23 21 'EM metadata'     '_citation_author.identifier_ORCID' 
24 21 'EM metadata'     '_em_admin.last_update'             
# 
_pdbx_database_status.status_code                     REL 
_pdbx_database_status.status_code_sf                  ? 
_pdbx_database_status.status_code_mr                  ? 
_pdbx_database_status.entry_id                        8PUH 
_pdbx_database_status.recvd_initial_deposition_date   2023-07-17 
_pdbx_database_status.SG_entry                        N 
_pdbx_database_status.deposit_site                    PDBE 
_pdbx_database_status.process_site                    PDBE 
_pdbx_database_status.status_code_cs                  ? 
_pdbx_database_status.status_code_nmr_data            ? 
_pdbx_database_status.methods_development_category    ? 
_pdbx_database_status.pdb_format_compatible           Y 
# 
loop_
_pdbx_database_related.db_name 
_pdbx_database_related.details 
_pdbx_database_related.db_id 
_pdbx_database_related.content_type 
EMDB .                                                                                          EMD-17929 'other EM volume'      
EMDB .                                                                                          EMD-17930 'other EM volume'      
EMDB .                                                                                          EMD-17931 'other EM volume'      
EMDB .                                                                                          EMD-17932 'other EM volume'      
EMDB .                                                                                          EMD-17933 'other EM volume'      
EMDB .                                                                                          EMD-17934 'other EM volume'      
EMDB .                                                                                          EMD-17935 'other EM volume'      
EMDB .                                                                                          EMD-17936 'other EM volume'      
EMDB .                                                                                          EMD-17937 'other EM volume'      
EMDB .                                                                                          EMD-17940 'other EM volume'      
EMDB .                                                                                          EMD-17942 'other EM volume'      
EMDB .                                                                                          EMD-17938 'other EM volume'      
EMDB .                                                                                          EMD-17939 'other EM volume'      
EMDB .                                                                                          EMD-17941 'other EM volume'      
EMDB 'Structure of the immature HTLV-1 CA lattice from full-length Gag VLPs: CA-CTD refinement' EMD-17943 'associated EM volume' 
# 
_pdbx_contact_author.id                 4 
_pdbx_contact_author.email              florian.schur@ist.ac.at 
_pdbx_contact_author.name_first         Florian 
_pdbx_contact_author.name_last          Schur 
_pdbx_contact_author.name_mi            ? 
_pdbx_contact_author.role               'principal investigator/group leader' 
_pdbx_contact_author.identifier_ORCID   0000-0003-4790-8078 
# 
loop_
_audit_author.name 
_audit_author.pdbx_ordinal 
_audit_author.identifier_ORCID 
'Obr, M.'        1  0000-0003-1756-6564 
'Percipalle, M.' 2  0009-0006-4081-1571 
'Chernikova, D.' 3  0009-0007-4866-8498 
'Yang, H.'       4  0000-0003-0539-0477 
'Thader, A.'     5  0000-0001-6966-0400 
'Pinke, G.'      6  0000-0002-6727-7296 
'Porley, D.'     7  0009-0001-6180-3611 
'Mansky, L.M.'   8  0000-0003-2391-1061 
'Dick, R.A.'     9  0000-0003-3693-2531 
'Schur, F.K.M.'  10 0000-0003-4790-8078 
# 
_citation.abstract                  ? 
_citation.abstract_id_CAS           ? 
_citation.book_id_ISBN              ? 
_citation.book_publisher            ? 
_citation.book_publisher_city       ? 
_citation.book_title                ? 
_citation.coordinate_linkage        ? 
_citation.country                   US 
_citation.database_id_Medline       ? 
_citation.details                   ? 
_citation.id                        primary 
_citation.journal_abbrev            Nat.Struct.Mol.Biol. 
_citation.journal_id_ASTM           ? 
_citation.journal_id_CSD            ? 
_citation.journal_id_ISSN           1545-9985 
_citation.journal_full              ? 
_citation.journal_issue             ? 
_citation.journal_volume            32 
_citation.language                  ? 
_citation.page_first                268 
_citation.page_last                 276 
_citation.title                     'Distinct stabilization of the human T cell leukemia virus type 1 immature Gag lattice.' 
_citation.year                      2025 
_citation.database_id_CSD           ? 
_citation.pdbx_database_id_DOI      10.1038/s41594-024-01390-8 
_citation.pdbx_database_id_PubMed   39242978 
_citation.pdbx_database_id_patent   ? 
_citation.unpublished_flag          ? 
# 
loop_
_citation_author.citation_id 
_citation_author.name 
_citation_author.ordinal 
_citation_author.identifier_ORCID 
primary 'Obr, M.'        1  ? 
primary 'Percipalle, M.' 2  ? 
primary 'Chernikova, D.' 3  ? 
primary 'Yang, H.'       4  ? 
primary 'Thader, A.'     5  ? 
primary 'Pinke, G.'      6  ? 
primary 'Porley, D.'     7  ? 
primary 'Mansky, L.M.'   8  ? 
primary 'Dick, R.A.'     9  ? 
primary 'Schur, F.K.M.'  10 ? 
# 
_entity.id                         1 
_entity.type                       polymer 
_entity.src_method                 man 
_entity.pdbx_description           'Gag polyprotein' 
_entity.formula_weight             47553.234 
_entity.pdbx_number_of_molecules   2 
_entity.pdbx_ec                    ? 
_entity.pdbx_mutation              ? 
_entity.pdbx_fragment              ? 
_entity.details                    ? 
# 
_entity_name_com.entity_id   1 
_entity_name_com.name        Pr53Gag 
# 
_entity_poly.entity_id                      1 
_entity_poly.type                           'polypeptide(L)' 
_entity_poly.nstd_linkage                   no 
_entity_poly.nstd_monomer                   no 
_entity_poly.pdbx_seq_one_letter_code       
;MGQIFSRSASPIPRPPRGLAAHHWLNFLQAAYRLEPGPSSYDFHQLKKFLKIALETPARICPINYSLLASLLPKGYPGRV
NEILHILIQTQAQIPSRPAPPPPSSPTHDPPDSDPQIPPPYVEPTAPQVLPVMHPHGAPPNHRPWQMKDLQAIKQEVSQA
APGSPQFMQTIRLAVQQFDPTAKDLQDLLQYLCSSLVASLHHQQLDSLISEAETRGITGYNPLAGPLRVQANNPQQQGLR
REYQQLWLAAFAALPGSAKDPSWASILQGLEEPYHAFVERLNIALDNGLPEGTPKDPILRSLAYSNANKECQKLLQARGH
TNSPLGDMLRACQTWTPKDKTKVLVVQPKKPPPNQPCFRCGKAGHWSRDCTQPRPPPGPCPLCQDPTHWKRDCPRLKPTI
PEPEPEEDALLLDLPADIPHPKNSIGGEV
;
_entity_poly.pdbx_seq_one_letter_code_can   
;MGQIFSRSASPIPRPPRGLAAHHWLNFLQAAYRLEPGPSSYDFHQLKKFLKIALETPARICPINYSLLASLLPKGYPGRV
NEILHILIQTQAQIPSRPAPPPPSSPTHDPPDSDPQIPPPYVEPTAPQVLPVMHPHGAPPNHRPWQMKDLQAIKQEVSQA
APGSPQFMQTIRLAVQQFDPTAKDLQDLLQYLCSSLVASLHHQQLDSLISEAETRGITGYNPLAGPLRVQANNPQQQGLR
REYQQLWLAAFAALPGSAKDPSWASILQGLEEPYHAFVERLNIALDNGLPEGTPKDPILRSLAYSNANKECQKLLQARGH
TNSPLGDMLRACQTWTPKDKTKVLVVQPKKPPPNQPCFRCGKAGHWSRDCTQPRPPPGPCPLCQDPTHWKRDCPRLKPTI
PEPEPEEDALLLDLPADIPHPKNSIGGEV
;
_entity_poly.pdbx_strand_id                 A,B 
_entity_poly.pdbx_target_identifier         ? 
# 
loop_
_entity_poly_seq.entity_id 
_entity_poly_seq.num 
_entity_poly_seq.mon_id 
_entity_poly_seq.hetero 
1 1   MET n 
1 2   GLY n 
1 3   GLN n 
1 4   ILE n 
1 5   PHE n 
1 6   SER n 
1 7   ARG n 
1 8   SER n 
1 9   ALA n 
1 10  SER n 
1 11  PRO n 
1 12  ILE n 
1 13  PRO n 
1 14  ARG n 
1 15  PRO n 
1 16  PRO n 
1 17  ARG n 
1 18  GLY n 
1 19  LEU n 
1 20  ALA n 
1 21  ALA n 
1 22  HIS n 
1 23  HIS n 
1 24  TRP n 
1 25  LEU n 
1 26  ASN n 
1 27  PHE n 
1 28  LEU n 
1 29  GLN n 
1 30  ALA n 
1 31  ALA n 
1 32  TYR n 
1 33  ARG n 
1 34  LEU n 
1 35  GLU n 
1 36  PRO n 
1 37  GLY n 
1 38  PRO n 
1 39  SER n 
1 40  SER n 
1 41  TYR n 
1 42  ASP n 
1 43  PHE n 
1 44  HIS n 
1 45  GLN n 
1 46  LEU n 
1 47  LYS n 
1 48  LYS n 
1 49  PHE n 
1 50  LEU n 
1 51  LYS n 
1 52  ILE n 
1 53  ALA n 
1 54  LEU n 
1 55  GLU n 
1 56  THR n 
1 57  PRO n 
1 58  ALA n 
1 59  ARG n 
1 60  ILE n 
1 61  CYS n 
1 62  PRO n 
1 63  ILE n 
1 64  ASN n 
1 65  TYR n 
1 66  SER n 
1 67  LEU n 
1 68  LEU n 
1 69  ALA n 
1 70  SER n 
1 71  LEU n 
1 72  LEU n 
1 73  PRO n 
1 74  LYS n 
1 75  GLY n 
1 76  TYR n 
1 77  PRO n 
1 78  GLY n 
1 79  ARG n 
1 80  VAL n 
1 81  ASN n 
1 82  GLU n 
1 83  ILE n 
1 84  LEU n 
1 85  HIS n 
1 86  ILE n 
1 87  LEU n 
1 88  ILE n 
1 89  GLN n 
1 90  THR n 
1 91  GLN n 
1 92  ALA n 
1 93  GLN n 
1 94  ILE n 
1 95  PRO n 
1 96  SER n 
1 97  ARG n 
1 98  PRO n 
1 99  ALA n 
1 100 PRO n 
1 101 PRO n 
1 102 PRO n 
1 103 PRO n 
1 104 SER n 
1 105 SER n 
1 106 PRO n 
1 107 THR n 
1 108 HIS n 
1 109 ASP n 
1 110 PRO n 
1 111 PRO n 
1 112 ASP n 
1 113 SER n 
1 114 ASP n 
1 115 PRO n 
1 116 GLN n 
1 117 ILE n 
1 118 PRO n 
1 119 PRO n 
1 120 PRO n 
1 121 TYR n 
1 122 VAL n 
1 123 GLU n 
1 124 PRO n 
1 125 THR n 
1 126 ALA n 
1 127 PRO n 
1 128 GLN n 
1 129 VAL n 
1 130 LEU n 
1 131 PRO n 
1 132 VAL n 
1 133 MET n 
1 134 HIS n 
1 135 PRO n 
1 136 HIS n 
1 137 GLY n 
1 138 ALA n 
1 139 PRO n 
1 140 PRO n 
1 141 ASN n 
1 142 HIS n 
1 143 ARG n 
1 144 PRO n 
1 145 TRP n 
1 146 GLN n 
1 147 MET n 
1 148 LYS n 
1 149 ASP n 
1 150 LEU n 
1 151 GLN n 
1 152 ALA n 
1 153 ILE n 
1 154 LYS n 
1 155 GLN n 
1 156 GLU n 
1 157 VAL n 
1 158 SER n 
1 159 GLN n 
1 160 ALA n 
1 161 ALA n 
1 162 PRO n 
1 163 GLY n 
1 164 SER n 
1 165 PRO n 
1 166 GLN n 
1 167 PHE n 
1 168 MET n 
1 169 GLN n 
1 170 THR n 
1 171 ILE n 
1 172 ARG n 
1 173 LEU n 
1 174 ALA n 
1 175 VAL n 
1 176 GLN n 
1 177 GLN n 
1 178 PHE n 
1 179 ASP n 
1 180 PRO n 
1 181 THR n 
1 182 ALA n 
1 183 LYS n 
1 184 ASP n 
1 185 LEU n 
1 186 GLN n 
1 187 ASP n 
1 188 LEU n 
1 189 LEU n 
1 190 GLN n 
1 191 TYR n 
1 192 LEU n 
1 193 CYS n 
1 194 SER n 
1 195 SER n 
1 196 LEU n 
1 197 VAL n 
1 198 ALA n 
1 199 SER n 
1 200 LEU n 
1 201 HIS n 
1 202 HIS n 
1 203 GLN n 
1 204 GLN n 
1 205 LEU n 
1 206 ASP n 
1 207 SER n 
1 208 LEU n 
1 209 ILE n 
1 210 SER n 
1 211 GLU n 
1 212 ALA n 
1 213 GLU n 
1 214 THR n 
1 215 ARG n 
1 216 GLY n 
1 217 ILE n 
1 218 THR n 
1 219 GLY n 
1 220 TYR n 
1 221 ASN n 
1 222 PRO n 
1 223 LEU n 
1 224 ALA n 
1 225 GLY n 
1 226 PRO n 
1 227 LEU n 
1 228 ARG n 
1 229 VAL n 
1 230 GLN n 
1 231 ALA n 
1 232 ASN n 
1 233 ASN n 
1 234 PRO n 
1 235 GLN n 
1 236 GLN n 
1 237 GLN n 
1 238 GLY n 
1 239 LEU n 
1 240 ARG n 
1 241 ARG n 
1 242 GLU n 
1 243 TYR n 
1 244 GLN n 
1 245 GLN n 
1 246 LEU n 
1 247 TRP n 
1 248 LEU n 
1 249 ALA n 
1 250 ALA n 
1 251 PHE n 
1 252 ALA n 
1 253 ALA n 
1 254 LEU n 
1 255 PRO n 
1 256 GLY n 
1 257 SER n 
1 258 ALA n 
1 259 LYS n 
1 260 ASP n 
1 261 PRO n 
1 262 SER n 
1 263 TRP n 
1 264 ALA n 
1 265 SER n 
1 266 ILE n 
1 267 LEU n 
1 268 GLN n 
1 269 GLY n 
1 270 LEU n 
1 271 GLU n 
1 272 GLU n 
1 273 PRO n 
1 274 TYR n 
1 275 HIS n 
1 276 ALA n 
1 277 PHE n 
1 278 VAL n 
1 279 GLU n 
1 280 ARG n 
1 281 LEU n 
1 282 ASN n 
1 283 ILE n 
1 284 ALA n 
1 285 LEU n 
1 286 ASP n 
1 287 ASN n 
1 288 GLY n 
1 289 LEU n 
1 290 PRO n 
1 291 GLU n 
1 292 GLY n 
1 293 THR n 
1 294 PRO n 
1 295 LYS n 
1 296 ASP n 
1 297 PRO n 
1 298 ILE n 
1 299 LEU n 
1 300 ARG n 
1 301 SER n 
1 302 LEU n 
1 303 ALA n 
1 304 TYR n 
1 305 SER n 
1 306 ASN n 
1 307 ALA n 
1 308 ASN n 
1 309 LYS n 
1 310 GLU n 
1 311 CYS n 
1 312 GLN n 
1 313 LYS n 
1 314 LEU n 
1 315 LEU n 
1 316 GLN n 
1 317 ALA n 
1 318 ARG n 
1 319 GLY n 
1 320 HIS n 
1 321 THR n 
1 322 ASN n 
1 323 SER n 
1 324 PRO n 
1 325 LEU n 
1 326 GLY n 
1 327 ASP n 
1 328 MET n 
1 329 LEU n 
1 330 ARG n 
1 331 ALA n 
1 332 CYS n 
1 333 GLN n 
1 334 THR n 
1 335 TRP n 
1 336 THR n 
1 337 PRO n 
1 338 LYS n 
1 339 ASP n 
1 340 LYS n 
1 341 THR n 
1 342 LYS n 
1 343 VAL n 
1 344 LEU n 
1 345 VAL n 
1 346 VAL n 
1 347 GLN n 
1 348 PRO n 
1 349 LYS n 
1 350 LYS n 
1 351 PRO n 
1 352 PRO n 
1 353 PRO n 
1 354 ASN n 
1 355 GLN n 
1 356 PRO n 
1 357 CYS n 
1 358 PHE n 
1 359 ARG n 
1 360 CYS n 
1 361 GLY n 
1 362 LYS n 
1 363 ALA n 
1 364 GLY n 
1 365 HIS n 
1 366 TRP n 
1 367 SER n 
1 368 ARG n 
1 369 ASP n 
1 370 CYS n 
1 371 THR n 
1 372 GLN n 
1 373 PRO n 
1 374 ARG n 
1 375 PRO n 
1 376 PRO n 
1 377 PRO n 
1 378 GLY n 
1 379 PRO n 
1 380 CYS n 
1 381 PRO n 
1 382 LEU n 
1 383 CYS n 
1 384 GLN n 
1 385 ASP n 
1 386 PRO n 
1 387 THR n 
1 388 HIS n 
1 389 TRP n 
1 390 LYS n 
1 391 ARG n 
1 392 ASP n 
1 393 CYS n 
1 394 PRO n 
1 395 ARG n 
1 396 LEU n 
1 397 LYS n 
1 398 PRO n 
1 399 THR n 
1 400 ILE n 
1 401 PRO n 
1 402 GLU n 
1 403 PRO n 
1 404 GLU n 
1 405 PRO n 
1 406 GLU n 
1 407 GLU n 
1 408 ASP n 
1 409 ALA n 
1 410 LEU n 
1 411 LEU n 
1 412 LEU n 
1 413 ASP n 
1 414 LEU n 
1 415 PRO n 
1 416 ALA n 
1 417 ASP n 
1 418 ILE n 
1 419 PRO n 
1 420 HIS n 
1 421 PRO n 
1 422 LYS n 
1 423 ASN n 
1 424 SER n 
1 425 ILE n 
1 426 GLY n 
1 427 GLY n 
1 428 GLU n 
1 429 VAL n 
# 
_entity_src_gen.entity_id                          1 
_entity_src_gen.pdbx_src_id                        1 
_entity_src_gen.pdbx_alt_source_flag               sample 
_entity_src_gen.pdbx_seq_type                      'Biological sequence' 
_entity_src_gen.pdbx_beg_seq_num                   1 
_entity_src_gen.pdbx_end_seq_num                   429 
_entity_src_gen.gene_src_common_name               ? 
_entity_src_gen.gene_src_genus                     ? 
_entity_src_gen.pdbx_gene_src_gene                 gag 
_entity_src_gen.gene_src_species                   ? 
_entity_src_gen.gene_src_strain                    ? 
_entity_src_gen.gene_src_tissue                    ? 
_entity_src_gen.gene_src_tissue_fraction           ? 
_entity_src_gen.gene_src_details                   ? 
_entity_src_gen.pdbx_gene_src_fragment             ? 
_entity_src_gen.pdbx_gene_src_scientific_name      'Human T-cell leukemia virus type I' 
_entity_src_gen.pdbx_gene_src_ncbi_taxonomy_id     11908 
_entity_src_gen.pdbx_gene_src_variant              ? 
_entity_src_gen.pdbx_gene_src_cell_line            ? 
_entity_src_gen.pdbx_gene_src_atcc                 ? 
_entity_src_gen.pdbx_gene_src_organ                ? 
_entity_src_gen.pdbx_gene_src_organelle            ? 
_entity_src_gen.pdbx_gene_src_cell                 ? 
_entity_src_gen.pdbx_gene_src_cellular_location    ? 
_entity_src_gen.host_org_common_name               ? 
_entity_src_gen.pdbx_host_org_scientific_name      'Homo sapiens' 
_entity_src_gen.pdbx_host_org_ncbi_taxonomy_id     9606 
_entity_src_gen.host_org_genus                     ? 
_entity_src_gen.pdbx_host_org_gene                 ? 
_entity_src_gen.pdbx_host_org_organ                ? 
_entity_src_gen.host_org_species                   ? 
_entity_src_gen.pdbx_host_org_tissue               ? 
_entity_src_gen.pdbx_host_org_tissue_fraction      ? 
_entity_src_gen.pdbx_host_org_strain               293T 
_entity_src_gen.pdbx_host_org_variant              ? 
_entity_src_gen.pdbx_host_org_cell_line            HEK 
_entity_src_gen.pdbx_host_org_atcc                 CRL-3216 
_entity_src_gen.pdbx_host_org_culture_collection   ? 
_entity_src_gen.pdbx_host_org_cell                 ? 
_entity_src_gen.pdbx_host_org_organelle            ? 
_entity_src_gen.pdbx_host_org_cellular_location    ? 
_entity_src_gen.pdbx_host_org_vector_type          ? 
_entity_src_gen.pdbx_host_org_vector               ? 
_entity_src_gen.host_org_details                   ? 
_entity_src_gen.expression_system_id               ? 
_entity_src_gen.plasmid_name                       ? 
_entity_src_gen.plasmid_details                    ? 
_entity_src_gen.pdbx_description                   ? 
# 
loop_
_chem_comp.id 
_chem_comp.type 
_chem_comp.mon_nstd_flag 
_chem_comp.name 
_chem_comp.pdbx_synonyms 
_chem_comp.formula 
_chem_comp.formula_weight 
ALA 'L-peptide linking' y ALANINE         ? 'C3 H7 N O2'     89.093  
ARG 'L-peptide linking' y ARGININE        ? 'C6 H15 N4 O2 1' 175.209 
ASN 'L-peptide linking' y ASPARAGINE      ? 'C4 H8 N2 O3'    132.118 
ASP 'L-peptide linking' y 'ASPARTIC ACID' ? 'C4 H7 N O4'     133.103 
CYS 'L-peptide linking' y CYSTEINE        ? 'C3 H7 N O2 S'   121.158 
GLN 'L-peptide linking' y GLUTAMINE       ? 'C5 H10 N2 O3'   146.144 
GLU 'L-peptide linking' y 'GLUTAMIC ACID' ? 'C5 H9 N O4'     147.129 
GLY 'peptide linking'   y GLYCINE         ? 'C2 H5 N O2'     75.067  
HIS 'L-peptide linking' y HISTIDINE       ? 'C6 H10 N3 O2 1' 156.162 
ILE 'L-peptide linking' y ISOLEUCINE      ? 'C6 H13 N O2'    131.173 
LEU 'L-peptide linking' y LEUCINE         ? 'C6 H13 N O2'    131.173 
LYS 'L-peptide linking' y LYSINE          ? 'C6 H15 N2 O2 1' 147.195 
MET 'L-peptide linking' y METHIONINE      ? 'C5 H11 N O2 S'  149.211 
PHE 'L-peptide linking' y PHENYLALANINE   ? 'C9 H11 N O2'    165.189 
PRO 'L-peptide linking' y PROLINE         ? 'C5 H9 N O2'     115.130 
SER 'L-peptide linking' y SERINE          ? 'C3 H7 N O3'     105.093 
THR 'L-peptide linking' y THREONINE       ? 'C4 H9 N O3'     119.119 
TRP 'L-peptide linking' y TRYPTOPHAN      ? 'C11 H12 N2 O2'  204.225 
TYR 'L-peptide linking' y TYROSINE        ? 'C9 H11 N O3'    181.189 
VAL 'L-peptide linking' y VALINE          ? 'C5 H11 N O2'    117.146 
# 
loop_
_pdbx_poly_seq_scheme.asym_id 
_pdbx_poly_seq_scheme.entity_id 
_pdbx_poly_seq_scheme.seq_id 
_pdbx_poly_seq_scheme.mon_id 
_pdbx_poly_seq_scheme.ndb_seq_num 
_pdbx_poly_seq_scheme.pdb_seq_num 
_pdbx_poly_seq_scheme.auth_seq_num 
_pdbx_poly_seq_scheme.pdb_mon_id 
_pdbx_poly_seq_scheme.auth_mon_id 
_pdbx_poly_seq_scheme.pdb_strand_id 
_pdbx_poly_seq_scheme.pdb_ins_code 
_pdbx_poly_seq_scheme.hetero 
A 1 1   MET 1   -257 ?  ?   ?   A . n 
A 1 2   GLY 2   -256 ?  ?   ?   A . n 
A 1 3   GLN 3   -255 ?  ?   ?   A . n 
A 1 4   ILE 4   -254 ?  ?   ?   A . n 
A 1 5   PHE 5   -253 ?  ?   ?   A . n 
A 1 6   SER 6   -252 ?  ?   ?   A . n 
A 1 7   ARG 7   -251 ?  ?   ?   A . n 
A 1 8   SER 8   -250 ?  ?   ?   A . n 
A 1 9   ALA 9   -249 ?  ?   ?   A . n 
A 1 10  SER 10  -248 ?  ?   ?   A . n 
A 1 11  PRO 11  -247 ?  ?   ?   A . n 
A 1 12  ILE 12  -246 ?  ?   ?   A . n 
A 1 13  PRO 13  -245 ?  ?   ?   A . n 
A 1 14  ARG 14  -244 ?  ?   ?   A . n 
A 1 15  PRO 15  -243 ?  ?   ?   A . n 
A 1 16  PRO 16  -242 ?  ?   ?   A . n 
A 1 17  ARG 17  -241 ?  ?   ?   A . n 
A 1 18  GLY 18  -240 ?  ?   ?   A . n 
A 1 19  LEU 19  -239 ?  ?   ?   A . n 
A 1 20  ALA 20  -238 ?  ?   ?   A . n 
A 1 21  ALA 21  -237 ?  ?   ?   A . n 
A 1 22  HIS 22  -236 ?  ?   ?   A . n 
A 1 23  HIS 23  -235 ?  ?   ?   A . n 
A 1 24  TRP 24  -234 ?  ?   ?   A . n 
A 1 25  LEU 25  -233 ?  ?   ?   A . n 
A 1 26  ASN 26  -232 ?  ?   ?   A . n 
A 1 27  PHE 27  -231 ?  ?   ?   A . n 
A 1 28  LEU 28  -230 ?  ?   ?   A . n 
A 1 29  GLN 29  -229 ?  ?   ?   A . n 
A 1 30  ALA 30  -228 ?  ?   ?   A . n 
A 1 31  ALA 31  -227 ?  ?   ?   A . n 
A 1 32  TYR 32  -226 ?  ?   ?   A . n 
A 1 33  ARG 33  -225 ?  ?   ?   A . n 
A 1 34  LEU 34  -224 ?  ?   ?   A . n 
A 1 35  GLU 35  -223 ?  ?   ?   A . n 
A 1 36  PRO 36  -222 ?  ?   ?   A . n 
A 1 37  GLY 37  -221 ?  ?   ?   A . n 
A 1 38  PRO 38  -220 ?  ?   ?   A . n 
A 1 39  SER 39  -219 ?  ?   ?   A . n 
A 1 40  SER 40  -218 ?  ?   ?   A . n 
A 1 41  TYR 41  -217 ?  ?   ?   A . n 
A 1 42  ASP 42  -216 ?  ?   ?   A . n 
A 1 43  PHE 43  -215 ?  ?   ?   A . n 
A 1 44  HIS 44  -214 ?  ?   ?   A . n 
A 1 45  GLN 45  -213 ?  ?   ?   A . n 
A 1 46  LEU 46  -212 ?  ?   ?   A . n 
A 1 47  LYS 47  -211 ?  ?   ?   A . n 
A 1 48  LYS 48  -210 ?  ?   ?   A . n 
A 1 49  PHE 49  -209 ?  ?   ?   A . n 
A 1 50  LEU 50  -208 ?  ?   ?   A . n 
A 1 51  LYS 51  -207 ?  ?   ?   A . n 
A 1 52  ILE 52  -206 ?  ?   ?   A . n 
A 1 53  ALA 53  -205 ?  ?   ?   A . n 
A 1 54  LEU 54  -204 ?  ?   ?   A . n 
A 1 55  GLU 55  -203 ?  ?   ?   A . n 
A 1 56  THR 56  -202 ?  ?   ?   A . n 
A 1 57  PRO 57  -201 ?  ?   ?   A . n 
A 1 58  ALA 58  -200 ?  ?   ?   A . n 
A 1 59  ARG 59  -199 ?  ?   ?   A . n 
A 1 60  ILE 60  -198 ?  ?   ?   A . n 
A 1 61  CYS 61  -197 ?  ?   ?   A . n 
A 1 62  PRO 62  -196 ?  ?   ?   A . n 
A 1 63  ILE 63  -195 ?  ?   ?   A . n 
A 1 64  ASN 64  -194 ?  ?   ?   A . n 
A 1 65  TYR 65  -193 ?  ?   ?   A . n 
A 1 66  SER 66  -192 ?  ?   ?   A . n 
A 1 67  LEU 67  -191 ?  ?   ?   A . n 
A 1 68  LEU 68  -190 ?  ?   ?   A . n 
A 1 69  ALA 69  -189 ?  ?   ?   A . n 
A 1 70  SER 70  -188 ?  ?   ?   A . n 
A 1 71  LEU 71  -187 ?  ?   ?   A . n 
A 1 72  LEU 72  -186 ?  ?   ?   A . n 
A 1 73  PRO 73  -185 ?  ?   ?   A . n 
A 1 74  LYS 74  -184 ?  ?   ?   A . n 
A 1 75  GLY 75  -183 ?  ?   ?   A . n 
A 1 76  TYR 76  -182 ?  ?   ?   A . n 
A 1 77  PRO 77  -181 ?  ?   ?   A . n 
A 1 78  GLY 78  -180 ?  ?   ?   A . n 
A 1 79  ARG 79  -179 ?  ?   ?   A . n 
A 1 80  VAL 80  -178 ?  ?   ?   A . n 
A 1 81  ASN 81  -177 ?  ?   ?   A . n 
A 1 82  GLU 82  -176 ?  ?   ?   A . n 
A 1 83  ILE 83  -175 ?  ?   ?   A . n 
A 1 84  LEU 84  -174 ?  ?   ?   A . n 
A 1 85  HIS 85  -173 ?  ?   ?   A . n 
A 1 86  ILE 86  -172 ?  ?   ?   A . n 
A 1 87  LEU 87  -171 ?  ?   ?   A . n 
A 1 88  ILE 88  -170 ?  ?   ?   A . n 
A 1 89  GLN 89  -169 ?  ?   ?   A . n 
A 1 90  THR 90  -168 ?  ?   ?   A . n 
A 1 91  GLN 91  -167 ?  ?   ?   A . n 
A 1 92  ALA 92  -166 ?  ?   ?   A . n 
A 1 93  GLN 93  -165 ?  ?   ?   A . n 
A 1 94  ILE 94  -164 ?  ?   ?   A . n 
A 1 95  PRO 95  -163 ?  ?   ?   A . n 
A 1 96  SER 96  -162 ?  ?   ?   A . n 
A 1 97  ARG 97  -161 ?  ?   ?   A . n 
A 1 98  PRO 98  -160 ?  ?   ?   A . n 
A 1 99  ALA 99  -159 ?  ?   ?   A . n 
A 1 100 PRO 100 -158 ?  ?   ?   A . n 
A 1 101 PRO 101 -157 ?  ?   ?   A . n 
A 1 102 PRO 102 -156 ?  ?   ?   A . n 
A 1 103 PRO 103 -155 ?  ?   ?   A . n 
A 1 104 SER 104 -154 ?  ?   ?   A . n 
A 1 105 SER 105 -153 ?  ?   ?   A . n 
A 1 106 PRO 106 -152 ?  ?   ?   A . n 
A 1 107 THR 107 -151 ?  ?   ?   A . n 
A 1 108 HIS 108 -150 ?  ?   ?   A . n 
A 1 109 ASP 109 -149 ?  ?   ?   A . n 
A 1 110 PRO 110 -148 ?  ?   ?   A . n 
A 1 111 PRO 111 -147 ?  ?   ?   A . n 
A 1 112 ASP 112 -146 ?  ?   ?   A . n 
A 1 113 SER 113 -145 ?  ?   ?   A . n 
A 1 114 ASP 114 -144 ?  ?   ?   A . n 
A 1 115 PRO 115 -143 ?  ?   ?   A . n 
A 1 116 GLN 116 -142 ?  ?   ?   A . n 
A 1 117 ILE 117 -141 ?  ?   ?   A . n 
A 1 118 PRO 118 -140 ?  ?   ?   A . n 
A 1 119 PRO 119 -139 ?  ?   ?   A . n 
A 1 120 PRO 120 -138 ?  ?   ?   A . n 
A 1 121 TYR 121 -137 ?  ?   ?   A . n 
A 1 122 VAL 122 -136 ?  ?   ?   A . n 
A 1 123 GLU 123 -135 ?  ?   ?   A . n 
A 1 124 PRO 124 -134 ?  ?   ?   A . n 
A 1 125 THR 125 -133 ?  ?   ?   A . n 
A 1 126 ALA 126 -132 ?  ?   ?   A . n 
A 1 127 PRO 127 -131 ?  ?   ?   A . n 
A 1 128 GLN 128 -130 ?  ?   ?   A . n 
A 1 129 VAL 129 -129 ?  ?   ?   A . n 
A 1 130 LEU 130 -128 ?  ?   ?   A . n 
A 1 131 PRO 131 -127 ?  ?   ?   A . n 
A 1 132 VAL 132 -126 ?  ?   ?   A . n 
A 1 133 MET 133 -125 ?  ?   ?   A . n 
A 1 134 HIS 134 -124 ?  ?   ?   A . n 
A 1 135 PRO 135 -123 ?  ?   ?   A . n 
A 1 136 HIS 136 -122 ?  ?   ?   A . n 
A 1 137 GLY 137 -121 ?  ?   ?   A . n 
A 1 138 ALA 138 -120 ?  ?   ?   A . n 
A 1 139 PRO 139 -119 ?  ?   ?   A . n 
A 1 140 PRO 140 -118 ?  ?   ?   A . n 
A 1 141 ASN 141 -117 ?  ?   ?   A . n 
A 1 142 HIS 142 -116 ?  ?   ?   A . n 
A 1 143 ARG 143 -115 ?  ?   ?   A . n 
A 1 144 PRO 144 -114 ?  ?   ?   A . n 
A 1 145 TRP 145 -113 ?  ?   ?   A . n 
A 1 146 GLN 146 -112 ?  ?   ?   A . n 
A 1 147 MET 147 -111 ?  ?   ?   A . n 
A 1 148 LYS 148 -110 ?  ?   ?   A . n 
A 1 149 ASP 149 -109 ?  ?   ?   A . n 
A 1 150 LEU 150 -108 ?  ?   ?   A . n 
A 1 151 GLN 151 -107 ?  ?   ?   A . n 
A 1 152 ALA 152 -106 ?  ?   ?   A . n 
A 1 153 ILE 153 -105 ?  ?   ?   A . n 
A 1 154 LYS 154 -104 ?  ?   ?   A . n 
A 1 155 GLN 155 -103 ?  ?   ?   A . n 
A 1 156 GLU 156 -102 ?  ?   ?   A . n 
A 1 157 VAL 157 -101 ?  ?   ?   A . n 
A 1 158 SER 158 -100 ?  ?   ?   A . n 
A 1 159 GLN 159 -99  ?  ?   ?   A . n 
A 1 160 ALA 160 -98  ?  ?   ?   A . n 
A 1 161 ALA 161 -97  ?  ?   ?   A . n 
A 1 162 PRO 162 -96  ?  ?   ?   A . n 
A 1 163 GLY 163 -95  ?  ?   ?   A . n 
A 1 164 SER 164 -94  ?  ?   ?   A . n 
A 1 165 PRO 165 -93  ?  ?   ?   A . n 
A 1 166 GLN 166 -92  ?  ?   ?   A . n 
A 1 167 PHE 167 -91  ?  ?   ?   A . n 
A 1 168 MET 168 -90  ?  ?   ?   A . n 
A 1 169 GLN 169 -89  ?  ?   ?   A . n 
A 1 170 THR 170 -88  ?  ?   ?   A . n 
A 1 171 ILE 171 -87  ?  ?   ?   A . n 
A 1 172 ARG 172 -86  ?  ?   ?   A . n 
A 1 173 LEU 173 -85  ?  ?   ?   A . n 
A 1 174 ALA 174 -84  ?  ?   ?   A . n 
A 1 175 VAL 175 -83  ?  ?   ?   A . n 
A 1 176 GLN 176 -82  ?  ?   ?   A . n 
A 1 177 GLN 177 -81  ?  ?   ?   A . n 
A 1 178 PHE 178 -80  ?  ?   ?   A . n 
A 1 179 ASP 179 -79  ?  ?   ?   A . n 
A 1 180 PRO 180 -78  ?  ?   ?   A . n 
A 1 181 THR 181 -77  ?  ?   ?   A . n 
A 1 182 ALA 182 -76  ?  ?   ?   A . n 
A 1 183 LYS 183 -75  ?  ?   ?   A . n 
A 1 184 ASP 184 -74  ?  ?   ?   A . n 
A 1 185 LEU 185 -73  ?  ?   ?   A . n 
A 1 186 GLN 186 -72  ?  ?   ?   A . n 
A 1 187 ASP 187 -71  ?  ?   ?   A . n 
A 1 188 LEU 188 -70  ?  ?   ?   A . n 
A 1 189 LEU 189 -69  ?  ?   ?   A . n 
A 1 190 GLN 190 -68  ?  ?   ?   A . n 
A 1 191 TYR 191 -67  ?  ?   ?   A . n 
A 1 192 LEU 192 -66  ?  ?   ?   A . n 
A 1 193 CYS 193 -65  ?  ?   ?   A . n 
A 1 194 SER 194 -64  ?  ?   ?   A . n 
A 1 195 SER 195 -63  ?  ?   ?   A . n 
A 1 196 LEU 196 -62  ?  ?   ?   A . n 
A 1 197 VAL 197 -61  ?  ?   ?   A . n 
A 1 198 ALA 198 -60  ?  ?   ?   A . n 
A 1 199 SER 199 -59  ?  ?   ?   A . n 
A 1 200 LEU 200 -58  ?  ?   ?   A . n 
A 1 201 HIS 201 -57  ?  ?   ?   A . n 
A 1 202 HIS 202 -56  ?  ?   ?   A . n 
A 1 203 GLN 203 -55  ?  ?   ?   A . n 
A 1 204 GLN 204 -54  ?  ?   ?   A . n 
A 1 205 LEU 205 -53  ?  ?   ?   A . n 
A 1 206 ASP 206 -52  ?  ?   ?   A . n 
A 1 207 SER 207 -51  ?  ?   ?   A . n 
A 1 208 LEU 208 -50  ?  ?   ?   A . n 
A 1 209 ILE 209 -49  ?  ?   ?   A . n 
A 1 210 SER 210 -48  ?  ?   ?   A . n 
A 1 211 GLU 211 -47  ?  ?   ?   A . n 
A 1 212 ALA 212 -46  ?  ?   ?   A . n 
A 1 213 GLU 213 -45  ?  ?   ?   A . n 
A 1 214 THR 214 -44  ?  ?   ?   A . n 
A 1 215 ARG 215 -43  ?  ?   ?   A . n 
A 1 216 GLY 216 -42  ?  ?   ?   A . n 
A 1 217 ILE 217 -41  ?  ?   ?   A . n 
A 1 218 THR 218 -40  ?  ?   ?   A . n 
A 1 219 GLY 219 -39  ?  ?   ?   A . n 
A 1 220 TYR 220 -38  ?  ?   ?   A . n 
A 1 221 ASN 221 -37  ?  ?   ?   A . n 
A 1 222 PRO 222 -36  ?  ?   ?   A . n 
A 1 223 LEU 223 -35  ?  ?   ?   A . n 
A 1 224 ALA 224 -34  ?  ?   ?   A . n 
A 1 225 GLY 225 -33  ?  ?   ?   A . n 
A 1 226 PRO 226 -32  ?  ?   ?   A . n 
A 1 227 LEU 227 -31  ?  ?   ?   A . n 
A 1 228 ARG 228 -30  ?  ?   ?   A . n 
A 1 229 VAL 229 -29  ?  ?   ?   A . n 
A 1 230 GLN 230 -28  ?  ?   ?   A . n 
A 1 231 ALA 231 -27  ?  ?   ?   A . n 
A 1 232 ASN 232 -26  ?  ?   ?   A . n 
A 1 233 ASN 233 -25  ?  ?   ?   A . n 
A 1 234 PRO 234 -24  ?  ?   ?   A . n 
A 1 235 GLN 235 -23  ?  ?   ?   A . n 
A 1 236 GLN 236 -22  ?  ?   ?   A . n 
A 1 237 GLN 237 -21  ?  ?   ?   A . n 
A 1 238 GLY 238 -20  ?  ?   ?   A . n 
A 1 239 LEU 239 -19  ?  ?   ?   A . n 
A 1 240 ARG 240 -18  ?  ?   ?   A . n 
A 1 241 ARG 241 -17  ?  ?   ?   A . n 
A 1 242 GLU 242 -16  ?  ?   ?   A . n 
A 1 243 TYR 243 -15  ?  ?   ?   A . n 
A 1 244 GLN 244 -14  ?  ?   ?   A . n 
A 1 245 GLN 245 -13  ?  ?   ?   A . n 
A 1 246 LEU 246 -12  ?  ?   ?   A . n 
A 1 247 TRP 247 -11  ?  ?   ?   A . n 
A 1 248 LEU 248 -10  ?  ?   ?   A . n 
A 1 249 ALA 249 -9   ?  ?   ?   A . n 
A 1 250 ALA 250 -8   ?  ?   ?   A . n 
A 1 251 PHE 251 -7   ?  ?   ?   A . n 
A 1 252 ALA 252 -6   ?  ?   ?   A . n 
A 1 253 ALA 253 -5   ?  ?   ?   A . n 
A 1 254 LEU 254 -4   ?  ?   ?   A . n 
A 1 255 PRO 255 -3   ?  ?   ?   A . n 
A 1 256 GLY 256 -2   ?  ?   ?   A . n 
A 1 257 SER 257 -1   ?  ?   ?   A . n 
A 1 258 ALA 258 0    ?  ?   ?   A . n 
A 1 259 LYS 259 1    1  LYS LYS A . n 
A 1 260 ASP 260 2    2  ASP ASP A . n 
A 1 261 PRO 261 3    3  PRO PRO A . n 
A 1 262 SER 262 4    4  SER SER A . n 
A 1 263 TRP 263 5    5  TRP TRP A . n 
A 1 264 ALA 264 6    6  ALA ALA A . n 
A 1 265 SER 265 7    7  SER SER A . n 
A 1 266 ILE 266 8    8  ILE ILE A . n 
A 1 267 LEU 267 9    9  LEU LEU A . n 
A 1 268 GLN 268 10   10 GLN GLN A . n 
A 1 269 GLY 269 11   11 GLY GLY A . n 
A 1 270 LEU 270 12   12 LEU LEU A . n 
A 1 271 GLU 271 13   13 GLU GLU A . n 
A 1 272 GLU 272 14   14 GLU GLU A . n 
A 1 273 PRO 273 15   15 PRO PRO A . n 
A 1 274 TYR 274 16   16 TYR TYR A . n 
A 1 275 HIS 275 17   17 HIS HIS A . n 
A 1 276 ALA 276 18   18 ALA ALA A . n 
A 1 277 PHE 277 19   19 PHE PHE A . n 
A 1 278 VAL 278 20   20 VAL VAL A . n 
A 1 279 GLU 279 21   21 GLU GLU A . n 
A 1 280 ARG 280 22   22 ARG ARG A . n 
A 1 281 LEU 281 23   23 LEU LEU A . n 
A 1 282 ASN 282 24   24 ASN ASN A . n 
A 1 283 ILE 283 25   25 ILE ILE A . n 
A 1 284 ALA 284 26   26 ALA ALA A . n 
A 1 285 LEU 285 27   27 LEU LEU A . n 
A 1 286 ASP 286 28   28 ASP ASP A . n 
A 1 287 ASN 287 29   29 ASN ASN A . n 
A 1 288 GLY 288 30   30 GLY GLY A . n 
A 1 289 LEU 289 31   31 LEU LEU A . n 
A 1 290 PRO 290 32   32 PRO PRO A . n 
A 1 291 GLU 291 33   33 GLU GLU A . n 
A 1 292 GLY 292 34   34 GLY GLY A . n 
A 1 293 THR 293 35   35 THR THR A . n 
A 1 294 PRO 294 36   36 PRO PRO A . n 
A 1 295 LYS 295 37   37 LYS LYS A . n 
A 1 296 ASP 296 38   38 ASP ASP A . n 
A 1 297 PRO 297 39   39 PRO PRO A . n 
A 1 298 ILE 298 40   40 ILE ILE A . n 
A 1 299 LEU 299 41   41 LEU LEU A . n 
A 1 300 ARG 300 42   42 ARG ARG A . n 
A 1 301 SER 301 43   43 SER SER A . n 
A 1 302 LEU 302 44   44 LEU LEU A . n 
A 1 303 ALA 303 45   45 ALA ALA A . n 
A 1 304 TYR 304 46   46 TYR TYR A . n 
A 1 305 SER 305 47   47 SER SER A . n 
A 1 306 ASN 306 48   48 ASN ASN A . n 
A 1 307 ALA 307 49   49 ALA ALA A . n 
A 1 308 ASN 308 50   50 ASN ASN A . n 
A 1 309 LYS 309 51   51 LYS LYS A . n 
A 1 310 GLU 310 52   52 GLU GLU A . n 
A 1 311 CYS 311 53   53 CYS CYS A . n 
A 1 312 GLN 312 54   54 GLN GLN A . n 
A 1 313 LYS 313 55   55 LYS LYS A . n 
A 1 314 LEU 314 56   56 LEU LEU A . n 
A 1 315 LEU 315 57   57 LEU LEU A . n 
A 1 316 GLN 316 58   58 GLN GLN A . n 
A 1 317 ALA 317 59   59 ALA ALA A . n 
A 1 318 ARG 318 60   60 ARG ARG A . n 
A 1 319 GLY 319 61   61 GLY GLY A . n 
A 1 320 HIS 320 62   62 HIS HIS A . n 
A 1 321 THR 321 63   63 THR THR A . n 
A 1 322 ASN 322 64   64 ASN ASN A . n 
A 1 323 SER 323 65   65 SER SER A . n 
A 1 324 PRO 324 66   66 PRO PRO A . n 
A 1 325 LEU 325 67   67 LEU LEU A . n 
A 1 326 GLY 326 68   68 GLY GLY A . n 
A 1 327 ASP 327 69   69 ASP ASP A . n 
A 1 328 MET 328 70   70 MET MET A . n 
A 1 329 LEU 329 71   71 LEU LEU A . n 
A 1 330 ARG 330 72   72 ARG ARG A . n 
A 1 331 ALA 331 73   73 ALA ALA A . n 
A 1 332 CYS 332 74   74 CYS CYS A . n 
A 1 333 GLN 333 75   75 GLN GLN A . n 
A 1 334 THR 334 76   76 THR THR A . n 
A 1 335 TRP 335 77   77 TRP TRP A . n 
A 1 336 THR 336 78   78 THR THR A . n 
A 1 337 PRO 337 79   79 PRO PRO A . n 
A 1 338 LYS 338 80   ?  ?   ?   A . n 
A 1 339 ASP 339 81   ?  ?   ?   A . n 
A 1 340 LYS 340 82   ?  ?   ?   A . n 
A 1 341 THR 341 83   ?  ?   ?   A . n 
A 1 342 LYS 342 84   ?  ?   ?   A . n 
A 1 343 VAL 343 85   ?  ?   ?   A . n 
A 1 344 LEU 344 86   ?  ?   ?   A . n 
A 1 345 VAL 345 87   ?  ?   ?   A . n 
A 1 346 VAL 346 88   ?  ?   ?   A . n 
A 1 347 GLN 347 89   ?  ?   ?   A . n 
A 1 348 PRO 348 90   ?  ?   ?   A . n 
A 1 349 LYS 349 91   ?  ?   ?   A . n 
A 1 350 LYS 350 92   ?  ?   ?   A . n 
A 1 351 PRO 351 93   ?  ?   ?   A . n 
A 1 352 PRO 352 94   ?  ?   ?   A . n 
A 1 353 PRO 353 95   ?  ?   ?   A . n 
A 1 354 ASN 354 96   ?  ?   ?   A . n 
A 1 355 GLN 355 97   ?  ?   ?   A . n 
A 1 356 PRO 356 98   ?  ?   ?   A . n 
A 1 357 CYS 357 99   ?  ?   ?   A . n 
A 1 358 PHE 358 100  ?  ?   ?   A . n 
A 1 359 ARG 359 101  ?  ?   ?   A . n 
A 1 360 CYS 360 102  ?  ?   ?   A . n 
A 1 361 GLY 361 103  ?  ?   ?   A . n 
A 1 362 LYS 362 104  ?  ?   ?   A . n 
A 1 363 ALA 363 105  ?  ?   ?   A . n 
A 1 364 GLY 364 106  ?  ?   ?   A . n 
A 1 365 HIS 365 107  ?  ?   ?   A . n 
A 1 366 TRP 366 108  ?  ?   ?   A . n 
A 1 367 SER 367 109  ?  ?   ?   A . n 
A 1 368 ARG 368 110  ?  ?   ?   A . n 
A 1 369 ASP 369 111  ?  ?   ?   A . n 
A 1 370 CYS 370 112  ?  ?   ?   A . n 
A 1 371 THR 371 113  ?  ?   ?   A . n 
A 1 372 GLN 372 114  ?  ?   ?   A . n 
A 1 373 PRO 373 115  ?  ?   ?   A . n 
A 1 374 ARG 374 116  ?  ?   ?   A . n 
A 1 375 PRO 375 117  ?  ?   ?   A . n 
A 1 376 PRO 376 118  ?  ?   ?   A . n 
A 1 377 PRO 377 119  ?  ?   ?   A . n 
A 1 378 GLY 378 120  ?  ?   ?   A . n 
A 1 379 PRO 379 121  ?  ?   ?   A . n 
A 1 380 CYS 380 122  ?  ?   ?   A . n 
A 1 381 PRO 381 123  ?  ?   ?   A . n 
A 1 382 LEU 382 124  ?  ?   ?   A . n 
A 1 383 CYS 383 125  ?  ?   ?   A . n 
A 1 384 GLN 384 126  ?  ?   ?   A . n 
A 1 385 ASP 385 127  ?  ?   ?   A . n 
A 1 386 PRO 386 128  ?  ?   ?   A . n 
A 1 387 THR 387 129  ?  ?   ?   A . n 
A 1 388 HIS 388 130  ?  ?   ?   A . n 
A 1 389 TRP 389 131  ?  ?   ?   A . n 
A 1 390 LYS 390 132  ?  ?   ?   A . n 
A 1 391 ARG 391 133  ?  ?   ?   A . n 
A 1 392 ASP 392 134  ?  ?   ?   A . n 
A 1 393 CYS 393 135  ?  ?   ?   A . n 
A 1 394 PRO 394 136  ?  ?   ?   A . n 
A 1 395 ARG 395 137  ?  ?   ?   A . n 
A 1 396 LEU 396 138  ?  ?   ?   A . n 
A 1 397 LYS 397 139  ?  ?   ?   A . n 
A 1 398 PRO 398 140  ?  ?   ?   A . n 
A 1 399 THR 399 141  ?  ?   ?   A . n 
A 1 400 ILE 400 142  ?  ?   ?   A . n 
A 1 401 PRO 401 143  ?  ?   ?   A . n 
A 1 402 GLU 402 144  ?  ?   ?   A . n 
A 1 403 PRO 403 145  ?  ?   ?   A . n 
A 1 404 GLU 404 146  ?  ?   ?   A . n 
A 1 405 PRO 405 147  ?  ?   ?   A . n 
A 1 406 GLU 406 148  ?  ?   ?   A . n 
A 1 407 GLU 407 149  ?  ?   ?   A . n 
A 1 408 ASP 408 150  ?  ?   ?   A . n 
A 1 409 ALA 409 151  ?  ?   ?   A . n 
A 1 410 LEU 410 152  ?  ?   ?   A . n 
A 1 411 LEU 411 153  ?  ?   ?   A . n 
A 1 412 LEU 412 154  ?  ?   ?   A . n 
A 1 413 ASP 413 155  ?  ?   ?   A . n 
A 1 414 LEU 414 156  ?  ?   ?   A . n 
A 1 415 PRO 415 157  ?  ?   ?   A . n 
A 1 416 ALA 416 158  ?  ?   ?   A . n 
A 1 417 ASP 417 159  ?  ?   ?   A . n 
A 1 418 ILE 418 160  ?  ?   ?   A . n 
A 1 419 PRO 419 161  ?  ?   ?   A . n 
A 1 420 HIS 420 162  ?  ?   ?   A . n 
A 1 421 PRO 421 163  ?  ?   ?   A . n 
A 1 422 LYS 422 164  ?  ?   ?   A . n 
A 1 423 ASN 423 165  ?  ?   ?   A . n 
A 1 424 SER 424 166  ?  ?   ?   A . n 
A 1 425 ILE 425 167  ?  ?   ?   A . n 
A 1 426 GLY 426 168  ?  ?   ?   A . n 
A 1 427 GLY 427 169  ?  ?   ?   A . n 
A 1 428 GLU 428 170  ?  ?   ?   A . n 
A 1 429 VAL 429 171  ?  ?   ?   A . n 
B 1 1   MET 1   -257 ?  ?   ?   B . n 
B 1 2   GLY 2   -256 ?  ?   ?   B . n 
B 1 3   GLN 3   -255 ?  ?   ?   B . n 
B 1 4   ILE 4   -254 ?  ?   ?   B . n 
B 1 5   PHE 5   -253 ?  ?   ?   B . n 
B 1 6   SER 6   -252 ?  ?   ?   B . n 
B 1 7   ARG 7   -251 ?  ?   ?   B . n 
B 1 8   SER 8   -250 ?  ?   ?   B . n 
B 1 9   ALA 9   -249 ?  ?   ?   B . n 
B 1 10  SER 10  -248 ?  ?   ?   B . n 
B 1 11  PRO 11  -247 ?  ?   ?   B . n 
B 1 12  ILE 12  -246 ?  ?   ?   B . n 
B 1 13  PRO 13  -245 ?  ?   ?   B . n 
B 1 14  ARG 14  -244 ?  ?   ?   B . n 
B 1 15  PRO 15  -243 ?  ?   ?   B . n 
B 1 16  PRO 16  -242 ?  ?   ?   B . n 
B 1 17  ARG 17  -241 ?  ?   ?   B . n 
B 1 18  GLY 18  -240 ?  ?   ?   B . n 
B 1 19  LEU 19  -239 ?  ?   ?   B . n 
B 1 20  ALA 20  -238 ?  ?   ?   B . n 
B 1 21  ALA 21  -237 ?  ?   ?   B . n 
B 1 22  HIS 22  -236 ?  ?   ?   B . n 
B 1 23  HIS 23  -235 ?  ?   ?   B . n 
B 1 24  TRP 24  -234 ?  ?   ?   B . n 
B 1 25  LEU 25  -233 ?  ?   ?   B . n 
B 1 26  ASN 26  -232 ?  ?   ?   B . n 
B 1 27  PHE 27  -231 ?  ?   ?   B . n 
B 1 28  LEU 28  -230 ?  ?   ?   B . n 
B 1 29  GLN 29  -229 ?  ?   ?   B . n 
B 1 30  ALA 30  -228 ?  ?   ?   B . n 
B 1 31  ALA 31  -227 ?  ?   ?   B . n 
B 1 32  TYR 32  -226 ?  ?   ?   B . n 
B 1 33  ARG 33  -225 ?  ?   ?   B . n 
B 1 34  LEU 34  -224 ?  ?   ?   B . n 
B 1 35  GLU 35  -223 ?  ?   ?   B . n 
B 1 36  PRO 36  -222 ?  ?   ?   B . n 
B 1 37  GLY 37  -221 ?  ?   ?   B . n 
B 1 38  PRO 38  -220 ?  ?   ?   B . n 
B 1 39  SER 39  -219 ?  ?   ?   B . n 
B 1 40  SER 40  -218 ?  ?   ?   B . n 
B 1 41  TYR 41  -217 ?  ?   ?   B . n 
B 1 42  ASP 42  -216 ?  ?   ?   B . n 
B 1 43  PHE 43  -215 ?  ?   ?   B . n 
B 1 44  HIS 44  -214 ?  ?   ?   B . n 
B 1 45  GLN 45  -213 ?  ?   ?   B . n 
B 1 46  LEU 46  -212 ?  ?   ?   B . n 
B 1 47  LYS 47  -211 ?  ?   ?   B . n 
B 1 48  LYS 48  -210 ?  ?   ?   B . n 
B 1 49  PHE 49  -209 ?  ?   ?   B . n 
B 1 50  LEU 50  -208 ?  ?   ?   B . n 
B 1 51  LYS 51  -207 ?  ?   ?   B . n 
B 1 52  ILE 52  -206 ?  ?   ?   B . n 
B 1 53  ALA 53  -205 ?  ?   ?   B . n 
B 1 54  LEU 54  -204 ?  ?   ?   B . n 
B 1 55  GLU 55  -203 ?  ?   ?   B . n 
B 1 56  THR 56  -202 ?  ?   ?   B . n 
B 1 57  PRO 57  -201 ?  ?   ?   B . n 
B 1 58  ALA 58  -200 ?  ?   ?   B . n 
B 1 59  ARG 59  -199 ?  ?   ?   B . n 
B 1 60  ILE 60  -198 ?  ?   ?   B . n 
B 1 61  CYS 61  -197 ?  ?   ?   B . n 
B 1 62  PRO 62  -196 ?  ?   ?   B . n 
B 1 63  ILE 63  -195 ?  ?   ?   B . n 
B 1 64  ASN 64  -194 ?  ?   ?   B . n 
B 1 65  TYR 65  -193 ?  ?   ?   B . n 
B 1 66  SER 66  -192 ?  ?   ?   B . n 
B 1 67  LEU 67  -191 ?  ?   ?   B . n 
B 1 68  LEU 68  -190 ?  ?   ?   B . n 
B 1 69  ALA 69  -189 ?  ?   ?   B . n 
B 1 70  SER 70  -188 ?  ?   ?   B . n 
B 1 71  LEU 71  -187 ?  ?   ?   B . n 
B 1 72  LEU 72  -186 ?  ?   ?   B . n 
B 1 73  PRO 73  -185 ?  ?   ?   B . n 
B 1 74  LYS 74  -184 ?  ?   ?   B . n 
B 1 75  GLY 75  -183 ?  ?   ?   B . n 
B 1 76  TYR 76  -182 ?  ?   ?   B . n 
B 1 77  PRO 77  -181 ?  ?   ?   B . n 
B 1 78  GLY 78  -180 ?  ?   ?   B . n 
B 1 79  ARG 79  -179 ?  ?   ?   B . n 
B 1 80  VAL 80  -178 ?  ?   ?   B . n 
B 1 81  ASN 81  -177 ?  ?   ?   B . n 
B 1 82  GLU 82  -176 ?  ?   ?   B . n 
B 1 83  ILE 83  -175 ?  ?   ?   B . n 
B 1 84  LEU 84  -174 ?  ?   ?   B . n 
B 1 85  HIS 85  -173 ?  ?   ?   B . n 
B 1 86  ILE 86  -172 ?  ?   ?   B . n 
B 1 87  LEU 87  -171 ?  ?   ?   B . n 
B 1 88  ILE 88  -170 ?  ?   ?   B . n 
B 1 89  GLN 89  -169 ?  ?   ?   B . n 
B 1 90  THR 90  -168 ?  ?   ?   B . n 
B 1 91  GLN 91  -167 ?  ?   ?   B . n 
B 1 92  ALA 92  -166 ?  ?   ?   B . n 
B 1 93  GLN 93  -165 ?  ?   ?   B . n 
B 1 94  ILE 94  -164 ?  ?   ?   B . n 
B 1 95  PRO 95  -163 ?  ?   ?   B . n 
B 1 96  SER 96  -162 ?  ?   ?   B . n 
B 1 97  ARG 97  -161 ?  ?   ?   B . n 
B 1 98  PRO 98  -160 ?  ?   ?   B . n 
B 1 99  ALA 99  -159 ?  ?   ?   B . n 
B 1 100 PRO 100 -158 ?  ?   ?   B . n 
B 1 101 PRO 101 -157 ?  ?   ?   B . n 
B 1 102 PRO 102 -156 ?  ?   ?   B . n 
B 1 103 PRO 103 -155 ?  ?   ?   B . n 
B 1 104 SER 104 -154 ?  ?   ?   B . n 
B 1 105 SER 105 -153 ?  ?   ?   B . n 
B 1 106 PRO 106 -152 ?  ?   ?   B . n 
B 1 107 THR 107 -151 ?  ?   ?   B . n 
B 1 108 HIS 108 -150 ?  ?   ?   B . n 
B 1 109 ASP 109 -149 ?  ?   ?   B . n 
B 1 110 PRO 110 -148 ?  ?   ?   B . n 
B 1 111 PRO 111 -147 ?  ?   ?   B . n 
B 1 112 ASP 112 -146 ?  ?   ?   B . n 
B 1 113 SER 113 -145 ?  ?   ?   B . n 
B 1 114 ASP 114 -144 ?  ?   ?   B . n 
B 1 115 PRO 115 -143 ?  ?   ?   B . n 
B 1 116 GLN 116 -142 ?  ?   ?   B . n 
B 1 117 ILE 117 -141 ?  ?   ?   B . n 
B 1 118 PRO 118 -140 ?  ?   ?   B . n 
B 1 119 PRO 119 -139 ?  ?   ?   B . n 
B 1 120 PRO 120 -138 ?  ?   ?   B . n 
B 1 121 TYR 121 -137 ?  ?   ?   B . n 
B 1 122 VAL 122 -136 ?  ?   ?   B . n 
B 1 123 GLU 123 -135 ?  ?   ?   B . n 
B 1 124 PRO 124 -134 ?  ?   ?   B . n 
B 1 125 THR 125 -133 ?  ?   ?   B . n 
B 1 126 ALA 126 -132 ?  ?   ?   B . n 
B 1 127 PRO 127 -131 ?  ?   ?   B . n 
B 1 128 GLN 128 -130 ?  ?   ?   B . n 
B 1 129 VAL 129 -129 ?  ?   ?   B . n 
B 1 130 LEU 130 -128 ?  ?   ?   B . n 
B 1 131 PRO 131 -127 ?  ?   ?   B . n 
B 1 132 VAL 132 -126 ?  ?   ?   B . n 
B 1 133 MET 133 -125 ?  ?   ?   B . n 
B 1 134 HIS 134 -124 ?  ?   ?   B . n 
B 1 135 PRO 135 -123 ?  ?   ?   B . n 
B 1 136 HIS 136 -122 ?  ?   ?   B . n 
B 1 137 GLY 137 -121 ?  ?   ?   B . n 
B 1 138 ALA 138 -120 ?  ?   ?   B . n 
B 1 139 PRO 139 -119 ?  ?   ?   B . n 
B 1 140 PRO 140 -118 ?  ?   ?   B . n 
B 1 141 ASN 141 -117 ?  ?   ?   B . n 
B 1 142 HIS 142 -116 ?  ?   ?   B . n 
B 1 143 ARG 143 -115 ?  ?   ?   B . n 
B 1 144 PRO 144 -114 ?  ?   ?   B . n 
B 1 145 TRP 145 -113 ?  ?   ?   B . n 
B 1 146 GLN 146 -112 ?  ?   ?   B . n 
B 1 147 MET 147 -111 ?  ?   ?   B . n 
B 1 148 LYS 148 -110 ?  ?   ?   B . n 
B 1 149 ASP 149 -109 ?  ?   ?   B . n 
B 1 150 LEU 150 -108 ?  ?   ?   B . n 
B 1 151 GLN 151 -107 ?  ?   ?   B . n 
B 1 152 ALA 152 -106 ?  ?   ?   B . n 
B 1 153 ILE 153 -105 ?  ?   ?   B . n 
B 1 154 LYS 154 -104 ?  ?   ?   B . n 
B 1 155 GLN 155 -103 ?  ?   ?   B . n 
B 1 156 GLU 156 -102 ?  ?   ?   B . n 
B 1 157 VAL 157 -101 ?  ?   ?   B . n 
B 1 158 SER 158 -100 ?  ?   ?   B . n 
B 1 159 GLN 159 -99  ?  ?   ?   B . n 
B 1 160 ALA 160 -98  ?  ?   ?   B . n 
B 1 161 ALA 161 -97  ?  ?   ?   B . n 
B 1 162 PRO 162 -96  ?  ?   ?   B . n 
B 1 163 GLY 163 -95  ?  ?   ?   B . n 
B 1 164 SER 164 -94  ?  ?   ?   B . n 
B 1 165 PRO 165 -93  ?  ?   ?   B . n 
B 1 166 GLN 166 -92  ?  ?   ?   B . n 
B 1 167 PHE 167 -91  ?  ?   ?   B . n 
B 1 168 MET 168 -90  ?  ?   ?   B . n 
B 1 169 GLN 169 -89  ?  ?   ?   B . n 
B 1 170 THR 170 -88  ?  ?   ?   B . n 
B 1 171 ILE 171 -87  ?  ?   ?   B . n 
B 1 172 ARG 172 -86  ?  ?   ?   B . n 
B 1 173 LEU 173 -85  ?  ?   ?   B . n 
B 1 174 ALA 174 -84  ?  ?   ?   B . n 
B 1 175 VAL 175 -83  ?  ?   ?   B . n 
B 1 176 GLN 176 -82  ?  ?   ?   B . n 
B 1 177 GLN 177 -81  ?  ?   ?   B . n 
B 1 178 PHE 178 -80  ?  ?   ?   B . n 
B 1 179 ASP 179 -79  ?  ?   ?   B . n 
B 1 180 PRO 180 -78  ?  ?   ?   B . n 
B 1 181 THR 181 -77  ?  ?   ?   B . n 
B 1 182 ALA 182 -76  ?  ?   ?   B . n 
B 1 183 LYS 183 -75  ?  ?   ?   B . n 
B 1 184 ASP 184 -74  ?  ?   ?   B . n 
B 1 185 LEU 185 -73  ?  ?   ?   B . n 
B 1 186 GLN 186 -72  ?  ?   ?   B . n 
B 1 187 ASP 187 -71  ?  ?   ?   B . n 
B 1 188 LEU 188 -70  ?  ?   ?   B . n 
B 1 189 LEU 189 -69  ?  ?   ?   B . n 
B 1 190 GLN 190 -68  ?  ?   ?   B . n 
B 1 191 TYR 191 -67  ?  ?   ?   B . n 
B 1 192 LEU 192 -66  ?  ?   ?   B . n 
B 1 193 CYS 193 -65  ?  ?   ?   B . n 
B 1 194 SER 194 -64  ?  ?   ?   B . n 
B 1 195 SER 195 -63  ?  ?   ?   B . n 
B 1 196 LEU 196 -62  ?  ?   ?   B . n 
B 1 197 VAL 197 -61  ?  ?   ?   B . n 
B 1 198 ALA 198 -60  ?  ?   ?   B . n 
B 1 199 SER 199 -59  ?  ?   ?   B . n 
B 1 200 LEU 200 -58  ?  ?   ?   B . n 
B 1 201 HIS 201 -57  ?  ?   ?   B . n 
B 1 202 HIS 202 -56  ?  ?   ?   B . n 
B 1 203 GLN 203 -55  ?  ?   ?   B . n 
B 1 204 GLN 204 -54  ?  ?   ?   B . n 
B 1 205 LEU 205 -53  ?  ?   ?   B . n 
B 1 206 ASP 206 -52  ?  ?   ?   B . n 
B 1 207 SER 207 -51  ?  ?   ?   B . n 
B 1 208 LEU 208 -50  ?  ?   ?   B . n 
B 1 209 ILE 209 -49  ?  ?   ?   B . n 
B 1 210 SER 210 -48  ?  ?   ?   B . n 
B 1 211 GLU 211 -47  ?  ?   ?   B . n 
B 1 212 ALA 212 -46  ?  ?   ?   B . n 
B 1 213 GLU 213 -45  ?  ?   ?   B . n 
B 1 214 THR 214 -44  ?  ?   ?   B . n 
B 1 215 ARG 215 -43  ?  ?   ?   B . n 
B 1 216 GLY 216 -42  ?  ?   ?   B . n 
B 1 217 ILE 217 -41  ?  ?   ?   B . n 
B 1 218 THR 218 -40  ?  ?   ?   B . n 
B 1 219 GLY 219 -39  ?  ?   ?   B . n 
B 1 220 TYR 220 -38  ?  ?   ?   B . n 
B 1 221 ASN 221 -37  ?  ?   ?   B . n 
B 1 222 PRO 222 -36  ?  ?   ?   B . n 
B 1 223 LEU 223 -35  ?  ?   ?   B . n 
B 1 224 ALA 224 -34  ?  ?   ?   B . n 
B 1 225 GLY 225 -33  ?  ?   ?   B . n 
B 1 226 PRO 226 -32  ?  ?   ?   B . n 
B 1 227 LEU 227 -31  ?  ?   ?   B . n 
B 1 228 ARG 228 -30  ?  ?   ?   B . n 
B 1 229 VAL 229 -29  ?  ?   ?   B . n 
B 1 230 GLN 230 -28  ?  ?   ?   B . n 
B 1 231 ALA 231 -27  ?  ?   ?   B . n 
B 1 232 ASN 232 -26  ?  ?   ?   B . n 
B 1 233 ASN 233 -25  ?  ?   ?   B . n 
B 1 234 PRO 234 -24  ?  ?   ?   B . n 
B 1 235 GLN 235 -23  ?  ?   ?   B . n 
B 1 236 GLN 236 -22  ?  ?   ?   B . n 
B 1 237 GLN 237 -21  ?  ?   ?   B . n 
B 1 238 GLY 238 -20  ?  ?   ?   B . n 
B 1 239 LEU 239 -19  ?  ?   ?   B . n 
B 1 240 ARG 240 -18  ?  ?   ?   B . n 
B 1 241 ARG 241 -17  ?  ?   ?   B . n 
B 1 242 GLU 242 -16  ?  ?   ?   B . n 
B 1 243 TYR 243 -15  ?  ?   ?   B . n 
B 1 244 GLN 244 -14  ?  ?   ?   B . n 
B 1 245 GLN 245 -13  ?  ?   ?   B . n 
B 1 246 LEU 246 -12  ?  ?   ?   B . n 
B 1 247 TRP 247 -11  ?  ?   ?   B . n 
B 1 248 LEU 248 -10  ?  ?   ?   B . n 
B 1 249 ALA 249 -9   ?  ?   ?   B . n 
B 1 250 ALA 250 -8   ?  ?   ?   B . n 
B 1 251 PHE 251 -7   ?  ?   ?   B . n 
B 1 252 ALA 252 -6   ?  ?   ?   B . n 
B 1 253 ALA 253 -5   ?  ?   ?   B . n 
B 1 254 LEU 254 -4   ?  ?   ?   B . n 
B 1 255 PRO 255 -3   ?  ?   ?   B . n 
B 1 256 GLY 256 -2   ?  ?   ?   B . n 
B 1 257 SER 257 -1   ?  ?   ?   B . n 
B 1 258 ALA 258 0    ?  ?   ?   B . n 
B 1 259 LYS 259 1    1  LYS LYS B . n 
B 1 260 ASP 260 2    2  ASP ASP B . n 
B 1 261 PRO 261 3    3  PRO PRO B . n 
B 1 262 SER 262 4    4  SER SER B . n 
B 1 263 TRP 263 5    5  TRP TRP B . n 
B 1 264 ALA 264 6    6  ALA ALA B . n 
B 1 265 SER 265 7    7  SER SER B . n 
B 1 266 ILE 266 8    8  ILE ILE B . n 
B 1 267 LEU 267 9    9  LEU LEU B . n 
B 1 268 GLN 268 10   10 GLN GLN B . n 
B 1 269 GLY 269 11   11 GLY GLY B . n 
B 1 270 LEU 270 12   12 LEU LEU B . n 
B 1 271 GLU 271 13   13 GLU GLU B . n 
B 1 272 GLU 272 14   14 GLU GLU B . n 
B 1 273 PRO 273 15   15 PRO PRO B . n 
B 1 274 TYR 274 16   16 TYR TYR B . n 
B 1 275 HIS 275 17   17 HIS HIS B . n 
B 1 276 ALA 276 18   18 ALA ALA B . n 
B 1 277 PHE 277 19   19 PHE PHE B . n 
B 1 278 VAL 278 20   20 VAL VAL B . n 
B 1 279 GLU 279 21   21 GLU GLU B . n 
B 1 280 ARG 280 22   22 ARG ARG B . n 
B 1 281 LEU 281 23   23 LEU LEU B . n 
B 1 282 ASN 282 24   24 ASN ASN B . n 
B 1 283 ILE 283 25   25 ILE ILE B . n 
B 1 284 ALA 284 26   26 ALA ALA B . n 
B 1 285 LEU 285 27   27 LEU LEU B . n 
B 1 286 ASP 286 28   28 ASP ASP B . n 
B 1 287 ASN 287 29   29 ASN ASN B . n 
B 1 288 GLY 288 30   30 GLY GLY B . n 
B 1 289 LEU 289 31   31 LEU LEU B . n 
B 1 290 PRO 290 32   32 PRO PRO B . n 
B 1 291 GLU 291 33   33 GLU GLU B . n 
B 1 292 GLY 292 34   34 GLY GLY B . n 
B 1 293 THR 293 35   35 THR THR B . n 
B 1 294 PRO 294 36   36 PRO PRO B . n 
B 1 295 LYS 295 37   37 LYS LYS B . n 
B 1 296 ASP 296 38   38 ASP ASP B . n 
B 1 297 PRO 297 39   39 PRO PRO B . n 
B 1 298 ILE 298 40   40 ILE ILE B . n 
B 1 299 LEU 299 41   41 LEU LEU B . n 
B 1 300 ARG 300 42   42 ARG ARG B . n 
B 1 301 SER 301 43   43 SER SER B . n 
B 1 302 LEU 302 44   44 LEU LEU B . n 
B 1 303 ALA 303 45   45 ALA ALA B . n 
B 1 304 TYR 304 46   46 TYR TYR B . n 
B 1 305 SER 305 47   47 SER SER B . n 
B 1 306 ASN 306 48   48 ASN ASN B . n 
B 1 307 ALA 307 49   49 ALA ALA B . n 
B 1 308 ASN 308 50   50 ASN ASN B . n 
B 1 309 LYS 309 51   51 LYS LYS B . n 
B 1 310 GLU 310 52   52 GLU GLU B . n 
B 1 311 CYS 311 53   53 CYS CYS B . n 
B 1 312 GLN 312 54   54 GLN GLN B . n 
B 1 313 LYS 313 55   55 LYS LYS B . n 
B 1 314 LEU 314 56   56 LEU LEU B . n 
B 1 315 LEU 315 57   57 LEU LEU B . n 
B 1 316 GLN 316 58   58 GLN GLN B . n 
B 1 317 ALA 317 59   59 ALA ALA B . n 
B 1 318 ARG 318 60   60 ARG ARG B . n 
B 1 319 GLY 319 61   61 GLY GLY B . n 
B 1 320 HIS 320 62   62 HIS HIS B . n 
B 1 321 THR 321 63   63 THR THR B . n 
B 1 322 ASN 322 64   64 ASN ASN B . n 
B 1 323 SER 323 65   65 SER SER B . n 
B 1 324 PRO 324 66   66 PRO PRO B . n 
B 1 325 LEU 325 67   67 LEU LEU B . n 
B 1 326 GLY 326 68   68 GLY GLY B . n 
B 1 327 ASP 327 69   69 ASP ASP B . n 
B 1 328 MET 328 70   70 MET MET B . n 
B 1 329 LEU 329 71   71 LEU LEU B . n 
B 1 330 ARG 330 72   72 ARG ARG B . n 
B 1 331 ALA 331 73   73 ALA ALA B . n 
B 1 332 CYS 332 74   74 CYS CYS B . n 
B 1 333 GLN 333 75   75 GLN GLN B . n 
B 1 334 THR 334 76   76 THR THR B . n 
B 1 335 TRP 335 77   77 TRP TRP B . n 
B 1 336 THR 336 78   78 THR THR B . n 
B 1 337 PRO 337 79   79 PRO PRO B . n 
B 1 338 LYS 338 80   ?  ?   ?   B . n 
B 1 339 ASP 339 81   ?  ?   ?   B . n 
B 1 340 LYS 340 82   ?  ?   ?   B . n 
B 1 341 THR 341 83   ?  ?   ?   B . n 
B 1 342 LYS 342 84   ?  ?   ?   B . n 
B 1 343 VAL 343 85   ?  ?   ?   B . n 
B 1 344 LEU 344 86   ?  ?   ?   B . n 
B 1 345 VAL 345 87   ?  ?   ?   B . n 
B 1 346 VAL 346 88   ?  ?   ?   B . n 
B 1 347 GLN 347 89   ?  ?   ?   B . n 
B 1 348 PRO 348 90   ?  ?   ?   B . n 
B 1 349 LYS 349 91   ?  ?   ?   B . n 
B 1 350 LYS 350 92   ?  ?   ?   B . n 
B 1 351 PRO 351 93   ?  ?   ?   B . n 
B 1 352 PRO 352 94   ?  ?   ?   B . n 
B 1 353 PRO 353 95   ?  ?   ?   B . n 
B 1 354 ASN 354 96   ?  ?   ?   B . n 
B 1 355 GLN 355 97   ?  ?   ?   B . n 
B 1 356 PRO 356 98   ?  ?   ?   B . n 
B 1 357 CYS 357 99   ?  ?   ?   B . n 
B 1 358 PHE 358 100  ?  ?   ?   B . n 
B 1 359 ARG 359 101  ?  ?   ?   B . n 
B 1 360 CYS 360 102  ?  ?   ?   B . n 
B 1 361 GLY 361 103  ?  ?   ?   B . n 
B 1 362 LYS 362 104  ?  ?   ?   B . n 
B 1 363 ALA 363 105  ?  ?   ?   B . n 
B 1 364 GLY 364 106  ?  ?   ?   B . n 
B 1 365 HIS 365 107  ?  ?   ?   B . n 
B 1 366 TRP 366 108  ?  ?   ?   B . n 
B 1 367 SER 367 109  ?  ?   ?   B . n 
B 1 368 ARG 368 110  ?  ?   ?   B . n 
B 1 369 ASP 369 111  ?  ?   ?   B . n 
B 1 370 CYS 370 112  ?  ?   ?   B . n 
B 1 371 THR 371 113  ?  ?   ?   B . n 
B 1 372 GLN 372 114  ?  ?   ?   B . n 
B 1 373 PRO 373 115  ?  ?   ?   B . n 
B 1 374 ARG 374 116  ?  ?   ?   B . n 
B 1 375 PRO 375 117  ?  ?   ?   B . n 
B 1 376 PRO 376 118  ?  ?   ?   B . n 
B 1 377 PRO 377 119  ?  ?   ?   B . n 
B 1 378 GLY 378 120  ?  ?   ?   B . n 
B 1 379 PRO 379 121  ?  ?   ?   B . n 
B 1 380 CYS 380 122  ?  ?   ?   B . n 
B 1 381 PRO 381 123  ?  ?   ?   B . n 
B 1 382 LEU 382 124  ?  ?   ?   B . n 
B 1 383 CYS 383 125  ?  ?   ?   B . n 
B 1 384 GLN 384 126  ?  ?   ?   B . n 
B 1 385 ASP 385 127  ?  ?   ?   B . n 
B 1 386 PRO 386 128  ?  ?   ?   B . n 
B 1 387 THR 387 129  ?  ?   ?   B . n 
B 1 388 HIS 388 130  ?  ?   ?   B . n 
B 1 389 TRP 389 131  ?  ?   ?   B . n 
B 1 390 LYS 390 132  ?  ?   ?   B . n 
B 1 391 ARG 391 133  ?  ?   ?   B . n 
B 1 392 ASP 392 134  ?  ?   ?   B . n 
B 1 393 CYS 393 135  ?  ?   ?   B . n 
B 1 394 PRO 394 136  ?  ?   ?   B . n 
B 1 395 ARG 395 137  ?  ?   ?   B . n 
B 1 396 LEU 396 138  ?  ?   ?   B . n 
B 1 397 LYS 397 139  ?  ?   ?   B . n 
B 1 398 PRO 398 140  ?  ?   ?   B . n 
B 1 399 THR 399 141  ?  ?   ?   B . n 
B 1 400 ILE 400 142  ?  ?   ?   B . n 
B 1 401 PRO 401 143  ?  ?   ?   B . n 
B 1 402 GLU 402 144  ?  ?   ?   B . n 
B 1 403 PRO 403 145  ?  ?   ?   B . n 
B 1 404 GLU 404 146  ?  ?   ?   B . n 
B 1 405 PRO 405 147  ?  ?   ?   B . n 
B 1 406 GLU 406 148  ?  ?   ?   B . n 
B 1 407 GLU 407 149  ?  ?   ?   B . n 
B 1 408 ASP 408 150  ?  ?   ?   B . n 
B 1 409 ALA 409 151  ?  ?   ?   B . n 
B 1 410 LEU 410 152  ?  ?   ?   B . n 
B 1 411 LEU 411 153  ?  ?   ?   B . n 
B 1 412 LEU 412 154  ?  ?   ?   B . n 
B 1 413 ASP 413 155  ?  ?   ?   B . n 
B 1 414 LEU 414 156  ?  ?   ?   B . n 
B 1 415 PRO 415 157  ?  ?   ?   B . n 
B 1 416 ALA 416 158  ?  ?   ?   B . n 
B 1 417 ASP 417 159  ?  ?   ?   B . n 
B 1 418 ILE 418 160  ?  ?   ?   B . n 
B 1 419 PRO 419 161  ?  ?   ?   B . n 
B 1 420 HIS 420 162  ?  ?   ?   B . n 
B 1 421 PRO 421 163  ?  ?   ?   B . n 
B 1 422 LYS 422 164  ?  ?   ?   B . n 
B 1 423 ASN 423 165  ?  ?   ?   B . n 
B 1 424 SER 424 166  ?  ?   ?   B . n 
B 1 425 ILE 425 167  ?  ?   ?   B . n 
B 1 426 GLY 426 168  ?  ?   ?   B . n 
B 1 427 GLY 427 169  ?  ?   ?   B . n 
B 1 428 GLU 428 170  ?  ?   ?   B . n 
B 1 429 VAL 429 171  ?  ?   ?   B . n 
# 
loop_
_pdbx_unobs_or_zero_occ_atoms.id 
_pdbx_unobs_or_zero_occ_atoms.PDB_model_num 
_pdbx_unobs_or_zero_occ_atoms.polymer_flag 
_pdbx_unobs_or_zero_occ_atoms.occupancy_flag 
_pdbx_unobs_or_zero_occ_atoms.auth_asym_id 
_pdbx_unobs_or_zero_occ_atoms.auth_comp_id 
_pdbx_unobs_or_zero_occ_atoms.auth_seq_id 
_pdbx_unobs_or_zero_occ_atoms.PDB_ins_code 
_pdbx_unobs_or_zero_occ_atoms.auth_atom_id 
_pdbx_unobs_or_zero_occ_atoms.label_alt_id 
_pdbx_unobs_or_zero_occ_atoms.label_asym_id 
_pdbx_unobs_or_zero_occ_atoms.label_comp_id 
_pdbx_unobs_or_zero_occ_atoms.label_seq_id 
_pdbx_unobs_or_zero_occ_atoms.label_atom_id 
1   1 Y 1 A LYS 1  ? CB  ? A LYS 259 CB  
2   1 Y 1 A LYS 1  ? CG  ? A LYS 259 CG  
3   1 Y 1 A LYS 1  ? CD  ? A LYS 259 CD  
4   1 Y 1 A LYS 1  ? CE  ? A LYS 259 CE  
5   1 Y 1 A LYS 1  ? NZ  ? A LYS 259 NZ  
6   1 Y 1 A ASP 2  ? CB  ? A ASP 260 CB  
7   1 Y 1 A ASP 2  ? CG  ? A ASP 260 CG  
8   1 Y 1 A ASP 2  ? OD1 ? A ASP 260 OD1 
9   1 Y 1 A ASP 2  ? OD2 ? A ASP 260 OD2 
10  1 Y 1 A PRO 3  ? CB  ? A PRO 261 CB  
11  1 Y 1 A PRO 3  ? CG  ? A PRO 261 CG  
12  1 Y 1 A PRO 3  ? CD  ? A PRO 261 CD  
13  1 Y 1 A SER 4  ? CB  ? A SER 262 CB  
14  1 Y 1 A SER 4  ? OG  ? A SER 262 OG  
15  1 Y 1 A TRP 5  ? CB  ? A TRP 263 CB  
16  1 Y 1 A TRP 5  ? CG  ? A TRP 263 CG  
17  1 Y 1 A TRP 5  ? CD1 ? A TRP 263 CD1 
18  1 Y 1 A TRP 5  ? CD2 ? A TRP 263 CD2 
19  1 Y 1 A TRP 5  ? NE1 ? A TRP 263 NE1 
20  1 Y 1 A TRP 5  ? CE2 ? A TRP 263 CE2 
21  1 Y 1 A TRP 5  ? CE3 ? A TRP 263 CE3 
22  1 Y 1 A TRP 5  ? CZ2 ? A TRP 263 CZ2 
23  1 Y 1 A TRP 5  ? CZ3 ? A TRP 263 CZ3 
24  1 Y 1 A TRP 5  ? CH2 ? A TRP 263 CH2 
25  1 Y 1 A ALA 6  ? CB  ? A ALA 264 CB  
26  1 Y 1 A SER 7  ? CB  ? A SER 265 CB  
27  1 Y 1 A SER 7  ? OG  ? A SER 265 OG  
28  1 Y 1 A ILE 8  ? CB  ? A ILE 266 CB  
29  1 Y 1 A ILE 8  ? CG1 ? A ILE 266 CG1 
30  1 Y 1 A ILE 8  ? CG2 ? A ILE 266 CG2 
31  1 Y 1 A ILE 8  ? CD1 ? A ILE 266 CD1 
32  1 Y 1 A LEU 9  ? CB  ? A LEU 267 CB  
33  1 Y 1 A LEU 9  ? CG  ? A LEU 267 CG  
34  1 Y 1 A LEU 9  ? CD1 ? A LEU 267 CD1 
35  1 Y 1 A LEU 9  ? CD2 ? A LEU 267 CD2 
36  1 Y 1 A GLN 10 ? CB  ? A GLN 268 CB  
37  1 Y 1 A GLN 10 ? CG  ? A GLN 268 CG  
38  1 Y 1 A GLN 10 ? CD  ? A GLN 268 CD  
39  1 Y 1 A GLN 10 ? OE1 ? A GLN 268 OE1 
40  1 Y 1 A GLN 10 ? NE2 ? A GLN 268 NE2 
41  1 Y 1 A LEU 12 ? CB  ? A LEU 270 CB  
42  1 Y 1 A LEU 12 ? CG  ? A LEU 270 CG  
43  1 Y 1 A LEU 12 ? CD1 ? A LEU 270 CD1 
44  1 Y 1 A LEU 12 ? CD2 ? A LEU 270 CD2 
45  1 Y 1 A GLU 13 ? CB  ? A GLU 271 CB  
46  1 Y 1 A GLU 13 ? CG  ? A GLU 271 CG  
47  1 Y 1 A GLU 13 ? CD  ? A GLU 271 CD  
48  1 Y 1 A GLU 13 ? OE1 ? A GLU 271 OE1 
49  1 Y 1 A GLU 13 ? OE2 ? A GLU 271 OE2 
50  1 Y 1 A GLU 14 ? CB  ? A GLU 272 CB  
51  1 Y 1 A GLU 14 ? CG  ? A GLU 272 CG  
52  1 Y 1 A GLU 14 ? CD  ? A GLU 272 CD  
53  1 Y 1 A GLU 14 ? OE1 ? A GLU 272 OE1 
54  1 Y 1 A GLU 14 ? OE2 ? A GLU 272 OE2 
55  1 Y 1 A PRO 15 ? CB  ? A PRO 273 CB  
56  1 Y 1 A PRO 15 ? CG  ? A PRO 273 CG  
57  1 Y 1 A PRO 15 ? CD  ? A PRO 273 CD  
58  1 Y 1 A TYR 16 ? CB  ? A TYR 274 CB  
59  1 Y 1 A TYR 16 ? CG  ? A TYR 274 CG  
60  1 Y 1 A TYR 16 ? CD1 ? A TYR 274 CD1 
61  1 Y 1 A TYR 16 ? CD2 ? A TYR 274 CD2 
62  1 Y 1 A TYR 16 ? CE1 ? A TYR 274 CE1 
63  1 Y 1 A TYR 16 ? CE2 ? A TYR 274 CE2 
64  1 Y 1 A TYR 16 ? CZ  ? A TYR 274 CZ  
65  1 Y 1 A TYR 16 ? OH  ? A TYR 274 OH  
66  1 Y 1 A HIS 17 ? CB  ? A HIS 275 CB  
67  1 Y 1 A HIS 17 ? CG  ? A HIS 275 CG  
68  1 Y 1 A HIS 17 ? ND1 ? A HIS 275 ND1 
69  1 Y 1 A HIS 17 ? CD2 ? A HIS 275 CD2 
70  1 Y 1 A HIS 17 ? CE1 ? A HIS 275 CE1 
71  1 Y 1 A HIS 17 ? NE2 ? A HIS 275 NE2 
72  1 Y 1 A ALA 18 ? CB  ? A ALA 276 CB  
73  1 Y 1 A PHE 19 ? CB  ? A PHE 277 CB  
74  1 Y 1 A PHE 19 ? CG  ? A PHE 277 CG  
75  1 Y 1 A PHE 19 ? CD1 ? A PHE 277 CD1 
76  1 Y 1 A PHE 19 ? CD2 ? A PHE 277 CD2 
77  1 Y 1 A PHE 19 ? CE1 ? A PHE 277 CE1 
78  1 Y 1 A PHE 19 ? CE2 ? A PHE 277 CE2 
79  1 Y 1 A PHE 19 ? CZ  ? A PHE 277 CZ  
80  1 Y 1 A VAL 20 ? CB  ? A VAL 278 CB  
81  1 Y 1 A VAL 20 ? CG1 ? A VAL 278 CG1 
82  1 Y 1 A VAL 20 ? CG2 ? A VAL 278 CG2 
83  1 Y 1 A GLU 21 ? CB  ? A GLU 279 CB  
84  1 Y 1 A GLU 21 ? CG  ? A GLU 279 CG  
85  1 Y 1 A GLU 21 ? CD  ? A GLU 279 CD  
86  1 Y 1 A GLU 21 ? OE1 ? A GLU 279 OE1 
87  1 Y 1 A GLU 21 ? OE2 ? A GLU 279 OE2 
88  1 Y 1 A ARG 22 ? CB  ? A ARG 280 CB  
89  1 Y 1 A ARG 22 ? CG  ? A ARG 280 CG  
90  1 Y 1 A ARG 22 ? CD  ? A ARG 280 CD  
91  1 Y 1 A ARG 22 ? NE  ? A ARG 280 NE  
92  1 Y 1 A ARG 22 ? CZ  ? A ARG 280 CZ  
93  1 Y 1 A ARG 22 ? NH1 ? A ARG 280 NH1 
94  1 Y 1 A ARG 22 ? NH2 ? A ARG 280 NH2 
95  1 Y 1 A LEU 23 ? CB  ? A LEU 281 CB  
96  1 Y 1 A LEU 23 ? CG  ? A LEU 281 CG  
97  1 Y 1 A LEU 23 ? CD1 ? A LEU 281 CD1 
98  1 Y 1 A LEU 23 ? CD2 ? A LEU 281 CD2 
99  1 Y 1 A ASN 24 ? CB  ? A ASN 282 CB  
100 1 Y 1 A ASN 24 ? CG  ? A ASN 282 CG  
101 1 Y 1 A ASN 24 ? OD1 ? A ASN 282 OD1 
102 1 Y 1 A ASN 24 ? ND2 ? A ASN 282 ND2 
103 1 Y 1 A ILE 25 ? CB  ? A ILE 283 CB  
104 1 Y 1 A ILE 25 ? CG1 ? A ILE 283 CG1 
105 1 Y 1 A ILE 25 ? CG2 ? A ILE 283 CG2 
106 1 Y 1 A ILE 25 ? CD1 ? A ILE 283 CD1 
107 1 Y 1 A ALA 26 ? CB  ? A ALA 284 CB  
108 1 Y 1 A LEU 27 ? CB  ? A LEU 285 CB  
109 1 Y 1 A LEU 27 ? CG  ? A LEU 285 CG  
110 1 Y 1 A LEU 27 ? CD1 ? A LEU 285 CD1 
111 1 Y 1 A LEU 27 ? CD2 ? A LEU 285 CD2 
112 1 Y 1 A ASP 28 ? CB  ? A ASP 286 CB  
113 1 Y 1 A ASP 28 ? CG  ? A ASP 286 CG  
114 1 Y 1 A ASP 28 ? OD1 ? A ASP 286 OD1 
115 1 Y 1 A ASP 28 ? OD2 ? A ASP 286 OD2 
116 1 Y 1 A ASN 29 ? CB  ? A ASN 287 CB  
117 1 Y 1 A ASN 29 ? CG  ? A ASN 287 CG  
118 1 Y 1 A ASN 29 ? OD1 ? A ASN 287 OD1 
119 1 Y 1 A ASN 29 ? ND2 ? A ASN 287 ND2 
120 1 Y 1 A LEU 31 ? CB  ? A LEU 289 CB  
121 1 Y 1 A LEU 31 ? CG  ? A LEU 289 CG  
122 1 Y 1 A LEU 31 ? CD1 ? A LEU 289 CD1 
123 1 Y 1 A LEU 31 ? CD2 ? A LEU 289 CD2 
124 1 Y 1 A PRO 32 ? CB  ? A PRO 290 CB  
125 1 Y 1 A PRO 32 ? CG  ? A PRO 290 CG  
126 1 Y 1 A PRO 32 ? CD  ? A PRO 290 CD  
127 1 Y 1 A GLU 33 ? CB  ? A GLU 291 CB  
128 1 Y 1 A GLU 33 ? CG  ? A GLU 291 CG  
129 1 Y 1 A GLU 33 ? CD  ? A GLU 291 CD  
130 1 Y 1 A GLU 33 ? OE1 ? A GLU 291 OE1 
131 1 Y 1 A GLU 33 ? OE2 ? A GLU 291 OE2 
132 1 Y 1 A THR 35 ? CB  ? A THR 293 CB  
133 1 Y 1 A THR 35 ? OG1 ? A THR 293 OG1 
134 1 Y 1 A THR 35 ? CG2 ? A THR 293 CG2 
135 1 Y 1 A PRO 36 ? CB  ? A PRO 294 CB  
136 1 Y 1 A PRO 36 ? CG  ? A PRO 294 CG  
137 1 Y 1 A PRO 36 ? CD  ? A PRO 294 CD  
138 1 Y 1 A LYS 37 ? CB  ? A LYS 295 CB  
139 1 Y 1 A LYS 37 ? CG  ? A LYS 295 CG  
140 1 Y 1 A LYS 37 ? CD  ? A LYS 295 CD  
141 1 Y 1 A LYS 37 ? CE  ? A LYS 295 CE  
142 1 Y 1 A LYS 37 ? NZ  ? A LYS 295 NZ  
143 1 Y 1 A ASP 38 ? CB  ? A ASP 296 CB  
144 1 Y 1 A ASP 38 ? CG  ? A ASP 296 CG  
145 1 Y 1 A ASP 38 ? OD1 ? A ASP 296 OD1 
146 1 Y 1 A ASP 38 ? OD2 ? A ASP 296 OD2 
147 1 Y 1 A PRO 39 ? CB  ? A PRO 297 CB  
148 1 Y 1 A PRO 39 ? CG  ? A PRO 297 CG  
149 1 Y 1 A PRO 39 ? CD  ? A PRO 297 CD  
150 1 Y 1 A ILE 40 ? CB  ? A ILE 298 CB  
151 1 Y 1 A ILE 40 ? CG1 ? A ILE 298 CG1 
152 1 Y 1 A ILE 40 ? CG2 ? A ILE 298 CG2 
153 1 Y 1 A ILE 40 ? CD1 ? A ILE 298 CD1 
154 1 Y 1 A LEU 41 ? CB  ? A LEU 299 CB  
155 1 Y 1 A LEU 41 ? CG  ? A LEU 299 CG  
156 1 Y 1 A LEU 41 ? CD1 ? A LEU 299 CD1 
157 1 Y 1 A LEU 41 ? CD2 ? A LEU 299 CD2 
158 1 Y 1 A ARG 42 ? CB  ? A ARG 300 CB  
159 1 Y 1 A ARG 42 ? CG  ? A ARG 300 CG  
160 1 Y 1 A ARG 42 ? CD  ? A ARG 300 CD  
161 1 Y 1 A ARG 42 ? NE  ? A ARG 300 NE  
162 1 Y 1 A ARG 42 ? CZ  ? A ARG 300 CZ  
163 1 Y 1 A ARG 42 ? NH1 ? A ARG 300 NH1 
164 1 Y 1 A ARG 42 ? NH2 ? A ARG 300 NH2 
165 1 Y 1 A SER 43 ? CB  ? A SER 301 CB  
166 1 Y 1 A SER 43 ? OG  ? A SER 301 OG  
167 1 Y 1 A LEU 44 ? CB  ? A LEU 302 CB  
168 1 Y 1 A LEU 44 ? CG  ? A LEU 302 CG  
169 1 Y 1 A LEU 44 ? CD1 ? A LEU 302 CD1 
170 1 Y 1 A LEU 44 ? CD2 ? A LEU 302 CD2 
171 1 Y 1 A ALA 45 ? CB  ? A ALA 303 CB  
172 1 Y 1 A TYR 46 ? CB  ? A TYR 304 CB  
173 1 Y 1 A TYR 46 ? CG  ? A TYR 304 CG  
174 1 Y 1 A TYR 46 ? CD1 ? A TYR 304 CD1 
175 1 Y 1 A TYR 46 ? CD2 ? A TYR 304 CD2 
176 1 Y 1 A TYR 46 ? CE1 ? A TYR 304 CE1 
177 1 Y 1 A TYR 46 ? CE2 ? A TYR 304 CE2 
178 1 Y 1 A TYR 46 ? CZ  ? A TYR 304 CZ  
179 1 Y 1 A TYR 46 ? OH  ? A TYR 304 OH  
180 1 Y 1 A SER 47 ? CB  ? A SER 305 CB  
181 1 Y 1 A SER 47 ? OG  ? A SER 305 OG  
182 1 Y 1 A ASN 48 ? CB  ? A ASN 306 CB  
183 1 Y 1 A ASN 48 ? CG  ? A ASN 306 CG  
184 1 Y 1 A ASN 48 ? OD1 ? A ASN 306 OD1 
185 1 Y 1 A ASN 48 ? ND2 ? A ASN 306 ND2 
186 1 Y 1 A ALA 49 ? CB  ? A ALA 307 CB  
187 1 Y 1 A ASN 50 ? CB  ? A ASN 308 CB  
188 1 Y 1 A ASN 50 ? CG  ? A ASN 308 CG  
189 1 Y 1 A ASN 50 ? OD1 ? A ASN 308 OD1 
190 1 Y 1 A ASN 50 ? ND2 ? A ASN 308 ND2 
191 1 Y 1 A LYS 51 ? CB  ? A LYS 309 CB  
192 1 Y 1 A LYS 51 ? CG  ? A LYS 309 CG  
193 1 Y 1 A LYS 51 ? CD  ? A LYS 309 CD  
194 1 Y 1 A LYS 51 ? CE  ? A LYS 309 CE  
195 1 Y 1 A LYS 51 ? NZ  ? A LYS 309 NZ  
196 1 Y 1 A GLU 52 ? CB  ? A GLU 310 CB  
197 1 Y 1 A GLU 52 ? CG  ? A GLU 310 CG  
198 1 Y 1 A GLU 52 ? CD  ? A GLU 310 CD  
199 1 Y 1 A GLU 52 ? OE1 ? A GLU 310 OE1 
200 1 Y 1 A GLU 52 ? OE2 ? A GLU 310 OE2 
201 1 Y 1 A CYS 53 ? CB  ? A CYS 311 CB  
202 1 Y 1 A CYS 53 ? SG  ? A CYS 311 SG  
203 1 Y 1 A GLN 54 ? CB  ? A GLN 312 CB  
204 1 Y 1 A GLN 54 ? CG  ? A GLN 312 CG  
205 1 Y 1 A GLN 54 ? CD  ? A GLN 312 CD  
206 1 Y 1 A GLN 54 ? OE1 ? A GLN 312 OE1 
207 1 Y 1 A GLN 54 ? NE2 ? A GLN 312 NE2 
208 1 Y 1 A LYS 55 ? CB  ? A LYS 313 CB  
209 1 Y 1 A LYS 55 ? CG  ? A LYS 313 CG  
210 1 Y 1 A LYS 55 ? CD  ? A LYS 313 CD  
211 1 Y 1 A LYS 55 ? CE  ? A LYS 313 CE  
212 1 Y 1 A LYS 55 ? NZ  ? A LYS 313 NZ  
213 1 Y 1 A LEU 56 ? CB  ? A LEU 314 CB  
214 1 Y 1 A LEU 56 ? CG  ? A LEU 314 CG  
215 1 Y 1 A LEU 56 ? CD1 ? A LEU 314 CD1 
216 1 Y 1 A LEU 56 ? CD2 ? A LEU 314 CD2 
217 1 Y 1 A LEU 57 ? CB  ? A LEU 315 CB  
218 1 Y 1 A LEU 57 ? CG  ? A LEU 315 CG  
219 1 Y 1 A LEU 57 ? CD1 ? A LEU 315 CD1 
220 1 Y 1 A LEU 57 ? CD2 ? A LEU 315 CD2 
221 1 Y 1 A GLN 58 ? CB  ? A GLN 316 CB  
222 1 Y 1 A GLN 58 ? CG  ? A GLN 316 CG  
223 1 Y 1 A GLN 58 ? CD  ? A GLN 316 CD  
224 1 Y 1 A GLN 58 ? OE1 ? A GLN 316 OE1 
225 1 Y 1 A GLN 58 ? NE2 ? A GLN 316 NE2 
226 1 Y 1 A ALA 59 ? CB  ? A ALA 317 CB  
227 1 Y 1 A ARG 60 ? CB  ? A ARG 318 CB  
228 1 Y 1 A ARG 60 ? CG  ? A ARG 318 CG  
229 1 Y 1 A ARG 60 ? CD  ? A ARG 318 CD  
230 1 Y 1 A ARG 60 ? NE  ? A ARG 318 NE  
231 1 Y 1 A ARG 60 ? CZ  ? A ARG 318 CZ  
232 1 Y 1 A ARG 60 ? NH1 ? A ARG 318 NH1 
233 1 Y 1 A ARG 60 ? NH2 ? A ARG 318 NH2 
234 1 Y 1 A HIS 62 ? CB  ? A HIS 320 CB  
235 1 Y 1 A HIS 62 ? CG  ? A HIS 320 CG  
236 1 Y 1 A HIS 62 ? ND1 ? A HIS 320 ND1 
237 1 Y 1 A HIS 62 ? CD2 ? A HIS 320 CD2 
238 1 Y 1 A HIS 62 ? CE1 ? A HIS 320 CE1 
239 1 Y 1 A HIS 62 ? NE2 ? A HIS 320 NE2 
240 1 Y 1 A THR 63 ? CB  ? A THR 321 CB  
241 1 Y 1 A THR 63 ? OG1 ? A THR 321 OG1 
242 1 Y 1 A THR 63 ? CG2 ? A THR 321 CG2 
243 1 Y 1 A ASN 64 ? CB  ? A ASN 322 CB  
244 1 Y 1 A ASN 64 ? CG  ? A ASN 322 CG  
245 1 Y 1 A ASN 64 ? OD1 ? A ASN 322 OD1 
246 1 Y 1 A ASN 64 ? ND2 ? A ASN 322 ND2 
247 1 Y 1 A SER 65 ? CB  ? A SER 323 CB  
248 1 Y 1 A SER 65 ? OG  ? A SER 323 OG  
249 1 Y 1 A PRO 66 ? CB  ? A PRO 324 CB  
250 1 Y 1 A PRO 66 ? CG  ? A PRO 324 CG  
251 1 Y 1 A PRO 66 ? CD  ? A PRO 324 CD  
252 1 Y 1 A LEU 67 ? CB  ? A LEU 325 CB  
253 1 Y 1 A LEU 67 ? CG  ? A LEU 325 CG  
254 1 Y 1 A LEU 67 ? CD1 ? A LEU 325 CD1 
255 1 Y 1 A LEU 67 ? CD2 ? A LEU 325 CD2 
256 1 Y 1 A ASP 69 ? CB  ? A ASP 327 CB  
257 1 Y 1 A ASP 69 ? CG  ? A ASP 327 CG  
258 1 Y 1 A ASP 69 ? OD1 ? A ASP 327 OD1 
259 1 Y 1 A ASP 69 ? OD2 ? A ASP 327 OD2 
260 1 Y 1 A MET 70 ? CB  ? A MET 328 CB  
261 1 Y 1 A MET 70 ? CG  ? A MET 328 CG  
262 1 Y 1 A MET 70 ? SD  ? A MET 328 SD  
263 1 Y 1 A MET 70 ? CE  ? A MET 328 CE  
264 1 Y 1 A LEU 71 ? CB  ? A LEU 329 CB  
265 1 Y 1 A LEU 71 ? CG  ? A LEU 329 CG  
266 1 Y 1 A LEU 71 ? CD1 ? A LEU 329 CD1 
267 1 Y 1 A LEU 71 ? CD2 ? A LEU 329 CD2 
268 1 Y 1 A ARG 72 ? CB  ? A ARG 330 CB  
269 1 Y 1 A ARG 72 ? CG  ? A ARG 330 CG  
270 1 Y 1 A ARG 72 ? CD  ? A ARG 330 CD  
271 1 Y 1 A ARG 72 ? NE  ? A ARG 330 NE  
272 1 Y 1 A ARG 72 ? CZ  ? A ARG 330 CZ  
273 1 Y 1 A ARG 72 ? NH1 ? A ARG 330 NH1 
274 1 Y 1 A ARG 72 ? NH2 ? A ARG 330 NH2 
275 1 Y 1 A ALA 73 ? CB  ? A ALA 331 CB  
276 1 Y 1 A CYS 74 ? CB  ? A CYS 332 CB  
277 1 Y 1 A CYS 74 ? SG  ? A CYS 332 SG  
278 1 Y 1 A GLN 75 ? CB  ? A GLN 333 CB  
279 1 Y 1 A GLN 75 ? CG  ? A GLN 333 CG  
280 1 Y 1 A GLN 75 ? CD  ? A GLN 333 CD  
281 1 Y 1 A GLN 75 ? OE1 ? A GLN 333 OE1 
282 1 Y 1 A GLN 75 ? NE2 ? A GLN 333 NE2 
283 1 Y 1 A THR 76 ? CB  ? A THR 334 CB  
284 1 Y 1 A THR 76 ? OG1 ? A THR 334 OG1 
285 1 Y 1 A THR 76 ? CG2 ? A THR 334 CG2 
286 1 Y 1 A TRP 77 ? CB  ? A TRP 335 CB  
287 1 Y 1 A TRP 77 ? CG  ? A TRP 335 CG  
288 1 Y 1 A TRP 77 ? CD1 ? A TRP 335 CD1 
289 1 Y 1 A TRP 77 ? CD2 ? A TRP 335 CD2 
290 1 Y 1 A TRP 77 ? NE1 ? A TRP 335 NE1 
291 1 Y 1 A TRP 77 ? CE2 ? A TRP 335 CE2 
292 1 Y 1 A TRP 77 ? CE3 ? A TRP 335 CE3 
293 1 Y 1 A TRP 77 ? CZ2 ? A TRP 335 CZ2 
294 1 Y 1 A TRP 77 ? CZ3 ? A TRP 335 CZ3 
295 1 Y 1 A TRP 77 ? CH2 ? A TRP 335 CH2 
296 1 Y 1 A THR 78 ? CB  ? A THR 336 CB  
297 1 Y 1 A THR 78 ? OG1 ? A THR 336 OG1 
298 1 Y 1 A THR 78 ? CG2 ? A THR 336 CG2 
299 1 Y 1 A PRO 79 ? CB  ? A PRO 337 CB  
300 1 Y 1 A PRO 79 ? CG  ? A PRO 337 CG  
301 1 Y 1 A PRO 79 ? CD  ? A PRO 337 CD  
302 1 Y 1 B LYS 1  ? CB  ? B LYS 259 CB  
303 1 Y 1 B LYS 1  ? CG  ? B LYS 259 CG  
304 1 Y 1 B LYS 1  ? CD  ? B LYS 259 CD  
305 1 Y 1 B LYS 1  ? CE  ? B LYS 259 CE  
306 1 Y 1 B LYS 1  ? NZ  ? B LYS 259 NZ  
307 1 Y 1 B ASP 2  ? CB  ? B ASP 260 CB  
308 1 Y 1 B ASP 2  ? CG  ? B ASP 260 CG  
309 1 Y 1 B ASP 2  ? OD1 ? B ASP 260 OD1 
310 1 Y 1 B ASP 2  ? OD2 ? B ASP 260 OD2 
311 1 Y 1 B PRO 3  ? CB  ? B PRO 261 CB  
312 1 Y 1 B PRO 3  ? CG  ? B PRO 261 CG  
313 1 Y 1 B PRO 3  ? CD  ? B PRO 261 CD  
314 1 Y 1 B SER 4  ? CB  ? B SER 262 CB  
315 1 Y 1 B SER 4  ? OG  ? B SER 262 OG  
316 1 Y 1 B TRP 5  ? CB  ? B TRP 263 CB  
317 1 Y 1 B TRP 5  ? CG  ? B TRP 263 CG  
318 1 Y 1 B TRP 5  ? CD1 ? B TRP 263 CD1 
319 1 Y 1 B TRP 5  ? CD2 ? B TRP 263 CD2 
320 1 Y 1 B TRP 5  ? NE1 ? B TRP 263 NE1 
321 1 Y 1 B TRP 5  ? CE2 ? B TRP 263 CE2 
322 1 Y 1 B TRP 5  ? CE3 ? B TRP 263 CE3 
323 1 Y 1 B TRP 5  ? CZ2 ? B TRP 263 CZ2 
324 1 Y 1 B TRP 5  ? CZ3 ? B TRP 263 CZ3 
325 1 Y 1 B TRP 5  ? CH2 ? B TRP 263 CH2 
326 1 Y 1 B ALA 6  ? CB  ? B ALA 264 CB  
327 1 Y 1 B SER 7  ? CB  ? B SER 265 CB  
328 1 Y 1 B SER 7  ? OG  ? B SER 265 OG  
329 1 Y 1 B ILE 8  ? CB  ? B ILE 266 CB  
330 1 Y 1 B ILE 8  ? CG1 ? B ILE 266 CG1 
331 1 Y 1 B ILE 8  ? CG2 ? B ILE 266 CG2 
332 1 Y 1 B ILE 8  ? CD1 ? B ILE 266 CD1 
333 1 Y 1 B LEU 9  ? CB  ? B LEU 267 CB  
334 1 Y 1 B LEU 9  ? CG  ? B LEU 267 CG  
335 1 Y 1 B LEU 9  ? CD1 ? B LEU 267 CD1 
336 1 Y 1 B LEU 9  ? CD2 ? B LEU 267 CD2 
337 1 Y 1 B GLN 10 ? CB  ? B GLN 268 CB  
338 1 Y 1 B GLN 10 ? CG  ? B GLN 268 CG  
339 1 Y 1 B GLN 10 ? CD  ? B GLN 268 CD  
340 1 Y 1 B GLN 10 ? OE1 ? B GLN 268 OE1 
341 1 Y 1 B GLN 10 ? NE2 ? B GLN 268 NE2 
342 1 Y 1 B LEU 12 ? CB  ? B LEU 270 CB  
343 1 Y 1 B LEU 12 ? CG  ? B LEU 270 CG  
344 1 Y 1 B LEU 12 ? CD1 ? B LEU 270 CD1 
345 1 Y 1 B LEU 12 ? CD2 ? B LEU 270 CD2 
346 1 Y 1 B GLU 13 ? CB  ? B GLU 271 CB  
347 1 Y 1 B GLU 13 ? CG  ? B GLU 271 CG  
348 1 Y 1 B GLU 13 ? CD  ? B GLU 271 CD  
349 1 Y 1 B GLU 13 ? OE1 ? B GLU 271 OE1 
350 1 Y 1 B GLU 13 ? OE2 ? B GLU 271 OE2 
351 1 Y 1 B GLU 14 ? CB  ? B GLU 272 CB  
352 1 Y 1 B GLU 14 ? CG  ? B GLU 272 CG  
353 1 Y 1 B GLU 14 ? CD  ? B GLU 272 CD  
354 1 Y 1 B GLU 14 ? OE1 ? B GLU 272 OE1 
355 1 Y 1 B GLU 14 ? OE2 ? B GLU 272 OE2 
356 1 Y 1 B PRO 15 ? CB  ? B PRO 273 CB  
357 1 Y 1 B PRO 15 ? CG  ? B PRO 273 CG  
358 1 Y 1 B PRO 15 ? CD  ? B PRO 273 CD  
359 1 Y 1 B TYR 16 ? CB  ? B TYR 274 CB  
360 1 Y 1 B TYR 16 ? CG  ? B TYR 274 CG  
361 1 Y 1 B TYR 16 ? CD1 ? B TYR 274 CD1 
362 1 Y 1 B TYR 16 ? CD2 ? B TYR 274 CD2 
363 1 Y 1 B TYR 16 ? CE1 ? B TYR 274 CE1 
364 1 Y 1 B TYR 16 ? CE2 ? B TYR 274 CE2 
365 1 Y 1 B TYR 16 ? CZ  ? B TYR 274 CZ  
366 1 Y 1 B TYR 16 ? OH  ? B TYR 274 OH  
367 1 Y 1 B HIS 17 ? CB  ? B HIS 275 CB  
368 1 Y 1 B HIS 17 ? CG  ? B HIS 275 CG  
369 1 Y 1 B HIS 17 ? ND1 ? B HIS 275 ND1 
370 1 Y 1 B HIS 17 ? CD2 ? B HIS 275 CD2 
371 1 Y 1 B HIS 17 ? CE1 ? B HIS 275 CE1 
372 1 Y 1 B HIS 17 ? NE2 ? B HIS 275 NE2 
373 1 Y 1 B ALA 18 ? CB  ? B ALA 276 CB  
374 1 Y 1 B PHE 19 ? CB  ? B PHE 277 CB  
375 1 Y 1 B PHE 19 ? CG  ? B PHE 277 CG  
376 1 Y 1 B PHE 19 ? CD1 ? B PHE 277 CD1 
377 1 Y 1 B PHE 19 ? CD2 ? B PHE 277 CD2 
378 1 Y 1 B PHE 19 ? CE1 ? B PHE 277 CE1 
379 1 Y 1 B PHE 19 ? CE2 ? B PHE 277 CE2 
380 1 Y 1 B PHE 19 ? CZ  ? B PHE 277 CZ  
381 1 Y 1 B VAL 20 ? CB  ? B VAL 278 CB  
382 1 Y 1 B VAL 20 ? CG1 ? B VAL 278 CG1 
383 1 Y 1 B VAL 20 ? CG2 ? B VAL 278 CG2 
384 1 Y 1 B GLU 21 ? CB  ? B GLU 279 CB  
385 1 Y 1 B GLU 21 ? CG  ? B GLU 279 CG  
386 1 Y 1 B GLU 21 ? CD  ? B GLU 279 CD  
387 1 Y 1 B GLU 21 ? OE1 ? B GLU 279 OE1 
388 1 Y 1 B GLU 21 ? OE2 ? B GLU 279 OE2 
389 1 Y 1 B ARG 22 ? CB  ? B ARG 280 CB  
390 1 Y 1 B ARG 22 ? CG  ? B ARG 280 CG  
391 1 Y 1 B ARG 22 ? CD  ? B ARG 280 CD  
392 1 Y 1 B ARG 22 ? NE  ? B ARG 280 NE  
393 1 Y 1 B ARG 22 ? CZ  ? B ARG 280 CZ  
394 1 Y 1 B ARG 22 ? NH1 ? B ARG 280 NH1 
395 1 Y 1 B ARG 22 ? NH2 ? B ARG 280 NH2 
396 1 Y 1 B LEU 23 ? CB  ? B LEU 281 CB  
397 1 Y 1 B LEU 23 ? CG  ? B LEU 281 CG  
398 1 Y 1 B LEU 23 ? CD1 ? B LEU 281 CD1 
399 1 Y 1 B LEU 23 ? CD2 ? B LEU 281 CD2 
400 1 Y 1 B ASN 24 ? CB  ? B ASN 282 CB  
401 1 Y 1 B ASN 24 ? CG  ? B ASN 282 CG  
402 1 Y 1 B ASN 24 ? OD1 ? B ASN 282 OD1 
403 1 Y 1 B ASN 24 ? ND2 ? B ASN 282 ND2 
404 1 Y 1 B ILE 25 ? CB  ? B ILE 283 CB  
405 1 Y 1 B ILE 25 ? CG1 ? B ILE 283 CG1 
406 1 Y 1 B ILE 25 ? CG2 ? B ILE 283 CG2 
407 1 Y 1 B ILE 25 ? CD1 ? B ILE 283 CD1 
408 1 Y 1 B ALA 26 ? CB  ? B ALA 284 CB  
409 1 Y 1 B LEU 27 ? CB  ? B LEU 285 CB  
410 1 Y 1 B LEU 27 ? CG  ? B LEU 285 CG  
411 1 Y 1 B LEU 27 ? CD1 ? B LEU 285 CD1 
412 1 Y 1 B LEU 27 ? CD2 ? B LEU 285 CD2 
413 1 Y 1 B ASP 28 ? CB  ? B ASP 286 CB  
414 1 Y 1 B ASP 28 ? CG  ? B ASP 286 CG  
415 1 Y 1 B ASP 28 ? OD1 ? B ASP 286 OD1 
416 1 Y 1 B ASP 28 ? OD2 ? B ASP 286 OD2 
417 1 Y 1 B ASN 29 ? CB  ? B ASN 287 CB  
418 1 Y 1 B ASN 29 ? CG  ? B ASN 287 CG  
419 1 Y 1 B ASN 29 ? OD1 ? B ASN 287 OD1 
420 1 Y 1 B ASN 29 ? ND2 ? B ASN 287 ND2 
421 1 Y 1 B LEU 31 ? CB  ? B LEU 289 CB  
422 1 Y 1 B LEU 31 ? CG  ? B LEU 289 CG  
423 1 Y 1 B LEU 31 ? CD1 ? B LEU 289 CD1 
424 1 Y 1 B LEU 31 ? CD2 ? B LEU 289 CD2 
425 1 Y 1 B PRO 32 ? CB  ? B PRO 290 CB  
426 1 Y 1 B PRO 32 ? CG  ? B PRO 290 CG  
427 1 Y 1 B PRO 32 ? CD  ? B PRO 290 CD  
428 1 Y 1 B GLU 33 ? CB  ? B GLU 291 CB  
429 1 Y 1 B GLU 33 ? CG  ? B GLU 291 CG  
430 1 Y 1 B GLU 33 ? CD  ? B GLU 291 CD  
431 1 Y 1 B GLU 33 ? OE1 ? B GLU 291 OE1 
432 1 Y 1 B GLU 33 ? OE2 ? B GLU 291 OE2 
433 1 Y 1 B THR 35 ? CB  ? B THR 293 CB  
434 1 Y 1 B THR 35 ? OG1 ? B THR 293 OG1 
435 1 Y 1 B THR 35 ? CG2 ? B THR 293 CG2 
436 1 Y 1 B PRO 36 ? CB  ? B PRO 294 CB  
437 1 Y 1 B PRO 36 ? CG  ? B PRO 294 CG  
438 1 Y 1 B PRO 36 ? CD  ? B PRO 294 CD  
439 1 Y 1 B LYS 37 ? CB  ? B LYS 295 CB  
440 1 Y 1 B LYS 37 ? CG  ? B LYS 295 CG  
441 1 Y 1 B LYS 37 ? CD  ? B LYS 295 CD  
442 1 Y 1 B LYS 37 ? CE  ? B LYS 295 CE  
443 1 Y 1 B LYS 37 ? NZ  ? B LYS 295 NZ  
444 1 Y 1 B ASP 38 ? CB  ? B ASP 296 CB  
445 1 Y 1 B ASP 38 ? CG  ? B ASP 296 CG  
446 1 Y 1 B ASP 38 ? OD1 ? B ASP 296 OD1 
447 1 Y 1 B ASP 38 ? OD2 ? B ASP 296 OD2 
448 1 Y 1 B PRO 39 ? CB  ? B PRO 297 CB  
449 1 Y 1 B PRO 39 ? CG  ? B PRO 297 CG  
450 1 Y 1 B PRO 39 ? CD  ? B PRO 297 CD  
451 1 Y 1 B ILE 40 ? CB  ? B ILE 298 CB  
452 1 Y 1 B ILE 40 ? CG1 ? B ILE 298 CG1 
453 1 Y 1 B ILE 40 ? CG2 ? B ILE 298 CG2 
454 1 Y 1 B ILE 40 ? CD1 ? B ILE 298 CD1 
455 1 Y 1 B LEU 41 ? CB  ? B LEU 299 CB  
456 1 Y 1 B LEU 41 ? CG  ? B LEU 299 CG  
457 1 Y 1 B LEU 41 ? CD1 ? B LEU 299 CD1 
458 1 Y 1 B LEU 41 ? CD2 ? B LEU 299 CD2 
459 1 Y 1 B ARG 42 ? CB  ? B ARG 300 CB  
460 1 Y 1 B ARG 42 ? CG  ? B ARG 300 CG  
461 1 Y 1 B ARG 42 ? CD  ? B ARG 300 CD  
462 1 Y 1 B ARG 42 ? NE  ? B ARG 300 NE  
463 1 Y 1 B ARG 42 ? CZ  ? B ARG 300 CZ  
464 1 Y 1 B ARG 42 ? NH1 ? B ARG 300 NH1 
465 1 Y 1 B ARG 42 ? NH2 ? B ARG 300 NH2 
466 1 Y 1 B SER 43 ? CB  ? B SER 301 CB  
467 1 Y 1 B SER 43 ? OG  ? B SER 301 OG  
468 1 Y 1 B LEU 44 ? CB  ? B LEU 302 CB  
469 1 Y 1 B LEU 44 ? CG  ? B LEU 302 CG  
470 1 Y 1 B LEU 44 ? CD1 ? B LEU 302 CD1 
471 1 Y 1 B LEU 44 ? CD2 ? B LEU 302 CD2 
472 1 Y 1 B ALA 45 ? CB  ? B ALA 303 CB  
473 1 Y 1 B TYR 46 ? CB  ? B TYR 304 CB  
474 1 Y 1 B TYR 46 ? CG  ? B TYR 304 CG  
475 1 Y 1 B TYR 46 ? CD1 ? B TYR 304 CD1 
476 1 Y 1 B TYR 46 ? CD2 ? B TYR 304 CD2 
477 1 Y 1 B TYR 46 ? CE1 ? B TYR 304 CE1 
478 1 Y 1 B TYR 46 ? CE2 ? B TYR 304 CE2 
479 1 Y 1 B TYR 46 ? CZ  ? B TYR 304 CZ  
480 1 Y 1 B TYR 46 ? OH  ? B TYR 304 OH  
481 1 Y 1 B SER 47 ? CB  ? B SER 305 CB  
482 1 Y 1 B SER 47 ? OG  ? B SER 305 OG  
483 1 Y 1 B ASN 48 ? CB  ? B ASN 306 CB  
484 1 Y 1 B ASN 48 ? CG  ? B ASN 306 CG  
485 1 Y 1 B ASN 48 ? OD1 ? B ASN 306 OD1 
486 1 Y 1 B ASN 48 ? ND2 ? B ASN 306 ND2 
487 1 Y 1 B ALA 49 ? CB  ? B ALA 307 CB  
488 1 Y 1 B ASN 50 ? CB  ? B ASN 308 CB  
489 1 Y 1 B ASN 50 ? CG  ? B ASN 308 CG  
490 1 Y 1 B ASN 50 ? OD1 ? B ASN 308 OD1 
491 1 Y 1 B ASN 50 ? ND2 ? B ASN 308 ND2 
492 1 Y 1 B LYS 51 ? CB  ? B LYS 309 CB  
493 1 Y 1 B LYS 51 ? CG  ? B LYS 309 CG  
494 1 Y 1 B LYS 51 ? CD  ? B LYS 309 CD  
495 1 Y 1 B LYS 51 ? CE  ? B LYS 309 CE  
496 1 Y 1 B LYS 51 ? NZ  ? B LYS 309 NZ  
497 1 Y 1 B GLU 52 ? CB  ? B GLU 310 CB  
498 1 Y 1 B GLU 52 ? CG  ? B GLU 310 CG  
499 1 Y 1 B GLU 52 ? CD  ? B GLU 310 CD  
500 1 Y 1 B GLU 52 ? OE1 ? B GLU 310 OE1 
501 1 Y 1 B GLU 52 ? OE2 ? B GLU 310 OE2 
502 1 Y 1 B CYS 53 ? CB  ? B CYS 311 CB  
503 1 Y 1 B CYS 53 ? SG  ? B CYS 311 SG  
504 1 Y 1 B GLN 54 ? CB  ? B GLN 312 CB  
505 1 Y 1 B GLN 54 ? CG  ? B GLN 312 CG  
506 1 Y 1 B GLN 54 ? CD  ? B GLN 312 CD  
507 1 Y 1 B GLN 54 ? OE1 ? B GLN 312 OE1 
508 1 Y 1 B GLN 54 ? NE2 ? B GLN 312 NE2 
509 1 Y 1 B LYS 55 ? CB  ? B LYS 313 CB  
510 1 Y 1 B LYS 55 ? CG  ? B LYS 313 CG  
511 1 Y 1 B LYS 55 ? CD  ? B LYS 313 CD  
512 1 Y 1 B LYS 55 ? CE  ? B LYS 313 CE  
513 1 Y 1 B LYS 55 ? NZ  ? B LYS 313 NZ  
514 1 Y 1 B LEU 56 ? CB  ? B LEU 314 CB  
515 1 Y 1 B LEU 56 ? CG  ? B LEU 314 CG  
516 1 Y 1 B LEU 56 ? CD1 ? B LEU 314 CD1 
517 1 Y 1 B LEU 56 ? CD2 ? B LEU 314 CD2 
518 1 Y 1 B LEU 57 ? CB  ? B LEU 315 CB  
519 1 Y 1 B LEU 57 ? CG  ? B LEU 315 CG  
520 1 Y 1 B LEU 57 ? CD1 ? B LEU 315 CD1 
521 1 Y 1 B LEU 57 ? CD2 ? B LEU 315 CD2 
522 1 Y 1 B GLN 58 ? CB  ? B GLN 316 CB  
523 1 Y 1 B GLN 58 ? CG  ? B GLN 316 CG  
524 1 Y 1 B GLN 58 ? CD  ? B GLN 316 CD  
525 1 Y 1 B GLN 58 ? OE1 ? B GLN 316 OE1 
526 1 Y 1 B GLN 58 ? NE2 ? B GLN 316 NE2 
527 1 Y 1 B ALA 59 ? CB  ? B ALA 317 CB  
528 1 Y 1 B ARG 60 ? CB  ? B ARG 318 CB  
529 1 Y 1 B ARG 60 ? CG  ? B ARG 318 CG  
530 1 Y 1 B ARG 60 ? CD  ? B ARG 318 CD  
531 1 Y 1 B ARG 60 ? NE  ? B ARG 318 NE  
532 1 Y 1 B ARG 60 ? CZ  ? B ARG 318 CZ  
533 1 Y 1 B ARG 60 ? NH1 ? B ARG 318 NH1 
534 1 Y 1 B ARG 60 ? NH2 ? B ARG 318 NH2 
535 1 Y 1 B HIS 62 ? CB  ? B HIS 320 CB  
536 1 Y 1 B HIS 62 ? CG  ? B HIS 320 CG  
537 1 Y 1 B HIS 62 ? ND1 ? B HIS 320 ND1 
538 1 Y 1 B HIS 62 ? CD2 ? B HIS 320 CD2 
539 1 Y 1 B HIS 62 ? CE1 ? B HIS 320 CE1 
540 1 Y 1 B HIS 62 ? NE2 ? B HIS 320 NE2 
541 1 Y 1 B THR 63 ? CB  ? B THR 321 CB  
542 1 Y 1 B THR 63 ? OG1 ? B THR 321 OG1 
543 1 Y 1 B THR 63 ? CG2 ? B THR 321 CG2 
544 1 Y 1 B ASN 64 ? CB  ? B ASN 322 CB  
545 1 Y 1 B ASN 64 ? CG  ? B ASN 322 CG  
546 1 Y 1 B ASN 64 ? OD1 ? B ASN 322 OD1 
547 1 Y 1 B ASN 64 ? ND2 ? B ASN 322 ND2 
548 1 Y 1 B SER 65 ? CB  ? B SER 323 CB  
549 1 Y 1 B SER 65 ? OG  ? B SER 323 OG  
550 1 Y 1 B PRO 66 ? CB  ? B PRO 324 CB  
551 1 Y 1 B PRO 66 ? CG  ? B PRO 324 CG  
552 1 Y 1 B PRO 66 ? CD  ? B PRO 324 CD  
553 1 Y 1 B LEU 67 ? CB  ? B LEU 325 CB  
554 1 Y 1 B LEU 67 ? CG  ? B LEU 325 CG  
555 1 Y 1 B LEU 67 ? CD1 ? B LEU 325 CD1 
556 1 Y 1 B LEU 67 ? CD2 ? B LEU 325 CD2 
557 1 Y 1 B ASP 69 ? CB  ? B ASP 327 CB  
558 1 Y 1 B ASP 69 ? CG  ? B ASP 327 CG  
559 1 Y 1 B ASP 69 ? OD1 ? B ASP 327 OD1 
560 1 Y 1 B ASP 69 ? OD2 ? B ASP 327 OD2 
561 1 Y 1 B MET 70 ? CB  ? B MET 328 CB  
562 1 Y 1 B MET 70 ? CG  ? B MET 328 CG  
563 1 Y 1 B MET 70 ? SD  ? B MET 328 SD  
564 1 Y 1 B MET 70 ? CE  ? B MET 328 CE  
565 1 Y 1 B LEU 71 ? CB  ? B LEU 329 CB  
566 1 Y 1 B LEU 71 ? CG  ? B LEU 329 CG  
567 1 Y 1 B LEU 71 ? CD1 ? B LEU 329 CD1 
568 1 Y 1 B LEU 71 ? CD2 ? B LEU 329 CD2 
569 1 Y 1 B ARG 72 ? CB  ? B ARG 330 CB  
570 1 Y 1 B ARG 72 ? CG  ? B ARG 330 CG  
571 1 Y 1 B ARG 72 ? CD  ? B ARG 330 CD  
572 1 Y 1 B ARG 72 ? NE  ? B ARG 330 NE  
573 1 Y 1 B ARG 72 ? CZ  ? B ARG 330 CZ  
574 1 Y 1 B ARG 72 ? NH1 ? B ARG 330 NH1 
575 1 Y 1 B ARG 72 ? NH2 ? B ARG 330 NH2 
576 1 Y 1 B ALA 73 ? CB  ? B ALA 331 CB  
577 1 Y 1 B CYS 74 ? CB  ? B CYS 332 CB  
578 1 Y 1 B CYS 74 ? SG  ? B CYS 332 SG  
579 1 Y 1 B GLN 75 ? CB  ? B GLN 333 CB  
580 1 Y 1 B GLN 75 ? CG  ? B GLN 333 CG  
581 1 Y 1 B GLN 75 ? CD  ? B GLN 333 CD  
582 1 Y 1 B GLN 75 ? OE1 ? B GLN 333 OE1 
583 1 Y 1 B GLN 75 ? NE2 ? B GLN 333 NE2 
584 1 Y 1 B THR 76 ? CB  ? B THR 334 CB  
585 1 Y 1 B THR 76 ? OG1 ? B THR 334 OG1 
586 1 Y 1 B THR 76 ? CG2 ? B THR 334 CG2 
587 1 Y 1 B TRP 77 ? CB  ? B TRP 335 CB  
588 1 Y 1 B TRP 77 ? CG  ? B TRP 335 CG  
589 1 Y 1 B TRP 77 ? CD1 ? B TRP 335 CD1 
590 1 Y 1 B TRP 77 ? CD2 ? B TRP 335 CD2 
591 1 Y 1 B TRP 77 ? NE1 ? B TRP 335 NE1 
592 1 Y 1 B TRP 77 ? CE2 ? B TRP 335 CE2 
593 1 Y 1 B TRP 77 ? CE3 ? B TRP 335 CE3 
594 1 Y 1 B TRP 77 ? CZ2 ? B TRP 335 CZ2 
595 1 Y 1 B TRP 77 ? CZ3 ? B TRP 335 CZ3 
596 1 Y 1 B TRP 77 ? CH2 ? B TRP 335 CH2 
597 1 Y 1 B THR 78 ? CB  ? B THR 336 CB  
598 1 Y 1 B THR 78 ? OG1 ? B THR 336 OG1 
599 1 Y 1 B THR 78 ? CG2 ? B THR 336 CG2 
600 1 Y 1 B PRO 79 ? CB  ? B PRO 337 CB  
601 1 Y 1 B PRO 79 ? CG  ? B PRO 337 CG  
602 1 Y 1 B PRO 79 ? CD  ? B PRO 337 CD  
# 
_exptl.absorpt_coefficient_mu     ? 
_exptl.absorpt_correction_T_max   ? 
_exptl.absorpt_correction_T_min   ? 
_exptl.absorpt_correction_type    ? 
_exptl.absorpt_process_details    ? 
_exptl.entry_id                   8PUH 
_exptl.crystals_number            ? 
_exptl.details                    ? 
_exptl.method                     'ELECTRON MICROSCOPY' 
_exptl.method_details             ? 
# 
_struct.entry_id                     8PUH 
_struct.title                        'Structure of the immature HTLV-1 CA lattice from full-length Gag VLPs: CA-CTD refinement' 
_struct.pdbx_model_details           ? 
_struct.pdbx_formula_weight          ? 
_struct.pdbx_formula_weight_method   ? 
_struct.pdbx_model_type_details      ? 
_struct.pdbx_CASP_flag               N 
# 
_struct_keywords.entry_id        8PUH 
_struct_keywords.text            'Retrovirus, HTLV, immature capsid, CA, VIRAL PROTEIN' 
_struct_keywords.pdbx_keywords   'VIRAL PROTEIN' 
# 
loop_
_struct_asym.id 
_struct_asym.pdbx_blank_PDB_chainid_flag 
_struct_asym.pdbx_modified 
_struct_asym.entity_id 
_struct_asym.details 
A N N 1 ? 
B N N 1 ? 
# 
_struct_ref.id                         1 
_struct_ref.db_name                    UNP 
_struct_ref.db_code                    GAG_HTL1A 
_struct_ref.pdbx_db_accession          P03345 
_struct_ref.pdbx_db_isoform            ? 
_struct_ref.entity_id                  1 
_struct_ref.pdbx_seq_one_letter_code   
;MGQIFSRSASPIPRPPRGLAAHHWLNFLQAAYRLEPGPSSYDFHQLKKFLKIALETPARICPINYSLLASLLPKGYPGRV
NEILHILIQTQAQIPSRPAPPPPSSPTHDPPDSDPQIPPPYVEPTAPQVLPVMHPHGAPPNHRPWQMKDLQAIKQEVSQA
APGSPQFMQTIRLAVQQFDPTAKDLQDLLQYLCSSLVASLHHQQLDSLISEAETRGITGYNPLAGPLRVQANNPQQQGLR
REYQQLWLAAFAALPGSAKDPSWASILQGLEEPYHAFVERLNIALDNGLPEGTPKDPILRSLAYSNANKECQKLLQARGH
TNSPLGDMLRACQTWTPKDKTKVLVVQPKKPPPNQPCFRCGKAGHWSRDCTQPRPPPGPCPLCQDPTHWKRDCPRLKPTI
PEPEPEEDALLLDLPADIPHPKNSIGGEV
;
_struct_ref.pdbx_align_begin           1 
# 
loop_
_struct_ref_seq.align_id 
_struct_ref_seq.ref_id 
_struct_ref_seq.pdbx_PDB_id_code 
_struct_ref_seq.pdbx_strand_id 
_struct_ref_seq.seq_align_beg 
_struct_ref_seq.pdbx_seq_align_beg_ins_code 
_struct_ref_seq.seq_align_end 
_struct_ref_seq.pdbx_seq_align_end_ins_code 
_struct_ref_seq.pdbx_db_accession 
_struct_ref_seq.db_align_beg 
_struct_ref_seq.pdbx_db_align_beg_ins_code 
_struct_ref_seq.db_align_end 
_struct_ref_seq.pdbx_db_align_end_ins_code 
_struct_ref_seq.pdbx_auth_seq_align_beg 
_struct_ref_seq.pdbx_auth_seq_align_end 
1 1 8PUH A 1 ? 429 ? P03345 1 ? 429 ? -257 171 
2 1 8PUH B 1 ? 429 ? P03345 1 ? 429 ? -257 171 
# 
_pdbx_struct_assembly.id                   1 
_pdbx_struct_assembly.details              author_and_software_defined_assembly 
_pdbx_struct_assembly.method_details       ? 
_pdbx_struct_assembly.oligomeric_details   dimeric 
_pdbx_struct_assembly.oligomeric_count     2 
# 
_pdbx_struct_assembly_gen.assembly_id       1 
_pdbx_struct_assembly_gen.oper_expression   1 
_pdbx_struct_assembly_gen.asym_id_list      A,B 
# 
_pdbx_struct_assembly_auth_evidence.id                     1 
_pdbx_struct_assembly_auth_evidence.assembly_id            1 
_pdbx_struct_assembly_auth_evidence.experimental_support   'electron microscopy' 
_pdbx_struct_assembly_auth_evidence.details                'not applicable' 
# 
_pdbx_struct_oper_list.id                   1 
_pdbx_struct_oper_list.type                 'identity operation' 
_pdbx_struct_oper_list.name                 1_555 
_pdbx_struct_oper_list.symmetry_operation   x,y,z 
_pdbx_struct_oper_list.matrix[1][1]         1.0 
_pdbx_struct_oper_list.matrix[1][2]         0.0 
_pdbx_struct_oper_list.matrix[1][3]         0.0 
_pdbx_struct_oper_list.vector[1]            0.0 
_pdbx_struct_oper_list.matrix[2][1]         0.0 
_pdbx_struct_oper_list.matrix[2][2]         1.0 
_pdbx_struct_oper_list.matrix[2][3]         0.0 
_pdbx_struct_oper_list.vector[2]            0.0 
_pdbx_struct_oper_list.matrix[3][1]         0.0 
_pdbx_struct_oper_list.matrix[3][2]         0.0 
_pdbx_struct_oper_list.matrix[3][3]         1.0 
_pdbx_struct_oper_list.vector[3]            0.0 
# 
loop_
_struct_conf.conf_type_id 
_struct_conf.id 
_struct_conf.pdbx_PDB_helix_id 
_struct_conf.beg_label_comp_id 
_struct_conf.beg_label_asym_id 
_struct_conf.beg_label_seq_id 
_struct_conf.pdbx_beg_PDB_ins_code 
_struct_conf.end_label_comp_id 
_struct_conf.end_label_asym_id 
_struct_conf.end_label_seq_id 
_struct_conf.pdbx_end_PDB_ins_code 
_struct_conf.beg_auth_comp_id 
_struct_conf.beg_auth_asym_id 
_struct_conf.beg_auth_seq_id 
_struct_conf.end_auth_comp_id 
_struct_conf.end_auth_asym_id 
_struct_conf.end_auth_seq_id 
_struct_conf.pdbx_PDB_helix_class 
_struct_conf.details 
_struct_conf.pdbx_PDB_helix_length 
HELX_P HELX_P1  AA1 PRO A 261 ? ILE A 266 ? PRO A 3  ILE A 8  5 ? 6  
HELX_P HELX_P2  AA2 PRO A 273 ? LEU A 289 ? PRO A 15 LEU A 31 1 ? 17 
HELX_P HELX_P3  AA3 PRO A 294 ? ASN A 306 ? PRO A 36 ASN A 48 1 ? 13 
HELX_P HELX_P4  AA4 ASN A 308 ? ARG A 318 ? ASN A 50 ARG A 60 1 ? 11 
HELX_P HELX_P5  AA5 PRO A 324 ? GLN A 333 ? PRO A 66 GLN A 75 1 ? 10 
HELX_P HELX_P6  AA6 PRO B 261 ? ILE B 266 ? PRO B 3  ILE B 8  5 ? 6  
HELX_P HELX_P7  AA7 PRO B 273 ? LEU B 289 ? PRO B 15 LEU B 31 1 ? 17 
HELX_P HELX_P8  AA8 PRO B 294 ? ASN B 306 ? PRO B 36 ASN B 48 1 ? 13 
HELX_P HELX_P9  AA9 ASN B 308 ? ARG B 318 ? ASN B 50 ARG B 60 1 ? 11 
HELX_P HELX_P10 AB1 PRO B 324 ? GLN B 333 ? PRO B 66 GLN B 75 1 ? 10 
# 
_struct_conf_type.id          HELX_P 
_struct_conf_type.criteria    ? 
_struct_conf_type.reference   ? 
# 
_pdbx_entry_details.entry_id                   8PUH 
_pdbx_entry_details.compound_details           ? 
_pdbx_entry_details.source_details             ? 
_pdbx_entry_details.nonpolymer_details         ? 
_pdbx_entry_details.sequence_details           ? 
_pdbx_entry_details.has_ligand_of_interest     ? 
_pdbx_entry_details.has_protein_modification   N 
# 
loop_
_pdbx_validate_rmsd_angle.id 
_pdbx_validate_rmsd_angle.PDB_model_num 
_pdbx_validate_rmsd_angle.auth_atom_id_1 
_pdbx_validate_rmsd_angle.auth_asym_id_1 
_pdbx_validate_rmsd_angle.auth_comp_id_1 
_pdbx_validate_rmsd_angle.auth_seq_id_1 
_pdbx_validate_rmsd_angle.PDB_ins_code_1 
_pdbx_validate_rmsd_angle.label_alt_id_1 
_pdbx_validate_rmsd_angle.auth_atom_id_2 
_pdbx_validate_rmsd_angle.auth_asym_id_2 
_pdbx_validate_rmsd_angle.auth_comp_id_2 
_pdbx_validate_rmsd_angle.auth_seq_id_2 
_pdbx_validate_rmsd_angle.PDB_ins_code_2 
_pdbx_validate_rmsd_angle.label_alt_id_2 
_pdbx_validate_rmsd_angle.auth_atom_id_3 
_pdbx_validate_rmsd_angle.auth_asym_id_3 
_pdbx_validate_rmsd_angle.auth_comp_id_3 
_pdbx_validate_rmsd_angle.auth_seq_id_3 
_pdbx_validate_rmsd_angle.PDB_ins_code_3 
_pdbx_validate_rmsd_angle.label_alt_id_3 
_pdbx_validate_rmsd_angle.angle_value 
_pdbx_validate_rmsd_angle.angle_target_value 
_pdbx_validate_rmsd_angle.angle_deviation 
_pdbx_validate_rmsd_angle.angle_standard_deviation 
_pdbx_validate_rmsd_angle.linker_flag 
1 1 O A LYS 1 ? ? C A LYS 1 ? ? N A ASP 2 ? ? 109.33 122.70 -13.37 1.60 Y 
2 1 O B LYS 1 ? ? C B LYS 1 ? ? N B ASP 2 ? ? 109.33 122.70 -13.37 1.60 Y 
# 
loop_
_pdbx_validate_torsion.id 
_pdbx_validate_torsion.PDB_model_num 
_pdbx_validate_torsion.auth_comp_id 
_pdbx_validate_torsion.auth_asym_id 
_pdbx_validate_torsion.auth_seq_id 
_pdbx_validate_torsion.PDB_ins_code 
_pdbx_validate_torsion.label_alt_id 
_pdbx_validate_torsion.phi 
_pdbx_validate_torsion.psi 
1 1 ASN A 64 ? ? -145.38 27.25 
2 1 ASN B 64 ? ? -145.46 27.22 
# 
loop_
_pdbx_validate_main_chain_plane.id 
_pdbx_validate_main_chain_plane.PDB_model_num 
_pdbx_validate_main_chain_plane.auth_comp_id 
_pdbx_validate_main_chain_plane.auth_asym_id 
_pdbx_validate_main_chain_plane.auth_seq_id 
_pdbx_validate_main_chain_plane.PDB_ins_code 
_pdbx_validate_main_chain_plane.label_alt_id 
_pdbx_validate_main_chain_plane.improper_torsion_angle 
1 1 LYS A 1  ? ? 21.57 
2 1 THR A 78 ? ? 10.62 
3 1 LYS B 1  ? ? 21.54 
4 1 THR B 78 ? ? 10.57 
# 
_em_3d_fitting.id                1 
_em_3d_fitting.entry_id          8PUH 
_em_3d_fitting.method            ? 
_em_3d_fitting.target_criteria   ? 
_em_3d_fitting.details           ? 
_em_3d_fitting.overall_b_value   ? 
_em_3d_fitting.ref_space         REAL 
_em_3d_fitting.ref_protocol      'RIGID BODY FIT' 
# 
_em_3d_fitting_list.id                            1 
_em_3d_fitting_list.3d_fitting_id                 1 
_em_3d_fitting_list.pdb_entry_id                  . 
_em_3d_fitting_list.pdb_chain_id                  . 
_em_3d_fitting_list.pdb_chain_residue_range       . 
_em_3d_fitting_list.details                       'rigid body fit using AlphaFold derived model' 
_em_3d_fitting_list.chain_id                      ? 
_em_3d_fitting_list.chain_residue_range           13-125 
_em_3d_fitting_list.source_name                   AlphaFold 
_em_3d_fitting_list.type                          'in silico model' 
_em_3d_fitting_list.accession_code                ? 
_em_3d_fitting_list.initial_refinement_model_id   ? 
# 
_em_3d_reconstruction.entry_id                    8PUH 
_em_3d_reconstruction.id                          1 
_em_3d_reconstruction.method                      ? 
_em_3d_reconstruction.algorithm                   'BACK PROJECTION' 
_em_3d_reconstruction.citation_id                 ? 
_em_3d_reconstruction.details                     ? 
_em_3d_reconstruction.resolution                  6.2 
_em_3d_reconstruction.resolution_method           'FSC 0.143 CUT-OFF' 
_em_3d_reconstruction.magnification_calibration   ? 
_em_3d_reconstruction.nominal_pixel_size          ? 
_em_3d_reconstruction.actual_pixel_size           ? 
_em_3d_reconstruction.num_particles               29000 
_em_3d_reconstruction.euler_angles_details        ? 
_em_3d_reconstruction.num_class_averages          1 
_em_3d_reconstruction.refinement_type             ? 
_em_3d_reconstruction.image_processing_id         1 
_em_3d_reconstruction.symmetry_type               POINT 
# 
_em_buffer.id            1 
_em_buffer.specimen_id   1 
_em_buffer.name          ? 
_em_buffer.details       'Phosphate-buffered saline (PBS) 1X' 
_em_buffer.pH            7.4 
# 
_em_entity_assembly.id                   1 
_em_entity_assembly.parent_id            0 
_em_entity_assembly.source               RECOMBINANT 
_em_entity_assembly.type                 VIRUS 
_em_entity_assembly.name                 'Human T-cell leukemia virus type I' 
_em_entity_assembly.details              ? 
_em_entity_assembly.synonym              ? 
_em_entity_assembly.oligomeric_details   ? 
_em_entity_assembly.entity_id_list       1 
# 
_em_image_scans.entry_id                8PUH 
_em_image_scans.id                      1 
_em_image_scans.number_digital_images   ? 
_em_image_scans.details                 ? 
_em_image_scans.scanner_model           ? 
_em_image_scans.sampling_size           ? 
_em_image_scans.od_range                ? 
_em_image_scans.quant_bit_size          ? 
_em_image_scans.citation_id             ? 
_em_image_scans.dimension_height        4092 
_em_image_scans.dimension_width         5760 
_em_image_scans.frames_per_image        ? 
_em_image_scans.image_recording_id      1 
_em_image_scans.used_frames_per_image   ? 
# 
_em_imaging.entry_id                        8PUH 
_em_imaging.id                              1 
_em_imaging.astigmatism                     ? 
_em_imaging.electron_beam_tilt_params       ? 
_em_imaging.residual_tilt                   ? 
_em_imaging.microscope_model                'FEI TITAN KRIOS' 
_em_imaging.specimen_holder_type            ? 
_em_imaging.specimen_holder_model           'FEI TITAN KRIOS AUTOGRID HOLDER' 
_em_imaging.details                         ? 
_em_imaging.date                            ? 
_em_imaging.accelerating_voltage            300 
_em_imaging.illumination_mode               'FLOOD BEAM' 
_em_imaging.mode                            'BRIGHT FIELD' 
_em_imaging.nominal_cs                      2.7 
_em_imaging.nominal_defocus_min             1250 
_em_imaging.nominal_defocus_max             4000 
_em_imaging.calibrated_defocus_min          ? 
_em_imaging.calibrated_defocus_max          ? 
_em_imaging.tilt_angle_min                  ? 
_em_imaging.tilt_angle_max                  ? 
_em_imaging.nominal_magnification           80000 
_em_imaging.calibrated_magnification        ? 
_em_imaging.electron_source                 'FIELD EMISSION GUN' 
_em_imaging.citation_id                     ? 
_em_imaging.temperature                     ? 
_em_imaging.detector_distance               ? 
_em_imaging.recording_temperature_minimum   ? 
_em_imaging.recording_temperature_maximum   ? 
_em_imaging.alignment_procedure             'COMA FREE' 
_em_imaging.c2_aperture_diameter            ? 
_em_imaging.specimen_id                     1 
_em_imaging.cryogen                         NITROGEN 
# 
_em_sample_support.id               1 
_em_sample_support.film_material    ? 
_em_sample_support.method           ? 
_em_sample_support.grid_material    COPPER 
_em_sample_support.grid_mesh_size   300 
_em_sample_support.grid_type        C-flat-2/2 
_em_sample_support.details          ? 
_em_sample_support.specimen_id      1 
_em_sample_support.citation_id      ? 
# 
_em_virus_entity.id                    1 
_em_virus_entity.virus_host_category   ? 
_em_virus_entity.virus_type            'VIRUS-LIKE PARTICLE' 
_em_virus_entity.virus_isolate         STRAIN 
_em_virus_entity.entity_assembly_id    1 
_em_virus_entity.enveloped             YES 
_em_virus_entity.empty                 YES 
_em_virus_entity.details               ? 
# 
_em_vitrification.entry_id              8PUH 
_em_vitrification.id                    1 
_em_vitrification.specimen_id           1 
_em_vitrification.cryogen_name          ETHANE 
_em_vitrification.humidity              90 
_em_vitrification.temp                  ? 
_em_vitrification.chamber_temperature   283 
_em_vitrification.instrument            'LEICA EM GP' 
_em_vitrification.method                ? 
_em_vitrification.time_resolved_state   ? 
_em_vitrification.citation_id           ? 
_em_vitrification.details               ? 
# 
_em_experiment.entry_id                8PUH 
_em_experiment.id                      1 
_em_experiment.reconstruction_method   'SUBTOMOGRAM AVERAGING' 
_em_experiment.aggregation_state       PARTICLE 
_em_experiment.entity_assembly_id      1 
# 
_em_single_particle_entity.entry_id              8PUH 
_em_single_particle_entity.id                    1 
_em_single_particle_entity.image_processing_id   1 
_em_single_particle_entity.point_symmetry        C2 
# 
loop_
_pdbx_unobs_or_zero_occ_residues.id 
_pdbx_unobs_or_zero_occ_residues.PDB_model_num 
_pdbx_unobs_or_zero_occ_residues.polymer_flag 
_pdbx_unobs_or_zero_occ_residues.occupancy_flag 
_pdbx_unobs_or_zero_occ_residues.auth_asym_id 
_pdbx_unobs_or_zero_occ_residues.auth_comp_id 
_pdbx_unobs_or_zero_occ_residues.auth_seq_id 
_pdbx_unobs_or_zero_occ_residues.PDB_ins_code 
_pdbx_unobs_or_zero_occ_residues.label_asym_id 
_pdbx_unobs_or_zero_occ_residues.label_comp_id 
_pdbx_unobs_or_zero_occ_residues.label_seq_id 
1   1 Y 1 A MET -257 ? A MET 1   
2   1 Y 1 A GLY -256 ? A GLY 2   
3   1 Y 1 A GLN -255 ? A GLN 3   
4   1 Y 1 A ILE -254 ? A ILE 4   
5   1 Y 1 A PHE -253 ? A PHE 5   
6   1 Y 1 A SER -252 ? A SER 6   
7   1 Y 1 A ARG -251 ? A ARG 7   
8   1 Y 1 A SER -250 ? A SER 8   
9   1 Y 1 A ALA -249 ? A ALA 9   
10  1 Y 1 A SER -248 ? A SER 10  
11  1 Y 1 A PRO -247 ? A PRO 11  
12  1 Y 1 A ILE -246 ? A ILE 12  
13  1 Y 1 A PRO -245 ? A PRO 13  
14  1 Y 1 A ARG -244 ? A ARG 14  
15  1 Y 1 A PRO -243 ? A PRO 15  
16  1 Y 1 A PRO -242 ? A PRO 16  
17  1 Y 1 A ARG -241 ? A ARG 17  
18  1 Y 1 A GLY -240 ? A GLY 18  
19  1 Y 1 A LEU -239 ? A LEU 19  
20  1 Y 1 A ALA -238 ? A ALA 20  
21  1 Y 1 A ALA -237 ? A ALA 21  
22  1 Y 1 A HIS -236 ? A HIS 22  
23  1 Y 1 A HIS -235 ? A HIS 23  
24  1 Y 1 A TRP -234 ? A TRP 24  
25  1 Y 1 A LEU -233 ? A LEU 25  
26  1 Y 1 A ASN -232 ? A ASN 26  
27  1 Y 1 A PHE -231 ? A PHE 27  
28  1 Y 1 A LEU -230 ? A LEU 28  
29  1 Y 1 A GLN -229 ? A GLN 29  
30  1 Y 1 A ALA -228 ? A ALA 30  
31  1 Y 1 A ALA -227 ? A ALA 31  
32  1 Y 1 A TYR -226 ? A TYR 32  
33  1 Y 1 A ARG -225 ? A ARG 33  
34  1 Y 1 A LEU -224 ? A LEU 34  
35  1 Y 1 A GLU -223 ? A GLU 35  
36  1 Y 1 A PRO -222 ? A PRO 36  
37  1 Y 1 A GLY -221 ? A GLY 37  
38  1 Y 1 A PRO -220 ? A PRO 38  
39  1 Y 1 A SER -219 ? A SER 39  
40  1 Y 1 A SER -218 ? A SER 40  
41  1 Y 1 A TYR -217 ? A TYR 41  
42  1 Y 1 A ASP -216 ? A ASP 42  
43  1 Y 1 A PHE -215 ? A PHE 43  
44  1 Y 1 A HIS -214 ? A HIS 44  
45  1 Y 1 A GLN -213 ? A GLN 45  
46  1 Y 1 A LEU -212 ? A LEU 46  
47  1 Y 1 A LYS -211 ? A LYS 47  
48  1 Y 1 A LYS -210 ? A LYS 48  
49  1 Y 1 A PHE -209 ? A PHE 49  
50  1 Y 1 A LEU -208 ? A LEU 50  
51  1 Y 1 A LYS -207 ? A LYS 51  
52  1 Y 1 A ILE -206 ? A ILE 52  
53  1 Y 1 A ALA -205 ? A ALA 53  
54  1 Y 1 A LEU -204 ? A LEU 54  
55  1 Y 1 A GLU -203 ? A GLU 55  
56  1 Y 1 A THR -202 ? A THR 56  
57  1 Y 1 A PRO -201 ? A PRO 57  
58  1 Y 1 A ALA -200 ? A ALA 58  
59  1 Y 1 A ARG -199 ? A ARG 59  
60  1 Y 1 A ILE -198 ? A ILE 60  
61  1 Y 1 A CYS -197 ? A CYS 61  
62  1 Y 1 A PRO -196 ? A PRO 62  
63  1 Y 1 A ILE -195 ? A ILE 63  
64  1 Y 1 A ASN -194 ? A ASN 64  
65  1 Y 1 A TYR -193 ? A TYR 65  
66  1 Y 1 A SER -192 ? A SER 66  
67  1 Y 1 A LEU -191 ? A LEU 67  
68  1 Y 1 A LEU -190 ? A LEU 68  
69  1 Y 1 A ALA -189 ? A ALA 69  
70  1 Y 1 A SER -188 ? A SER 70  
71  1 Y 1 A LEU -187 ? A LEU 71  
72  1 Y 1 A LEU -186 ? A LEU 72  
73  1 Y 1 A PRO -185 ? A PRO 73  
74  1 Y 1 A LYS -184 ? A LYS 74  
75  1 Y 1 A GLY -183 ? A GLY 75  
76  1 Y 1 A TYR -182 ? A TYR 76  
77  1 Y 1 A PRO -181 ? A PRO 77  
78  1 Y 1 A GLY -180 ? A GLY 78  
79  1 Y 1 A ARG -179 ? A ARG 79  
80  1 Y 1 A VAL -178 ? A VAL 80  
81  1 Y 1 A ASN -177 ? A ASN 81  
82  1 Y 1 A GLU -176 ? A GLU 82  
83  1 Y 1 A ILE -175 ? A ILE 83  
84  1 Y 1 A LEU -174 ? A LEU 84  
85  1 Y 1 A HIS -173 ? A HIS 85  
86  1 Y 1 A ILE -172 ? A ILE 86  
87  1 Y 1 A LEU -171 ? A LEU 87  
88  1 Y 1 A ILE -170 ? A ILE 88  
89  1 Y 1 A GLN -169 ? A GLN 89  
90  1 Y 1 A THR -168 ? A THR 90  
91  1 Y 1 A GLN -167 ? A GLN 91  
92  1 Y 1 A ALA -166 ? A ALA 92  
93  1 Y 1 A GLN -165 ? A GLN 93  
94  1 Y 1 A ILE -164 ? A ILE 94  
95  1 Y 1 A PRO -163 ? A PRO 95  
96  1 Y 1 A SER -162 ? A SER 96  
97  1 Y 1 A ARG -161 ? A ARG 97  
98  1 Y 1 A PRO -160 ? A PRO 98  
99  1 Y 1 A ALA -159 ? A ALA 99  
100 1 Y 1 A PRO -158 ? A PRO 100 
101 1 Y 1 A PRO -157 ? A PRO 101 
102 1 Y 1 A PRO -156 ? A PRO 102 
103 1 Y 1 A PRO -155 ? A PRO 103 
104 1 Y 1 A SER -154 ? A SER 104 
105 1 Y 1 A SER -153 ? A SER 105 
106 1 Y 1 A PRO -152 ? A PRO 106 
107 1 Y 1 A THR -151 ? A THR 107 
108 1 Y 1 A HIS -150 ? A HIS 108 
109 1 Y 1 A ASP -149 ? A ASP 109 
110 1 Y 1 A PRO -148 ? A PRO 110 
111 1 Y 1 A PRO -147 ? A PRO 111 
112 1 Y 1 A ASP -146 ? A ASP 112 
113 1 Y 1 A SER -145 ? A SER 113 
114 1 Y 1 A ASP -144 ? A ASP 114 
115 1 Y 1 A PRO -143 ? A PRO 115 
116 1 Y 1 A GLN -142 ? A GLN 116 
117 1 Y 1 A ILE -141 ? A ILE 117 
118 1 Y 1 A PRO -140 ? A PRO 118 
119 1 Y 1 A PRO -139 ? A PRO 119 
120 1 Y 1 A PRO -138 ? A PRO 120 
121 1 Y 1 A TYR -137 ? A TYR 121 
122 1 Y 1 A VAL -136 ? A VAL 122 
123 1 Y 1 A GLU -135 ? A GLU 123 
124 1 Y 1 A PRO -134 ? A PRO 124 
125 1 Y 1 A THR -133 ? A THR 125 
126 1 Y 1 A ALA -132 ? A ALA 126 
127 1 Y 1 A PRO -131 ? A PRO 127 
128 1 Y 1 A GLN -130 ? A GLN 128 
129 1 Y 1 A VAL -129 ? A VAL 129 
130 1 Y 1 A LEU -128 ? A LEU 130 
131 1 Y 1 A PRO -127 ? A PRO 131 
132 1 Y 1 A VAL -126 ? A VAL 132 
133 1 Y 1 A MET -125 ? A MET 133 
134 1 Y 1 A HIS -124 ? A HIS 134 
135 1 Y 1 A PRO -123 ? A PRO 135 
136 1 Y 1 A HIS -122 ? A HIS 136 
137 1 Y 1 A GLY -121 ? A GLY 137 
138 1 Y 1 A ALA -120 ? A ALA 138 
139 1 Y 1 A PRO -119 ? A PRO 139 
140 1 Y 1 A PRO -118 ? A PRO 140 
141 1 Y 1 A ASN -117 ? A ASN 141 
142 1 Y 1 A HIS -116 ? A HIS 142 
143 1 Y 1 A ARG -115 ? A ARG 143 
144 1 Y 1 A PRO -114 ? A PRO 144 
145 1 Y 1 A TRP -113 ? A TRP 145 
146 1 Y 1 A GLN -112 ? A GLN 146 
147 1 Y 1 A MET -111 ? A MET 147 
148 1 Y 1 A LYS -110 ? A LYS 148 
149 1 Y 1 A ASP -109 ? A ASP 149 
150 1 Y 1 A LEU -108 ? A LEU 150 
151 1 Y 1 A GLN -107 ? A GLN 151 
152 1 Y 1 A ALA -106 ? A ALA 152 
153 1 Y 1 A ILE -105 ? A ILE 153 
154 1 Y 1 A LYS -104 ? A LYS 154 
155 1 Y 1 A GLN -103 ? A GLN 155 
156 1 Y 1 A GLU -102 ? A GLU 156 
157 1 Y 1 A VAL -101 ? A VAL 157 
158 1 Y 1 A SER -100 ? A SER 158 
159 1 Y 1 A GLN -99  ? A GLN 159 
160 1 Y 1 A ALA -98  ? A ALA 160 
161 1 Y 1 A ALA -97  ? A ALA 161 
162 1 Y 1 A PRO -96  ? A PRO 162 
163 1 Y 1 A GLY -95  ? A GLY 163 
164 1 Y 1 A SER -94  ? A SER 164 
165 1 Y 1 A PRO -93  ? A PRO 165 
166 1 Y 1 A GLN -92  ? A GLN 166 
167 1 Y 1 A PHE -91  ? A PHE 167 
168 1 Y 1 A MET -90  ? A MET 168 
169 1 Y 1 A GLN -89  ? A GLN 169 
170 1 Y 1 A THR -88  ? A THR 170 
171 1 Y 1 A ILE -87  ? A ILE 171 
172 1 Y 1 A ARG -86  ? A ARG 172 
173 1 Y 1 A LEU -85  ? A LEU 173 
174 1 Y 1 A ALA -84  ? A ALA 174 
175 1 Y 1 A VAL -83  ? A VAL 175 
176 1 Y 1 A GLN -82  ? A GLN 176 
177 1 Y 1 A GLN -81  ? A GLN 177 
178 1 Y 1 A PHE -80  ? A PHE 178 
179 1 Y 1 A ASP -79  ? A ASP 179 
180 1 Y 1 A PRO -78  ? A PRO 180 
181 1 Y 1 A THR -77  ? A THR 181 
182 1 Y 1 A ALA -76  ? A ALA 182 
183 1 Y 1 A LYS -75  ? A LYS 183 
184 1 Y 1 A ASP -74  ? A ASP 184 
185 1 Y 1 A LEU -73  ? A LEU 185 
186 1 Y 1 A GLN -72  ? A GLN 186 
187 1 Y 1 A ASP -71  ? A ASP 187 
188 1 Y 1 A LEU -70  ? A LEU 188 
189 1 Y 1 A LEU -69  ? A LEU 189 
190 1 Y 1 A GLN -68  ? A GLN 190 
191 1 Y 1 A TYR -67  ? A TYR 191 
192 1 Y 1 A LEU -66  ? A LEU 192 
193 1 Y 1 A CYS -65  ? A CYS 193 
194 1 Y 1 A SER -64  ? A SER 194 
195 1 Y 1 A SER -63  ? A SER 195 
196 1 Y 1 A LEU -62  ? A LEU 196 
197 1 Y 1 A VAL -61  ? A VAL 197 
198 1 Y 1 A ALA -60  ? A ALA 198 
199 1 Y 1 A SER -59  ? A SER 199 
200 1 Y 1 A LEU -58  ? A LEU 200 
201 1 Y 1 A HIS -57  ? A HIS 201 
202 1 Y 1 A HIS -56  ? A HIS 202 
203 1 Y 1 A GLN -55  ? A GLN 203 
204 1 Y 1 A GLN -54  ? A GLN 204 
205 1 Y 1 A LEU -53  ? A LEU 205 
206 1 Y 1 A ASP -52  ? A ASP 206 
207 1 Y 1 A SER -51  ? A SER 207 
208 1 Y 1 A LEU -50  ? A LEU 208 
209 1 Y 1 A ILE -49  ? A ILE 209 
210 1 Y 1 A SER -48  ? A SER 210 
211 1 Y 1 A GLU -47  ? A GLU 211 
212 1 Y 1 A ALA -46  ? A ALA 212 
213 1 Y 1 A GLU -45  ? A GLU 213 
214 1 Y 1 A THR -44  ? A THR 214 
215 1 Y 1 A ARG -43  ? A ARG 215 
216 1 Y 1 A GLY -42  ? A GLY 216 
217 1 Y 1 A ILE -41  ? A ILE 217 
218 1 Y 1 A THR -40  ? A THR 218 
219 1 Y 1 A GLY -39  ? A GLY 219 
220 1 Y 1 A TYR -38  ? A TYR 220 
221 1 Y 1 A ASN -37  ? A ASN 221 
222 1 Y 1 A PRO -36  ? A PRO 222 
223 1 Y 1 A LEU -35  ? A LEU 223 
224 1 Y 1 A ALA -34  ? A ALA 224 
225 1 Y 1 A GLY -33  ? A GLY 225 
226 1 Y 1 A PRO -32  ? A PRO 226 
227 1 Y 1 A LEU -31  ? A LEU 227 
228 1 Y 1 A ARG -30  ? A ARG 228 
229 1 Y 1 A VAL -29  ? A VAL 229 
230 1 Y 1 A GLN -28  ? A GLN 230 
231 1 Y 1 A ALA -27  ? A ALA 231 
232 1 Y 1 A ASN -26  ? A ASN 232 
233 1 Y 1 A ASN -25  ? A ASN 233 
234 1 Y 1 A PRO -24  ? A PRO 234 
235 1 Y 1 A GLN -23  ? A GLN 235 
236 1 Y 1 A GLN -22  ? A GLN 236 
237 1 Y 1 A GLN -21  ? A GLN 237 
238 1 Y 1 A GLY -20  ? A GLY 238 
239 1 Y 1 A LEU -19  ? A LEU 239 
240 1 Y 1 A ARG -18  ? A ARG 240 
241 1 Y 1 A ARG -17  ? A ARG 241 
242 1 Y 1 A GLU -16  ? A GLU 242 
243 1 Y 1 A TYR -15  ? A TYR 243 
244 1 Y 1 A GLN -14  ? A GLN 244 
245 1 Y 1 A GLN -13  ? A GLN 245 
246 1 Y 1 A LEU -12  ? A LEU 246 
247 1 Y 1 A TRP -11  ? A TRP 247 
248 1 Y 1 A LEU -10  ? A LEU 248 
249 1 Y 1 A ALA -9   ? A ALA 249 
250 1 Y 1 A ALA -8   ? A ALA 250 
251 1 Y 1 A PHE -7   ? A PHE 251 
252 1 Y 1 A ALA -6   ? A ALA 252 
253 1 Y 1 A ALA -5   ? A ALA 253 
254 1 Y 1 A LEU -4   ? A LEU 254 
255 1 Y 1 A PRO -3   ? A PRO 255 
256 1 Y 1 A GLY -2   ? A GLY 256 
257 1 Y 1 A SER -1   ? A SER 257 
258 1 Y 1 A ALA 0    ? A ALA 258 
259 1 Y 1 A LYS 80   ? A LYS 338 
260 1 Y 1 A ASP 81   ? A ASP 339 
261 1 Y 1 A LYS 82   ? A LYS 340 
262 1 Y 1 A THR 83   ? A THR 341 
263 1 Y 1 A LYS 84   ? A LYS 342 
264 1 Y 1 A VAL 85   ? A VAL 343 
265 1 Y 1 A LEU 86   ? A LEU 344 
266 1 Y 1 A VAL 87   ? A VAL 345 
267 1 Y 1 A VAL 88   ? A VAL 346 
268 1 Y 1 A GLN 89   ? A GLN 347 
269 1 Y 1 A PRO 90   ? A PRO 348 
270 1 Y 1 A LYS 91   ? A LYS 349 
271 1 Y 1 A LYS 92   ? A LYS 350 
272 1 Y 1 A PRO 93   ? A PRO 351 
273 1 Y 1 A PRO 94   ? A PRO 352 
274 1 Y 1 A PRO 95   ? A PRO 353 
275 1 Y 1 A ASN 96   ? A ASN 354 
276 1 Y 1 A GLN 97   ? A GLN 355 
277 1 Y 1 A PRO 98   ? A PRO 356 
278 1 Y 1 A CYS 99   ? A CYS 357 
279 1 Y 1 A PHE 100  ? A PHE 358 
280 1 Y 1 A ARG 101  ? A ARG 359 
281 1 Y 1 A CYS 102  ? A CYS 360 
282 1 Y 1 A GLY 103  ? A GLY 361 
283 1 Y 1 A LYS 104  ? A LYS 362 
284 1 Y 1 A ALA 105  ? A ALA 363 
285 1 Y 1 A GLY 106  ? A GLY 364 
286 1 Y 1 A HIS 107  ? A HIS 365 
287 1 Y 1 A TRP 108  ? A TRP 366 
288 1 Y 1 A SER 109  ? A SER 367 
289 1 Y 1 A ARG 110  ? A ARG 368 
290 1 Y 1 A ASP 111  ? A ASP 369 
291 1 Y 1 A CYS 112  ? A CYS 370 
292 1 Y 1 A THR 113  ? A THR 371 
293 1 Y 1 A GLN 114  ? A GLN 372 
294 1 Y 1 A PRO 115  ? A PRO 373 
295 1 Y 1 A ARG 116  ? A ARG 374 
296 1 Y 1 A PRO 117  ? A PRO 375 
297 1 Y 1 A PRO 118  ? A PRO 376 
298 1 Y 1 A PRO 119  ? A PRO 377 
299 1 Y 1 A GLY 120  ? A GLY 378 
300 1 Y 1 A PRO 121  ? A PRO 379 
301 1 Y 1 A CYS 122  ? A CYS 380 
302 1 Y 1 A PRO 123  ? A PRO 381 
303 1 Y 1 A LEU 124  ? A LEU 382 
304 1 Y 1 A CYS 125  ? A CYS 383 
305 1 Y 1 A GLN 126  ? A GLN 384 
306 1 Y 1 A ASP 127  ? A ASP 385 
307 1 Y 1 A PRO 128  ? A PRO 386 
308 1 Y 1 A THR 129  ? A THR 387 
309 1 Y 1 A HIS 130  ? A HIS 388 
310 1 Y 1 A TRP 131  ? A TRP 389 
311 1 Y 1 A LYS 132  ? A LYS 390 
312 1 Y 1 A ARG 133  ? A ARG 391 
313 1 Y 1 A ASP 134  ? A ASP 392 
314 1 Y 1 A CYS 135  ? A CYS 393 
315 1 Y 1 A PRO 136  ? A PRO 394 
316 1 Y 1 A ARG 137  ? A ARG 395 
317 1 Y 1 A LEU 138  ? A LEU 396 
318 1 Y 1 A LYS 139  ? A LYS 397 
319 1 Y 1 A PRO 140  ? A PRO 398 
320 1 Y 1 A THR 141  ? A THR 399 
321 1 Y 1 A ILE 142  ? A ILE 400 
322 1 Y 1 A PRO 143  ? A PRO 401 
323 1 Y 1 A GLU 144  ? A GLU 402 
324 1 Y 1 A PRO 145  ? A PRO 403 
325 1 Y 1 A GLU 146  ? A GLU 404 
326 1 Y 1 A PRO 147  ? A PRO 405 
327 1 Y 1 A GLU 148  ? A GLU 406 
328 1 Y 1 A GLU 149  ? A GLU 407 
329 1 Y 1 A ASP 150  ? A ASP 408 
330 1 Y 1 A ALA 151  ? A ALA 409 
331 1 Y 1 A LEU 152  ? A LEU 410 
332 1 Y 1 A LEU 153  ? A LEU 411 
333 1 Y 1 A LEU 154  ? A LEU 412 
334 1 Y 1 A ASP 155  ? A ASP 413 
335 1 Y 1 A LEU 156  ? A LEU 414 
336 1 Y 1 A PRO 157  ? A PRO 415 
337 1 Y 1 A ALA 158  ? A ALA 416 
338 1 Y 1 A ASP 159  ? A ASP 417 
339 1 Y 1 A ILE 160  ? A ILE 418 
340 1 Y 1 A PRO 161  ? A PRO 419 
341 1 Y 1 A HIS 162  ? A HIS 420 
342 1 Y 1 A PRO 163  ? A PRO 421 
343 1 Y 1 A LYS 164  ? A LYS 422 
344 1 Y 1 A ASN 165  ? A ASN 423 
345 1 Y 1 A SER 166  ? A SER 424 
346 1 Y 1 A ILE 167  ? A ILE 425 
347 1 Y 1 A GLY 168  ? A GLY 426 
348 1 Y 1 A GLY 169  ? A GLY 427 
349 1 Y 1 A GLU 170  ? A GLU 428 
350 1 Y 1 A VAL 171  ? A VAL 429 
351 1 Y 1 B MET -257 ? B MET 1   
352 1 Y 1 B GLY -256 ? B GLY 2   
353 1 Y 1 B GLN -255 ? B GLN 3   
354 1 Y 1 B ILE -254 ? B ILE 4   
355 1 Y 1 B PHE -253 ? B PHE 5   
356 1 Y 1 B SER -252 ? B SER 6   
357 1 Y 1 B ARG -251 ? B ARG 7   
358 1 Y 1 B SER -250 ? B SER 8   
359 1 Y 1 B ALA -249 ? B ALA 9   
360 1 Y 1 B SER -248 ? B SER 10  
361 1 Y 1 B PRO -247 ? B PRO 11  
362 1 Y 1 B ILE -246 ? B ILE 12  
363 1 Y 1 B PRO -245 ? B PRO 13  
364 1 Y 1 B ARG -244 ? B ARG 14  
365 1 Y 1 B PRO -243 ? B PRO 15  
366 1 Y 1 B PRO -242 ? B PRO 16  
367 1 Y 1 B ARG -241 ? B ARG 17  
368 1 Y 1 B GLY -240 ? B GLY 18  
369 1 Y 1 B LEU -239 ? B LEU 19  
370 1 Y 1 B ALA -238 ? B ALA 20  
371 1 Y 1 B ALA -237 ? B ALA 21  
372 1 Y 1 B HIS -236 ? B HIS 22  
373 1 Y 1 B HIS -235 ? B HIS 23  
374 1 Y 1 B TRP -234 ? B TRP 24  
375 1 Y 1 B LEU -233 ? B LEU 25  
376 1 Y 1 B ASN -232 ? B ASN 26  
377 1 Y 1 B PHE -231 ? B PHE 27  
378 1 Y 1 B LEU -230 ? B LEU 28  
379 1 Y 1 B GLN -229 ? B GLN 29  
380 1 Y 1 B ALA -228 ? B ALA 30  
381 1 Y 1 B ALA -227 ? B ALA 31  
382 1 Y 1 B TYR -226 ? B TYR 32  
383 1 Y 1 B ARG -225 ? B ARG 33  
384 1 Y 1 B LEU -224 ? B LEU 34  
385 1 Y 1 B GLU -223 ? B GLU 35  
386 1 Y 1 B PRO -222 ? B PRO 36  
387 1 Y 1 B GLY -221 ? B GLY 37  
388 1 Y 1 B PRO -220 ? B PRO 38  
389 1 Y 1 B SER -219 ? B SER 39  
390 1 Y 1 B SER -218 ? B SER 40  
391 1 Y 1 B TYR -217 ? B TYR 41  
392 1 Y 1 B ASP -216 ? B ASP 42  
393 1 Y 1 B PHE -215 ? B PHE 43  
394 1 Y 1 B HIS -214 ? B HIS 44  
395 1 Y 1 B GLN -213 ? B GLN 45  
396 1 Y 1 B LEU -212 ? B LEU 46  
397 1 Y 1 B LYS -211 ? B LYS 47  
398 1 Y 1 B LYS -210 ? B LYS 48  
399 1 Y 1 B PHE -209 ? B PHE 49  
400 1 Y 1 B LEU -208 ? B LEU 50  
401 1 Y 1 B LYS -207 ? B LYS 51  
402 1 Y 1 B ILE -206 ? B ILE 52  
403 1 Y 1 B ALA -205 ? B ALA 53  
404 1 Y 1 B LEU -204 ? B LEU 54  
405 1 Y 1 B GLU -203 ? B GLU 55  
406 1 Y 1 B THR -202 ? B THR 56  
407 1 Y 1 B PRO -201 ? B PRO 57  
408 1 Y 1 B ALA -200 ? B ALA 58  
409 1 Y 1 B ARG -199 ? B ARG 59  
410 1 Y 1 B ILE -198 ? B ILE 60  
411 1 Y 1 B CYS -197 ? B CYS 61  
412 1 Y 1 B PRO -196 ? B PRO 62  
413 1 Y 1 B ILE -195 ? B ILE 63  
414 1 Y 1 B ASN -194 ? B ASN 64  
415 1 Y 1 B TYR -193 ? B TYR 65  
416 1 Y 1 B SER -192 ? B SER 66  
417 1 Y 1 B LEU -191 ? B LEU 67  
418 1 Y 1 B LEU -190 ? B LEU 68  
419 1 Y 1 B ALA -189 ? B ALA 69  
420 1 Y 1 B SER -188 ? B SER 70  
421 1 Y 1 B LEU -187 ? B LEU 71  
422 1 Y 1 B LEU -186 ? B LEU 72  
423 1 Y 1 B PRO -185 ? B PRO 73  
424 1 Y 1 B LYS -184 ? B LYS 74  
425 1 Y 1 B GLY -183 ? B GLY 75  
426 1 Y 1 B TYR -182 ? B TYR 76  
427 1 Y 1 B PRO -181 ? B PRO 77  
428 1 Y 1 B GLY -180 ? B GLY 78  
429 1 Y 1 B ARG -179 ? B ARG 79  
430 1 Y 1 B VAL -178 ? B VAL 80  
431 1 Y 1 B ASN -177 ? B ASN 81  
432 1 Y 1 B GLU -176 ? B GLU 82  
433 1 Y 1 B ILE -175 ? B ILE 83  
434 1 Y 1 B LEU -174 ? B LEU 84  
435 1 Y 1 B HIS -173 ? B HIS 85  
436 1 Y 1 B ILE -172 ? B ILE 86  
437 1 Y 1 B LEU -171 ? B LEU 87  
438 1 Y 1 B ILE -170 ? B ILE 88  
439 1 Y 1 B GLN -169 ? B GLN 89  
440 1 Y 1 B THR -168 ? B THR 90  
441 1 Y 1 B GLN -167 ? B GLN 91  
442 1 Y 1 B ALA -166 ? B ALA 92  
443 1 Y 1 B GLN -165 ? B GLN 93  
444 1 Y 1 B ILE -164 ? B ILE 94  
445 1 Y 1 B PRO -163 ? B PRO 95  
446 1 Y 1 B SER -162 ? B SER 96  
447 1 Y 1 B ARG -161 ? B ARG 97  
448 1 Y 1 B PRO -160 ? B PRO 98  
449 1 Y 1 B ALA -159 ? B ALA 99  
450 1 Y 1 B PRO -158 ? B PRO 100 
451 1 Y 1 B PRO -157 ? B PRO 101 
452 1 Y 1 B PRO -156 ? B PRO 102 
453 1 Y 1 B PRO -155 ? B PRO 103 
454 1 Y 1 B SER -154 ? B SER 104 
455 1 Y 1 B SER -153 ? B SER 105 
456 1 Y 1 B PRO -152 ? B PRO 106 
457 1 Y 1 B THR -151 ? B THR 107 
458 1 Y 1 B HIS -150 ? B HIS 108 
459 1 Y 1 B ASP -149 ? B ASP 109 
460 1 Y 1 B PRO -148 ? B PRO 110 
461 1 Y 1 B PRO -147 ? B PRO 111 
462 1 Y 1 B ASP -146 ? B ASP 112 
463 1 Y 1 B SER -145 ? B SER 113 
464 1 Y 1 B ASP -144 ? B ASP 114 
465 1 Y 1 B PRO -143 ? B PRO 115 
466 1 Y 1 B GLN -142 ? B GLN 116 
467 1 Y 1 B ILE -141 ? B ILE 117 
468 1 Y 1 B PRO -140 ? B PRO 118 
469 1 Y 1 B PRO -139 ? B PRO 119 
470 1 Y 1 B PRO -138 ? B PRO 120 
471 1 Y 1 B TYR -137 ? B TYR 121 
472 1 Y 1 B VAL -136 ? B VAL 122 
473 1 Y 1 B GLU -135 ? B GLU 123 
474 1 Y 1 B PRO -134 ? B PRO 124 
475 1 Y 1 B THR -133 ? B THR 125 
476 1 Y 1 B ALA -132 ? B ALA 126 
477 1 Y 1 B PRO -131 ? B PRO 127 
478 1 Y 1 B GLN -130 ? B GLN 128 
479 1 Y 1 B VAL -129 ? B VAL 129 
480 1 Y 1 B LEU -128 ? B LEU 130 
481 1 Y 1 B PRO -127 ? B PRO 131 
482 1 Y 1 B VAL -126 ? B VAL 132 
483 1 Y 1 B MET -125 ? B MET 133 
484 1 Y 1 B HIS -124 ? B HIS 134 
485 1 Y 1 B PRO -123 ? B PRO 135 
486 1 Y 1 B HIS -122 ? B HIS 136 
487 1 Y 1 B GLY -121 ? B GLY 137 
488 1 Y 1 B ALA -120 ? B ALA 138 
489 1 Y 1 B PRO -119 ? B PRO 139 
490 1 Y 1 B PRO -118 ? B PRO 140 
491 1 Y 1 B ASN -117 ? B ASN 141 
492 1 Y 1 B HIS -116 ? B HIS 142 
493 1 Y 1 B ARG -115 ? B ARG 143 
494 1 Y 1 B PRO -114 ? B PRO 144 
495 1 Y 1 B TRP -113 ? B TRP 145 
496 1 Y 1 B GLN -112 ? B GLN 146 
497 1 Y 1 B MET -111 ? B MET 147 
498 1 Y 1 B LYS -110 ? B LYS 148 
499 1 Y 1 B ASP -109 ? B ASP 149 
500 1 Y 1 B LEU -108 ? B LEU 150 
501 1 Y 1 B GLN -107 ? B GLN 151 
502 1 Y 1 B ALA -106 ? B ALA 152 
503 1 Y 1 B ILE -105 ? B ILE 153 
504 1 Y 1 B LYS -104 ? B LYS 154 
505 1 Y 1 B GLN -103 ? B GLN 155 
506 1 Y 1 B GLU -102 ? B GLU 156 
507 1 Y 1 B VAL -101 ? B VAL 157 
508 1 Y 1 B SER -100 ? B SER 158 
509 1 Y 1 B GLN -99  ? B GLN 159 
510 1 Y 1 B ALA -98  ? B ALA 160 
511 1 Y 1 B ALA -97  ? B ALA 161 
512 1 Y 1 B PRO -96  ? B PRO 162 
513 1 Y 1 B GLY -95  ? B GLY 163 
514 1 Y 1 B SER -94  ? B SER 164 
515 1 Y 1 B PRO -93  ? B PRO 165 
516 1 Y 1 B GLN -92  ? B GLN 166 
517 1 Y 1 B PHE -91  ? B PHE 167 
518 1 Y 1 B MET -90  ? B MET 168 
519 1 Y 1 B GLN -89  ? B GLN 169 
520 1 Y 1 B THR -88  ? B THR 170 
521 1 Y 1 B ILE -87  ? B ILE 171 
522 1 Y 1 B ARG -86  ? B ARG 172 
523 1 Y 1 B LEU -85  ? B LEU 173 
524 1 Y 1 B ALA -84  ? B ALA 174 
525 1 Y 1 B VAL -83  ? B VAL 175 
526 1 Y 1 B GLN -82  ? B GLN 176 
527 1 Y 1 B GLN -81  ? B GLN 177 
528 1 Y 1 B PHE -80  ? B PHE 178 
529 1 Y 1 B ASP -79  ? B ASP 179 
530 1 Y 1 B PRO -78  ? B PRO 180 
531 1 Y 1 B THR -77  ? B THR 181 
532 1 Y 1 B ALA -76  ? B ALA 182 
533 1 Y 1 B LYS -75  ? B LYS 183 
534 1 Y 1 B ASP -74  ? B ASP 184 
535 1 Y 1 B LEU -73  ? B LEU 185 
536 1 Y 1 B GLN -72  ? B GLN 186 
537 1 Y 1 B ASP -71  ? B ASP 187 
538 1 Y 1 B LEU -70  ? B LEU 188 
539 1 Y 1 B LEU -69  ? B LEU 189 
540 1 Y 1 B GLN -68  ? B GLN 190 
541 1 Y 1 B TYR -67  ? B TYR 191 
542 1 Y 1 B LEU -66  ? B LEU 192 
543 1 Y 1 B CYS -65  ? B CYS 193 
544 1 Y 1 B SER -64  ? B SER 194 
545 1 Y 1 B SER -63  ? B SER 195 
546 1 Y 1 B LEU -62  ? B LEU 196 
547 1 Y 1 B VAL -61  ? B VAL 197 
548 1 Y 1 B ALA -60  ? B ALA 198 
549 1 Y 1 B SER -59  ? B SER 199 
550 1 Y 1 B LEU -58  ? B LEU 200 
551 1 Y 1 B HIS -57  ? B HIS 201 
552 1 Y 1 B HIS -56  ? B HIS 202 
553 1 Y 1 B GLN -55  ? B GLN 203 
554 1 Y 1 B GLN -54  ? B GLN 204 
555 1 Y 1 B LEU -53  ? B LEU 205 
556 1 Y 1 B ASP -52  ? B ASP 206 
557 1 Y 1 B SER -51  ? B SER 207 
558 1 Y 1 B LEU -50  ? B LEU 208 
559 1 Y 1 B ILE -49  ? B ILE 209 
560 1 Y 1 B SER -48  ? B SER 210 
561 1 Y 1 B GLU -47  ? B GLU 211 
562 1 Y 1 B ALA -46  ? B ALA 212 
563 1 Y 1 B GLU -45  ? B GLU 213 
564 1 Y 1 B THR -44  ? B THR 214 
565 1 Y 1 B ARG -43  ? B ARG 215 
566 1 Y 1 B GLY -42  ? B GLY 216 
567 1 Y 1 B ILE -41  ? B ILE 217 
568 1 Y 1 B THR -40  ? B THR 218 
569 1 Y 1 B GLY -39  ? B GLY 219 
570 1 Y 1 B TYR -38  ? B TYR 220 
571 1 Y 1 B ASN -37  ? B ASN 221 
572 1 Y 1 B PRO -36  ? B PRO 222 
573 1 Y 1 B LEU -35  ? B LEU 223 
574 1 Y 1 B ALA -34  ? B ALA 224 
575 1 Y 1 B GLY -33  ? B GLY 225 
576 1 Y 1 B PRO -32  ? B PRO 226 
577 1 Y 1 B LEU -31  ? B LEU 227 
578 1 Y 1 B ARG -30  ? B ARG 228 
579 1 Y 1 B VAL -29  ? B VAL 229 
580 1 Y 1 B GLN -28  ? B GLN 230 
581 1 Y 1 B ALA -27  ? B ALA 231 
582 1 Y 1 B ASN -26  ? B ASN 232 
583 1 Y 1 B ASN -25  ? B ASN 233 
584 1 Y 1 B PRO -24  ? B PRO 234 
585 1 Y 1 B GLN -23  ? B GLN 235 
586 1 Y 1 B GLN -22  ? B GLN 236 
587 1 Y 1 B GLN -21  ? B GLN 237 
588 1 Y 1 B GLY -20  ? B GLY 238 
589 1 Y 1 B LEU -19  ? B LEU 239 
590 1 Y 1 B ARG -18  ? B ARG 240 
591 1 Y 1 B ARG -17  ? B ARG 241 
592 1 Y 1 B GLU -16  ? B GLU 242 
593 1 Y 1 B TYR -15  ? B TYR 243 
594 1 Y 1 B GLN -14  ? B GLN 244 
595 1 Y 1 B GLN -13  ? B GLN 245 
596 1 Y 1 B LEU -12  ? B LEU 246 
597 1 Y 1 B TRP -11  ? B TRP 247 
598 1 Y 1 B LEU -10  ? B LEU 248 
599 1 Y 1 B ALA -9   ? B ALA 249 
600 1 Y 1 B ALA -8   ? B ALA 250 
601 1 Y 1 B PHE -7   ? B PHE 251 
602 1 Y 1 B ALA -6   ? B ALA 252 
603 1 Y 1 B ALA -5   ? B ALA 253 
604 1 Y 1 B LEU -4   ? B LEU 254 
605 1 Y 1 B PRO -3   ? B PRO 255 
606 1 Y 1 B GLY -2   ? B GLY 256 
607 1 Y 1 B SER -1   ? B SER 257 
608 1 Y 1 B ALA 0    ? B ALA 258 
609 1 Y 1 B LYS 80   ? B LYS 338 
610 1 Y 1 B ASP 81   ? B ASP 339 
611 1 Y 1 B LYS 82   ? B LYS 340 
612 1 Y 1 B THR 83   ? B THR 341 
613 1 Y 1 B LYS 84   ? B LYS 342 
614 1 Y 1 B VAL 85   ? B VAL 343 
615 1 Y 1 B LEU 86   ? B LEU 344 
616 1 Y 1 B VAL 87   ? B VAL 345 
617 1 Y 1 B VAL 88   ? B VAL 346 
618 1 Y 1 B GLN 89   ? B GLN 347 
619 1 Y 1 B PRO 90   ? B PRO 348 
620 1 Y 1 B LYS 91   ? B LYS 349 
621 1 Y 1 B LYS 92   ? B LYS 350 
622 1 Y 1 B PRO 93   ? B PRO 351 
623 1 Y 1 B PRO 94   ? B PRO 352 
624 1 Y 1 B PRO 95   ? B PRO 353 
625 1 Y 1 B ASN 96   ? B ASN 354 
626 1 Y 1 B GLN 97   ? B GLN 355 
627 1 Y 1 B PRO 98   ? B PRO 356 
628 1 Y 1 B CYS 99   ? B CYS 357 
629 1 Y 1 B PHE 100  ? B PHE 358 
630 1 Y 1 B ARG 101  ? B ARG 359 
631 1 Y 1 B CYS 102  ? B CYS 360 
632 1 Y 1 B GLY 103  ? B GLY 361 
633 1 Y 1 B LYS 104  ? B LYS 362 
634 1 Y 1 B ALA 105  ? B ALA 363 
635 1 Y 1 B GLY 106  ? B GLY 364 
636 1 Y 1 B HIS 107  ? B HIS 365 
637 1 Y 1 B TRP 108  ? B TRP 366 
638 1 Y 1 B SER 109  ? B SER 367 
639 1 Y 1 B ARG 110  ? B ARG 368 
640 1 Y 1 B ASP 111  ? B ASP 369 
641 1 Y 1 B CYS 112  ? B CYS 370 
642 1 Y 1 B THR 113  ? B THR 371 
643 1 Y 1 B GLN 114  ? B GLN 372 
644 1 Y 1 B PRO 115  ? B PRO 373 
645 1 Y 1 B ARG 116  ? B ARG 374 
646 1 Y 1 B PRO 117  ? B PRO 375 
647 1 Y 1 B PRO 118  ? B PRO 376 
648 1 Y 1 B PRO 119  ? B PRO 377 
649 1 Y 1 B GLY 120  ? B GLY 378 
650 1 Y 1 B PRO 121  ? B PRO 379 
651 1 Y 1 B CYS 122  ? B CYS 380 
652 1 Y 1 B PRO 123  ? B PRO 381 
653 1 Y 1 B LEU 124  ? B LEU 382 
654 1 Y 1 B CYS 125  ? B CYS 383 
655 1 Y 1 B GLN 126  ? B GLN 384 
656 1 Y 1 B ASP 127  ? B ASP 385 
657 1 Y 1 B PRO 128  ? B PRO 386 
658 1 Y 1 B THR 129  ? B THR 387 
659 1 Y 1 B HIS 130  ? B HIS 388 
660 1 Y 1 B TRP 131  ? B TRP 389 
661 1 Y 1 B LYS 132  ? B LYS 390 
662 1 Y 1 B ARG 133  ? B ARG 391 
663 1 Y 1 B ASP 134  ? B ASP 392 
664 1 Y 1 B CYS 135  ? B CYS 393 
665 1 Y 1 B PRO 136  ? B PRO 394 
666 1 Y 1 B ARG 137  ? B ARG 395 
667 1 Y 1 B LEU 138  ? B LEU 396 
668 1 Y 1 B LYS 139  ? B LYS 397 
669 1 Y 1 B PRO 140  ? B PRO 398 
670 1 Y 1 B THR 141  ? B THR 399 
671 1 Y 1 B ILE 142  ? B ILE 400 
672 1 Y 1 B PRO 143  ? B PRO 401 
673 1 Y 1 B GLU 144  ? B GLU 402 
674 1 Y 1 B PRO 145  ? B PRO 403 
675 1 Y 1 B GLU 146  ? B GLU 404 
676 1 Y 1 B PRO 147  ? B PRO 405 
677 1 Y 1 B GLU 148  ? B GLU 406 
678 1 Y 1 B GLU 149  ? B GLU 407 
679 1 Y 1 B ASP 150  ? B ASP 408 
680 1 Y 1 B ALA 151  ? B ALA 409 
681 1 Y 1 B LEU 152  ? B LEU 410 
682 1 Y 1 B LEU 153  ? B LEU 411 
683 1 Y 1 B LEU 154  ? B LEU 412 
684 1 Y 1 B ASP 155  ? B ASP 413 
685 1 Y 1 B LEU 156  ? B LEU 414 
686 1 Y 1 B PRO 157  ? B PRO 415 
687 1 Y 1 B ALA 158  ? B ALA 416 
688 1 Y 1 B ASP 159  ? B ASP 417 
689 1 Y 1 B ILE 160  ? B ILE 418 
690 1 Y 1 B PRO 161  ? B PRO 419 
691 1 Y 1 B HIS 162  ? B HIS 420 
692 1 Y 1 B PRO 163  ? B PRO 421 
693 1 Y 1 B LYS 164  ? B LYS 422 
694 1 Y 1 B ASN 165  ? B ASN 423 
695 1 Y 1 B SER 166  ? B SER 424 
696 1 Y 1 B ILE 167  ? B ILE 425 
697 1 Y 1 B GLY 168  ? B GLY 426 
698 1 Y 1 B GLY 169  ? B GLY 427 
699 1 Y 1 B GLU 170  ? B GLU 428 
700 1 Y 1 B VAL 171  ? B VAL 429 
# 
loop_
_chem_comp_atom.comp_id 
_chem_comp_atom.atom_id 
_chem_comp_atom.type_symbol 
_chem_comp_atom.pdbx_aromatic_flag 
_chem_comp_atom.pdbx_stereo_config 
_chem_comp_atom.pdbx_ordinal 
ALA N    N N N 1   
ALA CA   C N S 2   
ALA C    C N N 3   
ALA O    O N N 4   
ALA CB   C N N 5   
ALA OXT  O N N 6   
ALA H    H N N 7   
ALA H2   H N N 8   
ALA HA   H N N 9   
ALA HB1  H N N 10  
ALA HB2  H N N 11  
ALA HB3  H N N 12  
ALA HXT  H N N 13  
ARG N    N N N 14  
ARG CA   C N S 15  
ARG C    C N N 16  
ARG O    O N N 17  
ARG CB   C N N 18  
ARG CG   C N N 19  
ARG CD   C N N 20  
ARG NE   N N N 21  
ARG CZ   C N N 22  
ARG NH1  N N N 23  
ARG NH2  N N N 24  
ARG OXT  O N N 25  
ARG H    H N N 26  
ARG H2   H N N 27  
ARG HA   H N N 28  
ARG HB2  H N N 29  
ARG HB3  H N N 30  
ARG HG2  H N N 31  
ARG HG3  H N N 32  
ARG HD2  H N N 33  
ARG HD3  H N N 34  
ARG HE   H N N 35  
ARG HH11 H N N 36  
ARG HH12 H N N 37  
ARG HH21 H N N 38  
ARG HH22 H N N 39  
ARG HXT  H N N 40  
ASN N    N N N 41  
ASN CA   C N S 42  
ASN C    C N N 43  
ASN O    O N N 44  
ASN CB   C N N 45  
ASN CG   C N N 46  
ASN OD1  O N N 47  
ASN ND2  N N N 48  
ASN OXT  O N N 49  
ASN H    H N N 50  
ASN H2   H N N 51  
ASN HA   H N N 52  
ASN HB2  H N N 53  
ASN HB3  H N N 54  
ASN HD21 H N N 55  
ASN HD22 H N N 56  
ASN HXT  H N N 57  
ASP N    N N N 58  
ASP CA   C N S 59  
ASP C    C N N 60  
ASP O    O N N 61  
ASP CB   C N N 62  
ASP CG   C N N 63  
ASP OD1  O N N 64  
ASP OD2  O N N 65  
ASP OXT  O N N 66  
ASP H    H N N 67  
ASP H2   H N N 68  
ASP HA   H N N 69  
ASP HB2  H N N 70  
ASP HB3  H N N 71  
ASP HD2  H N N 72  
ASP HXT  H N N 73  
CYS N    N N N 74  
CYS CA   C N R 75  
CYS C    C N N 76  
CYS O    O N N 77  
CYS CB   C N N 78  
CYS SG   S N N 79  
CYS OXT  O N N 80  
CYS H    H N N 81  
CYS H2   H N N 82  
CYS HA   H N N 83  
CYS HB2  H N N 84  
CYS HB3  H N N 85  
CYS HG   H N N 86  
CYS HXT  H N N 87  
GLN N    N N N 88  
GLN CA   C N S 89  
GLN C    C N N 90  
GLN O    O N N 91  
GLN CB   C N N 92  
GLN CG   C N N 93  
GLN CD   C N N 94  
GLN OE1  O N N 95  
GLN NE2  N N N 96  
GLN OXT  O N N 97  
GLN H    H N N 98  
GLN H2   H N N 99  
GLN HA   H N N 100 
GLN HB2  H N N 101 
GLN HB3  H N N 102 
GLN HG2  H N N 103 
GLN HG3  H N N 104 
GLN HE21 H N N 105 
GLN HE22 H N N 106 
GLN HXT  H N N 107 
GLU N    N N N 108 
GLU CA   C N S 109 
GLU C    C N N 110 
GLU O    O N N 111 
GLU CB   C N N 112 
GLU CG   C N N 113 
GLU CD   C N N 114 
GLU OE1  O N N 115 
GLU OE2  O N N 116 
GLU OXT  O N N 117 
GLU H    H N N 118 
GLU H2   H N N 119 
GLU HA   H N N 120 
GLU HB2  H N N 121 
GLU HB3  H N N 122 
GLU HG2  H N N 123 
GLU HG3  H N N 124 
GLU HE2  H N N 125 
GLU HXT  H N N 126 
GLY N    N N N 127 
GLY CA   C N N 128 
GLY C    C N N 129 
GLY O    O N N 130 
GLY OXT  O N N 131 
GLY H    H N N 132 
GLY H2   H N N 133 
GLY HA2  H N N 134 
GLY HA3  H N N 135 
GLY HXT  H N N 136 
HIS N    N N N 137 
HIS CA   C N S 138 
HIS C    C N N 139 
HIS O    O N N 140 
HIS CB   C N N 141 
HIS CG   C Y N 142 
HIS ND1  N Y N 143 
HIS CD2  C Y N 144 
HIS CE1  C Y N 145 
HIS NE2  N Y N 146 
HIS OXT  O N N 147 
HIS H    H N N 148 
HIS H2   H N N 149 
HIS HA   H N N 150 
HIS HB2  H N N 151 
HIS HB3  H N N 152 
HIS HD1  H N N 153 
HIS HD2  H N N 154 
HIS HE1  H N N 155 
HIS HE2  H N N 156 
HIS HXT  H N N 157 
ILE N    N N N 158 
ILE CA   C N S 159 
ILE C    C N N 160 
ILE O    O N N 161 
ILE CB   C N S 162 
ILE CG1  C N N 163 
ILE CG2  C N N 164 
ILE CD1  C N N 165 
ILE OXT  O N N 166 
ILE H    H N N 167 
ILE H2   H N N 168 
ILE HA   H N N 169 
ILE HB   H N N 170 
ILE HG12 H N N 171 
ILE HG13 H N N 172 
ILE HG21 H N N 173 
ILE HG22 H N N 174 
ILE HG23 H N N 175 
ILE HD11 H N N 176 
ILE HD12 H N N 177 
ILE HD13 H N N 178 
ILE HXT  H N N 179 
LEU N    N N N 180 
LEU CA   C N S 181 
LEU C    C N N 182 
LEU O    O N N 183 
LEU CB   C N N 184 
LEU CG   C N N 185 
LEU CD1  C N N 186 
LEU CD2  C N N 187 
LEU OXT  O N N 188 
LEU H    H N N 189 
LEU H2   H N N 190 
LEU HA   H N N 191 
LEU HB2  H N N 192 
LEU HB3  H N N 193 
LEU HG   H N N 194 
LEU HD11 H N N 195 
LEU HD12 H N N 196 
LEU HD13 H N N 197 
LEU HD21 H N N 198 
LEU HD22 H N N 199 
LEU HD23 H N N 200 
LEU HXT  H N N 201 
LYS N    N N N 202 
LYS CA   C N S 203 
LYS C    C N N 204 
LYS O    O N N 205 
LYS CB   C N N 206 
LYS CG   C N N 207 
LYS CD   C N N 208 
LYS CE   C N N 209 
LYS NZ   N N N 210 
LYS OXT  O N N 211 
LYS H    H N N 212 
LYS H2   H N N 213 
LYS HA   H N N 214 
LYS HB2  H N N 215 
LYS HB3  H N N 216 
LYS HG2  H N N 217 
LYS HG3  H N N 218 
LYS HD2  H N N 219 
LYS HD3  H N N 220 
LYS HE2  H N N 221 
LYS HE3  H N N 222 
LYS HZ1  H N N 223 
LYS HZ2  H N N 224 
LYS HZ3  H N N 225 
LYS HXT  H N N 226 
MET N    N N N 227 
MET CA   C N S 228 
MET C    C N N 229 
MET O    O N N 230 
MET CB   C N N 231 
MET CG   C N N 232 
MET SD   S N N 233 
MET CE   C N N 234 
MET OXT  O N N 235 
MET H    H N N 236 
MET H2   H N N 237 
MET HA   H N N 238 
MET HB2  H N N 239 
MET HB3  H N N 240 
MET HG2  H N N 241 
MET HG3  H N N 242 
MET HE1  H N N 243 
MET HE2  H N N 244 
MET HE3  H N N 245 
MET HXT  H N N 246 
PHE N    N N N 247 
PHE CA   C N S 248 
PHE C    C N N 249 
PHE O    O N N 250 
PHE CB   C N N 251 
PHE CG   C Y N 252 
PHE CD1  C Y N 253 
PHE CD2  C Y N 254 
PHE CE1  C Y N 255 
PHE CE2  C Y N 256 
PHE CZ   C Y N 257 
PHE OXT  O N N 258 
PHE H    H N N 259 
PHE H2   H N N 260 
PHE HA   H N N 261 
PHE HB2  H N N 262 
PHE HB3  H N N 263 
PHE HD1  H N N 264 
PHE HD2  H N N 265 
PHE HE1  H N N 266 
PHE HE2  H N N 267 
PHE HZ   H N N 268 
PHE HXT  H N N 269 
PRO N    N N N 270 
PRO CA   C N S 271 
PRO C    C N N 272 
PRO O    O N N 273 
PRO CB   C N N 274 
PRO CG   C N N 275 
PRO CD   C N N 276 
PRO OXT  O N N 277 
PRO H    H N N 278 
PRO HA   H N N 279 
PRO HB2  H N N 280 
PRO HB3  H N N 281 
PRO HG2  H N N 282 
PRO HG3  H N N 283 
PRO HD2  H N N 284 
PRO HD3  H N N 285 
PRO HXT  H N N 286 
SER N    N N N 287 
SER CA   C N S 288 
SER C    C N N 289 
SER O    O N N 290 
SER CB   C N N 291 
SER OG   O N N 292 
SER OXT  O N N 293 
SER H    H N N 294 
SER H2   H N N 295 
SER HA   H N N 296 
SER HB2  H N N 297 
SER HB3  H N N 298 
SER HG   H N N 299 
SER HXT  H N N 300 
THR N    N N N 301 
THR CA   C N S 302 
THR C    C N N 303 
THR O    O N N 304 
THR CB   C N R 305 
THR OG1  O N N 306 
THR CG2  C N N 307 
THR OXT  O N N 308 
THR H    H N N 309 
THR H2   H N N 310 
THR HA   H N N 311 
THR HB   H N N 312 
THR HG1  H N N 313 
THR HG21 H N N 314 
THR HG22 H N N 315 
THR HG23 H N N 316 
THR HXT  H N N 317 
TRP N    N N N 318 
TRP CA   C N S 319 
TRP C    C N N 320 
TRP O    O N N 321 
TRP CB   C N N 322 
TRP CG   C Y N 323 
TRP CD1  C Y N 324 
TRP CD2  C Y N 325 
TRP NE1  N Y N 326 
TRP CE2  C Y N 327 
TRP CE3  C Y N 328 
TRP CZ2  C Y N 329 
TRP CZ3  C Y N 330 
TRP CH2  C Y N 331 
TRP OXT  O N N 332 
TRP H    H N N 333 
TRP H2   H N N 334 
TRP HA   H N N 335 
TRP HB2  H N N 336 
TRP HB3  H N N 337 
TRP HD1  H N N 338 
TRP HE1  H N N 339 
TRP HE3  H N N 340 
TRP HZ2  H N N 341 
TRP HZ3  H N N 342 
TRP HH2  H N N 343 
TRP HXT  H N N 344 
TYR N    N N N 345 
TYR CA   C N S 346 
TYR C    C N N 347 
TYR O    O N N 348 
TYR CB   C N N 349 
TYR CG   C Y N 350 
TYR CD1  C Y N 351 
TYR CD2  C Y N 352 
TYR CE1  C Y N 353 
TYR CE2  C Y N 354 
TYR CZ   C Y N 355 
TYR OH   O N N 356 
TYR OXT  O N N 357 
TYR H    H N N 358 
TYR H2   H N N 359 
TYR HA   H N N 360 
TYR HB2  H N N 361 
TYR HB3  H N N 362 
TYR HD1  H N N 363 
TYR HD2  H N N 364 
TYR HE1  H N N 365 
TYR HE2  H N N 366 
TYR HH   H N N 367 
TYR HXT  H N N 368 
VAL N    N N N 369 
VAL CA   C N S 370 
VAL C    C N N 371 
VAL O    O N N 372 
VAL CB   C N N 373 
VAL CG1  C N N 374 
VAL CG2  C N N 375 
VAL OXT  O N N 376 
VAL H    H N N 377 
VAL H2   H N N 378 
VAL HA   H N N 379 
VAL HB   H N N 380 
VAL HG11 H N N 381 
VAL HG12 H N N 382 
VAL HG13 H N N 383 
VAL HG21 H N N 384 
VAL HG22 H N N 385 
VAL HG23 H N N 386 
VAL HXT  H N N 387 
# 
loop_
_chem_comp_bond.comp_id 
_chem_comp_bond.atom_id_1 
_chem_comp_bond.atom_id_2 
_chem_comp_bond.value_order 
_chem_comp_bond.pdbx_aromatic_flag 
_chem_comp_bond.pdbx_stereo_config 
_chem_comp_bond.pdbx_ordinal 
ALA N   CA   sing N N 1   
ALA N   H    sing N N 2   
ALA N   H2   sing N N 3   
ALA CA  C    sing N N 4   
ALA CA  CB   sing N N 5   
ALA CA  HA   sing N N 6   
ALA C   O    doub N N 7   
ALA C   OXT  sing N N 8   
ALA CB  HB1  sing N N 9   
ALA CB  HB2  sing N N 10  
ALA CB  HB3  sing N N 11  
ALA OXT HXT  sing N N 12  
ARG N   CA   sing N N 13  
ARG N   H    sing N N 14  
ARG N   H2   sing N N 15  
ARG CA  C    sing N N 16  
ARG CA  CB   sing N N 17  
ARG CA  HA   sing N N 18  
ARG C   O    doub N N 19  
ARG C   OXT  sing N N 20  
ARG CB  CG   sing N N 21  
ARG CB  HB2  sing N N 22  
ARG CB  HB3  sing N N 23  
ARG CG  CD   sing N N 24  
ARG CG  HG2  sing N N 25  
ARG CG  HG3  sing N N 26  
ARG CD  NE   sing N N 27  
ARG CD  HD2  sing N N 28  
ARG CD  HD3  sing N N 29  
ARG NE  CZ   sing N N 30  
ARG NE  HE   sing N N 31  
ARG CZ  NH1  sing N N 32  
ARG CZ  NH2  doub N N 33  
ARG NH1 HH11 sing N N 34  
ARG NH1 HH12 sing N N 35  
ARG NH2 HH21 sing N N 36  
ARG NH2 HH22 sing N N 37  
ARG OXT HXT  sing N N 38  
ASN N   CA   sing N N 39  
ASN N   H    sing N N 40  
ASN N   H2   sing N N 41  
ASN CA  C    sing N N 42  
ASN CA  CB   sing N N 43  
ASN CA  HA   sing N N 44  
ASN C   O    doub N N 45  
ASN C   OXT  sing N N 46  
ASN CB  CG   sing N N 47  
ASN CB  HB2  sing N N 48  
ASN CB  HB3  sing N N 49  
ASN CG  OD1  doub N N 50  
ASN CG  ND2  sing N N 51  
ASN ND2 HD21 sing N N 52  
ASN ND2 HD22 sing N N 53  
ASN OXT HXT  sing N N 54  
ASP N   CA   sing N N 55  
ASP N   H    sing N N 56  
ASP N   H2   sing N N 57  
ASP CA  C    sing N N 58  
ASP CA  CB   sing N N 59  
ASP CA  HA   sing N N 60  
ASP C   O    doub N N 61  
ASP C   OXT  sing N N 62  
ASP CB  CG   sing N N 63  
ASP CB  HB2  sing N N 64  
ASP CB  HB3  sing N N 65  
ASP CG  OD1  doub N N 66  
ASP CG  OD2  sing N N 67  
ASP OD2 HD2  sing N N 68  
ASP OXT HXT  sing N N 69  
CYS N   CA   sing N N 70  
CYS N   H    sing N N 71  
CYS N   H2   sing N N 72  
CYS CA  C    sing N N 73  
CYS CA  CB   sing N N 74  
CYS CA  HA   sing N N 75  
CYS C   O    doub N N 76  
CYS C   OXT  sing N N 77  
CYS CB  SG   sing N N 78  
CYS CB  HB2  sing N N 79  
CYS CB  HB3  sing N N 80  
CYS SG  HG   sing N N 81  
CYS OXT HXT  sing N N 82  
GLN N   CA   sing N N 83  
GLN N   H    sing N N 84  
GLN N   H2   sing N N 85  
GLN CA  C    sing N N 86  
GLN CA  CB   sing N N 87  
GLN CA  HA   sing N N 88  
GLN C   O    doub N N 89  
GLN C   OXT  sing N N 90  
GLN CB  CG   sing N N 91  
GLN CB  HB2  sing N N 92  
GLN CB  HB3  sing N N 93  
GLN CG  CD   sing N N 94  
GLN CG  HG2  sing N N 95  
GLN CG  HG3  sing N N 96  
GLN CD  OE1  doub N N 97  
GLN CD  NE2  sing N N 98  
GLN NE2 HE21 sing N N 99  
GLN NE2 HE22 sing N N 100 
GLN OXT HXT  sing N N 101 
GLU N   CA   sing N N 102 
GLU N   H    sing N N 103 
GLU N   H2   sing N N 104 
GLU CA  C    sing N N 105 
GLU CA  CB   sing N N 106 
GLU CA  HA   sing N N 107 
GLU C   O    doub N N 108 
GLU C   OXT  sing N N 109 
GLU CB  CG   sing N N 110 
GLU CB  HB2  sing N N 111 
GLU CB  HB3  sing N N 112 
GLU CG  CD   sing N N 113 
GLU CG  HG2  sing N N 114 
GLU CG  HG3  sing N N 115 
GLU CD  OE1  doub N N 116 
GLU CD  OE2  sing N N 117 
GLU OE2 HE2  sing N N 118 
GLU OXT HXT  sing N N 119 
GLY N   CA   sing N N 120 
GLY N   H    sing N N 121 
GLY N   H2   sing N N 122 
GLY CA  C    sing N N 123 
GLY CA  HA2  sing N N 124 
GLY CA  HA3  sing N N 125 
GLY C   O    doub N N 126 
GLY C   OXT  sing N N 127 
GLY OXT HXT  sing N N 128 
HIS N   CA   sing N N 129 
HIS N   H    sing N N 130 
HIS N   H2   sing N N 131 
HIS CA  C    sing N N 132 
HIS CA  CB   sing N N 133 
HIS CA  HA   sing N N 134 
HIS C   O    doub N N 135 
HIS C   OXT  sing N N 136 
HIS CB  CG   sing N N 137 
HIS CB  HB2  sing N N 138 
HIS CB  HB3  sing N N 139 
HIS CG  ND1  sing Y N 140 
HIS CG  CD2  doub Y N 141 
HIS ND1 CE1  doub Y N 142 
HIS ND1 HD1  sing N N 143 
HIS CD2 NE2  sing Y N 144 
HIS CD2 HD2  sing N N 145 
HIS CE1 NE2  sing Y N 146 
HIS CE1 HE1  sing N N 147 
HIS NE2 HE2  sing N N 148 
HIS OXT HXT  sing N N 149 
ILE N   CA   sing N N 150 
ILE N   H    sing N N 151 
ILE N   H2   sing N N 152 
ILE CA  C    sing N N 153 
ILE CA  CB   sing N N 154 
ILE CA  HA   sing N N 155 
ILE C   O    doub N N 156 
ILE C   OXT  sing N N 157 
ILE CB  CG1  sing N N 158 
ILE CB  CG2  sing N N 159 
ILE CB  HB   sing N N 160 
ILE CG1 CD1  sing N N 161 
ILE CG1 HG12 sing N N 162 
ILE CG1 HG13 sing N N 163 
ILE CG2 HG21 sing N N 164 
ILE CG2 HG22 sing N N 165 
ILE CG2 HG23 sing N N 166 
ILE CD1 HD11 sing N N 167 
ILE CD1 HD12 sing N N 168 
ILE CD1 HD13 sing N N 169 
ILE OXT HXT  sing N N 170 
LEU N   CA   sing N N 171 
LEU N   H    sing N N 172 
LEU N   H2   sing N N 173 
LEU CA  C    sing N N 174 
LEU CA  CB   sing N N 175 
LEU CA  HA   sing N N 176 
LEU C   O    doub N N 177 
LEU C   OXT  sing N N 178 
LEU CB  CG   sing N N 179 
LEU CB  HB2  sing N N 180 
LEU CB  HB3  sing N N 181 
LEU CG  CD1  sing N N 182 
LEU CG  CD2  sing N N 183 
LEU CG  HG   sing N N 184 
LEU CD1 HD11 sing N N 185 
LEU CD1 HD12 sing N N 186 
LEU CD1 HD13 sing N N 187 
LEU CD2 HD21 sing N N 188 
LEU CD2 HD22 sing N N 189 
LEU CD2 HD23 sing N N 190 
LEU OXT HXT  sing N N 191 
LYS N   CA   sing N N 192 
LYS N   H    sing N N 193 
LYS N   H2   sing N N 194 
LYS CA  C    sing N N 195 
LYS CA  CB   sing N N 196 
LYS CA  HA   sing N N 197 
LYS C   O    doub N N 198 
LYS C   OXT  sing N N 199 
LYS CB  CG   sing N N 200 
LYS CB  HB2  sing N N 201 
LYS CB  HB3  sing N N 202 
LYS CG  CD   sing N N 203 
LYS CG  HG2  sing N N 204 
LYS CG  HG3  sing N N 205 
LYS CD  CE   sing N N 206 
LYS CD  HD2  sing N N 207 
LYS CD  HD3  sing N N 208 
LYS CE  NZ   sing N N 209 
LYS CE  HE2  sing N N 210 
LYS CE  HE3  sing N N 211 
LYS NZ  HZ1  sing N N 212 
LYS NZ  HZ2  sing N N 213 
LYS NZ  HZ3  sing N N 214 
LYS OXT HXT  sing N N 215 
MET N   CA   sing N N 216 
MET N   H    sing N N 217 
MET N   H2   sing N N 218 
MET CA  C    sing N N 219 
MET CA  CB   sing N N 220 
MET CA  HA   sing N N 221 
MET C   O    doub N N 222 
MET C   OXT  sing N N 223 
MET CB  CG   sing N N 224 
MET CB  HB2  sing N N 225 
MET CB  HB3  sing N N 226 
MET CG  SD   sing N N 227 
MET CG  HG2  sing N N 228 
MET CG  HG3  sing N N 229 
MET SD  CE   sing N N 230 
MET CE  HE1  sing N N 231 
MET CE  HE2  sing N N 232 
MET CE  HE3  sing N N 233 
MET OXT HXT  sing N N 234 
PHE N   CA   sing N N 235 
PHE N   H    sing N N 236 
PHE N   H2   sing N N 237 
PHE CA  C    sing N N 238 
PHE CA  CB   sing N N 239 
PHE CA  HA   sing N N 240 
PHE C   O    doub N N 241 
PHE C   OXT  sing N N 242 
PHE CB  CG   sing N N 243 
PHE CB  HB2  sing N N 244 
PHE CB  HB3  sing N N 245 
PHE CG  CD1  doub Y N 246 
PHE CG  CD2  sing Y N 247 
PHE CD1 CE1  sing Y N 248 
PHE CD1 HD1  sing N N 249 
PHE CD2 CE2  doub Y N 250 
PHE CD2 HD2  sing N N 251 
PHE CE1 CZ   doub Y N 252 
PHE CE1 HE1  sing N N 253 
PHE CE2 CZ   sing Y N 254 
PHE CE2 HE2  sing N N 255 
PHE CZ  HZ   sing N N 256 
PHE OXT HXT  sing N N 257 
PRO N   CA   sing N N 258 
PRO N   CD   sing N N 259 
PRO N   H    sing N N 260 
PRO CA  C    sing N N 261 
PRO CA  CB   sing N N 262 
PRO CA  HA   sing N N 263 
PRO C   O    doub N N 264 
PRO C   OXT  sing N N 265 
PRO CB  CG   sing N N 266 
PRO CB  HB2  sing N N 267 
PRO CB  HB3  sing N N 268 
PRO CG  CD   sing N N 269 
PRO CG  HG2  sing N N 270 
PRO CG  HG3  sing N N 271 
PRO CD  HD2  sing N N 272 
PRO CD  HD3  sing N N 273 
PRO OXT HXT  sing N N 274 
SER N   CA   sing N N 275 
SER N   H    sing N N 276 
SER N   H2   sing N N 277 
SER CA  C    sing N N 278 
SER CA  CB   sing N N 279 
SER CA  HA   sing N N 280 
SER C   O    doub N N 281 
SER C   OXT  sing N N 282 
SER CB  OG   sing N N 283 
SER CB  HB2  sing N N 284 
SER CB  HB3  sing N N 285 
SER OG  HG   sing N N 286 
SER OXT HXT  sing N N 287 
THR N   CA   sing N N 288 
THR N   H    sing N N 289 
THR N   H2   sing N N 290 
THR CA  C    sing N N 291 
THR CA  CB   sing N N 292 
THR CA  HA   sing N N 293 
THR C   O    doub N N 294 
THR C   OXT  sing N N 295 
THR CB  OG1  sing N N 296 
THR CB  CG2  sing N N 297 
THR CB  HB   sing N N 298 
THR OG1 HG1  sing N N 299 
THR CG2 HG21 sing N N 300 
THR CG2 HG22 sing N N 301 
THR CG2 HG23 sing N N 302 
THR OXT HXT  sing N N 303 
TRP N   CA   sing N N 304 
TRP N   H    sing N N 305 
TRP N   H2   sing N N 306 
TRP CA  C    sing N N 307 
TRP CA  CB   sing N N 308 
TRP CA  HA   sing N N 309 
TRP C   O    doub N N 310 
TRP C   OXT  sing N N 311 
TRP CB  CG   sing N N 312 
TRP CB  HB2  sing N N 313 
TRP CB  HB3  sing N N 314 
TRP CG  CD1  doub Y N 315 
TRP CG  CD2  sing Y N 316 
TRP CD1 NE1  sing Y N 317 
TRP CD1 HD1  sing N N 318 
TRP CD2 CE2  doub Y N 319 
TRP CD2 CE3  sing Y N 320 
TRP NE1 CE2  sing Y N 321 
TRP NE1 HE1  sing N N 322 
TRP CE2 CZ2  sing Y N 323 
TRP CE3 CZ3  doub Y N 324 
TRP CE3 HE3  sing N N 325 
TRP CZ2 CH2  doub Y N 326 
TRP CZ2 HZ2  sing N N 327 
TRP CZ3 CH2  sing Y N 328 
TRP CZ3 HZ3  sing N N 329 
TRP CH2 HH2  sing N N 330 
TRP OXT HXT  sing N N 331 
TYR N   CA   sing N N 332 
TYR N   H    sing N N 333 
TYR N   H2   sing N N 334 
TYR CA  C    sing N N 335 
TYR CA  CB   sing N N 336 
TYR CA  HA   sing N N 337 
TYR C   O    doub N N 338 
TYR C   OXT  sing N N 339 
TYR CB  CG   sing N N 340 
TYR CB  HB2  sing N N 341 
TYR CB  HB3  sing N N 342 
TYR CG  CD1  doub Y N 343 
TYR CG  CD2  sing Y N 344 
TYR CD1 CE1  sing Y N 345 
TYR CD1 HD1  sing N N 346 
TYR CD2 CE2  doub Y N 347 
TYR CD2 HD2  sing N N 348 
TYR CE1 CZ   doub Y N 349 
TYR CE1 HE1  sing N N 350 
TYR CE2 CZ   sing Y N 351 
TYR CE2 HE2  sing N N 352 
TYR CZ  OH   sing N N 353 
TYR OH  HH   sing N N 354 
TYR OXT HXT  sing N N 355 
VAL N   CA   sing N N 356 
VAL N   H    sing N N 357 
VAL N   H2   sing N N 358 
VAL CA  C    sing N N 359 
VAL CA  CB   sing N N 360 
VAL CA  HA   sing N N 361 
VAL C   O    doub N N 362 
VAL C   OXT  sing N N 363 
VAL CB  CG1  sing N N 364 
VAL CB  CG2  sing N N 365 
VAL CB  HB   sing N N 366 
VAL CG1 HG11 sing N N 367 
VAL CG1 HG12 sing N N 368 
VAL CG1 HG13 sing N N 369 
VAL CG2 HG21 sing N N 370 
VAL CG2 HG22 sing N N 371 
VAL CG2 HG23 sing N N 372 
VAL OXT HXT  sing N N 373 
# 
_em_admin.current_status     REL 
_em_admin.deposition_date    2023-07-17 
_em_admin.deposition_site    PDBE 
_em_admin.entry_id           8PUH 
_em_admin.last_update        2025-02-26 
_em_admin.map_release_date   2023-08-23 
_em_admin.title              'Structure of the immature HTLV-1 CA lattice from full-length Gag VLPs: CA-CTD refinement' 
# 
loop_
_em_buffer_component.buffer_id 
_em_buffer_component.concentration 
_em_buffer_component.concentration_units 
_em_buffer_component.formula 
_em_buffer_component.id 
_em_buffer_component.name 
1 155.2 mM NaCl         1 'Sodium Chloride'               
1 2.7   mM Na2HPO4-7H2O 2 'Sodium Phosphate dibasic'      
1 1.5   mM KH2PO4       3 'Potassium Phosphate monobasic' 
# 
_em_ctf_correction.details                  ? 
_em_ctf_correction.em_image_processing_id   1 
_em_ctf_correction.id                       1 
_em_ctf_correction.type                     'PHASE FLIPPING AND AMPLITUDE CORRECTION' 
# 
_em_entity_assembly_naturalsource.cell                 ? 
_em_entity_assembly_naturalsource.cellular_location    ? 
_em_entity_assembly_naturalsource.entity_assembly_id   1 
_em_entity_assembly_naturalsource.id                   2 
_em_entity_assembly_naturalsource.ncbi_tax_id          11908 
_em_entity_assembly_naturalsource.organism             'Human T-cell leukemia virus type I' 
_em_entity_assembly_naturalsource.organelle            ? 
_em_entity_assembly_naturalsource.organ                ? 
_em_entity_assembly_naturalsource.strain               ? 
_em_entity_assembly_naturalsource.tissue               ? 
_em_entity_assembly_naturalsource.details              ? 
# 
_em_entity_assembly_recombinant.cell                 'Human Embryonic Kidney' 
_em_entity_assembly_recombinant.entity_assembly_id   1 
_em_entity_assembly_recombinant.id                   2 
_em_entity_assembly_recombinant.ncbi_tax_id          9606 
_em_entity_assembly_recombinant.organism             'Homo sapiens' 
_em_entity_assembly_recombinant.plasmid              ? 
_em_entity_assembly_recombinant.strain               293T 
# 
_em_image_processing.details              ? 
_em_image_processing.id                   1 
_em_image_processing.image_recording_id   1 
# 
_em_image_recording.average_exposure_time               0.32 
_em_image_recording.avg_electron_dose_per_subtomogram   143.5 
_em_image_recording.avg_electron_dose_per_image         3.5 
_em_image_recording.details                             ? 
_em_image_recording.detector_mode                       ? 
_em_image_recording.film_or_detector_model              'GATAN K3 BIOQUANTUM (6k x 4k)' 
_em_image_recording.id                                  1 
_em_image_recording.imaging_id                          1 
_em_image_recording.num_diffraction_images              ? 
_em_image_recording.num_grids_imaged                    ? 
_em_image_recording.num_real_images                     ? 
# 
_em_imaging_optics.chr_aberration_corrector   ? 
_em_imaging_optics.energyfilter_lower         ? 
_em_imaging_optics.energyfilter_slit_width    20 
_em_imaging_optics.energyfilter_name          'GIF Bioquantum' 
_em_imaging_optics.energyfilter_upper         ? 
_em_imaging_optics.id                         1 
_em_imaging_optics.imaging_id                 1 
_em_imaging_optics.phase_plate                ? 
_em_imaging_optics.sph_aberration_corrector   ? 
_em_imaging_optics.details                    ? 
# 
loop_
_em_software.category 
_em_software.details 
_em_software.id 
_em_software.image_processing_id 
_em_software.fitting_id 
_em_software.imaging_id 
_em_software.name 
_em_software.version 
'VOLUME SELECTION'              ?                                    1  1 ? ? subTOM         ?      
'VOLUME SELECTION'              ?                                    2  1 ? ? Warp           1.0.9  
'VOLUME SELECTION'              ?                                    3  1 ? ? MATLAB         R2018b 
'IMAGE ACQUISITION'             ?                                    4  ? ? 1 SerialEM       ?      
MASKING                         ?                                    5  ? ? ? ?              ?      
'CTF CORRECTION'                ?                                    6  1 ? ? Warp           1.0.9  
'CTF CORRECTION'                ?                                    7  1 ? ? CTFFIND        4.1.10 
'CTF CORRECTION'                ?                                    8  1 ? ? NOVACTF        ?      
'LAYERLINE INDEXING'            ?                                    9  ? ? ? ?              ?      
'DIFFRACTION INDEXING'          ?                                    10 ? ? ? ?              ?      
'MODEL FITTING'                 ?                                    11 ? 1 ? 'UCSF Chimera' ?      
OTHER                           ?                                    12 ? ? ? ?              ?      
'MODEL REFINEMENT'              ?                                    13 ? 1 ? ?              ?      
'INITIAL EULER ASSIGNMENT'      ?                                    14 1 ? ? ?              ?      
'FINAL EULER ASSIGNMENT'        'Multiparticle refinement in M'      15 1 ? ? Warp           1.0.9  
CLASSIFICATION                  ?                                    16 1 ? ? RELION         3.0.8  
RECONSTRUCTION                  'Refinement and reconstruction in M' 17 1 ? ? Warp           1.0.9  
'PARTICLE SELECTION'            ?                                    18 1 1 1 ?              ?      
'SERIES ALIGNMENT'              ?                                    19 1 1 1 ?              ?      
'MOLECULAR REPLACEMENT'         ?                                    20 1 1 1 ?              ?      
'LATTICE DISTORTION CORRECTION' ?                                    21 1 1 1 ?              ?      
'SYMMETRY DETERMINATION'        ?                                    22 1 1 1 ?              ?      
'CRYSTALLOGRAPHY MERGING'       ?                                    23 1 1 1 ?              ?      
# 
_em_specimen.concentration           ? 
_em_specimen.details                 ? 
_em_specimen.embedding_applied       NO 
_em_specimen.experiment_id           1 
_em_specimen.id                      1 
_em_specimen.shadowing_applied       NO 
_em_specimen.staining_applied        NO 
_em_specimen.vitrification_applied   YES 
# 
_em_volume_selection.details                 ? 
_em_volume_selection.id                      1 
_em_volume_selection.image_processing_id     1 
_em_volume_selection.method                  ? 
_em_volume_selection.num_tomograms           85 
_em_volume_selection.num_volumes_extracted   132000 
_em_volume_selection.reference_model         ? 
# 
loop_
_pdbx_audit_support.funding_organization 
_pdbx_audit_support.country 
_pdbx_audit_support.grant_number 
_pdbx_audit_support.ordinal 
'Austrian Science Fund'                                                                           Austria         P31445         1 
'National Institutes of Health/National Institute Of Allergy and Infectious Diseases (NIH/NIAID)' 'United States' 'R01 GM151775' 2 
'National Institutes of Health/National Institute Of Allergy and Infectious Diseases (NIH/NIAID)' 'United States' 'R21 DE032878' 3 
'National Institutes of Health/National Institute Of Allergy and Infectious Diseases (NIH/NIAID)' 'United States' R01AI147890    4 
# 
_pdbx_initial_refinement_model.id               1 
_pdbx_initial_refinement_model.type             'in silico model' 
_pdbx_initial_refinement_model.source_name      AlphaFold 
_pdbx_initial_refinement_model.accession_code   ? 
# 
_atom_sites.entry_id                    8PUH 
_atom_sites.Cartn_transf_matrix[1][1]   ? 
_atom_sites.Cartn_transf_matrix[1][2]   ? 
_atom_sites.Cartn_transf_matrix[1][3]   ? 
_atom_sites.Cartn_transf_matrix[2][1]   ? 
_atom_sites.Cartn_transf_matrix[2][2]   ? 
_atom_sites.Cartn_transf_matrix[2][3]   ? 
_atom_sites.Cartn_transf_matrix[3][1]   ? 
_atom_sites.Cartn_transf_matrix[3][2]   ? 
_atom_sites.Cartn_transf_matrix[3][3]   ? 
_atom_sites.Cartn_transf_vector[1]      ? 
_atom_sites.Cartn_transf_vector[2]      ? 
_atom_sites.Cartn_transf_vector[3]      ? 
_atom_sites.fract_transf_matrix[1][1]   1.000000 
_atom_sites.fract_transf_matrix[1][2]   0.000000 
_atom_sites.fract_transf_matrix[1][3]   0.000000 
_atom_sites.fract_transf_matrix[2][1]   0.000000 
_atom_sites.fract_transf_matrix[2][2]   1.000000 
_atom_sites.fract_transf_matrix[2][3]   0.000000 
_atom_sites.fract_transf_matrix[3][1]   0.000000 
_atom_sites.fract_transf_matrix[3][2]   0.000000 
_atom_sites.fract_transf_matrix[3][3]   1.000000 
_atom_sites.fract_transf_vector[1]      0.00000 
_atom_sites.fract_transf_vector[2]      0.00000 
_atom_sites.fract_transf_vector[3]      0.00000 
_atom_sites.solution_primary            ? 
_atom_sites.solution_secondary          ? 
_atom_sites.solution_hydrogens          ? 
_atom_sites.special_details             ? 
# 
loop_
_atom_type.symbol 
C 
N 
O 
# 
loop_
_atom_site.group_PDB 
_atom_site.id 
_atom_site.type_symbol 
_atom_site.label_atom_id 
_atom_site.label_alt_id 
_atom_site.label_comp_id 
_atom_site.label_asym_id 
_atom_site.label_entity_id 
_atom_site.label_seq_id 
_atom_site.pdbx_PDB_ins_code 
_atom_site.Cartn_x 
_atom_site.Cartn_y 
_atom_site.Cartn_z 
_atom_site.occupancy 
_atom_site.B_iso_or_equiv 
_atom_site.pdbx_formal_charge 
_atom_site.auth_seq_id 
_atom_site.auth_comp_id 
_atom_site.auth_asym_id 
_atom_site.auth_atom_id 
_atom_site.pdbx_PDB_model_num 
ATOM 1   N N  . LYS A 1 259 ? -4.371  4.297   17.451  1.00 61.19 ? 1  LYS A N  1 
ATOM 2   C CA . LYS A 1 259 ? -4.607  2.864   17.262  1.00 61.19 ? 1  LYS A CA 1 
ATOM 3   C C  . LYS A 1 259 ? -4.757  2.513   15.784  1.00 61.19 ? 1  LYS A C  1 
ATOM 4   O O  . LYS A 1 259 ? -5.480  3.196   15.057  1.00 61.19 ? 1  LYS A O  1 
ATOM 5   N N  . ASP A 1 260 ? -3.709  2.114   15.103  1.00 68.44 ? 2  ASP A N  1 
ATOM 6   C CA . ASP A 1 260 ? -3.784  1.720   13.690  1.00 68.44 ? 2  ASP A CA 1 
ATOM 7   C C  . ASP A 1 260 ? -5.035  0.891   13.415  1.00 68.44 ? 2  ASP A C  1 
ATOM 8   O O  . ASP A 1 260 ? -5.482  0.127   14.273  1.00 68.44 ? 2  ASP A O  1 
ATOM 9   N N  . PRO A 1 261 ? -5.835  1.261   12.370  1.00 76.75 ? 3  PRO A N  1 
ATOM 10  C CA . PRO A 1 261 ? -6.974  0.403   12.041  1.00 76.75 ? 3  PRO A CA 1 
ATOM 11  C C  . PRO A 1 261 ? -6.613  -1.082  12.042  1.00 76.75 ? 3  PRO A C  1 
ATOM 12  O O  . PRO A 1 261 ? -5.507  -1.452  11.644  1.00 76.75 ? 3  PRO A O  1 
ATOM 13  N N  . SER A 1 262 ? -7.391  -1.939  12.746  1.00 85.19 ? 4  SER A N  1 
ATOM 14  C CA . SER A 1 262 ? -7.196  -3.376  12.895  1.00 85.19 ? 4  SER A CA 1 
ATOM 15  C C  . SER A 1 262 ? -6.955  -4.046  11.540  1.00 85.19 ? 4  SER A C  1 
ATOM 16  O O  . SER A 1 262 ? -6.178  -4.995  11.446  1.00 85.19 ? 4  SER A O  1 
ATOM 17  N N  . TRP A 1 263 ? -7.529  -3.410  10.512  1.00 86.75 ? 5  TRP A N  1 
ATOM 18  C CA . TRP A 1 263 ? -7.388  -4.035  9.205   1.00 86.75 ? 5  TRP A CA 1 
ATOM 19  C C  . TRP A 1 263 ? -6.001  -3.781  8.626   1.00 86.75 ? 5  TRP A C  1 
ATOM 20  O O  . TRP A 1 263 ? -5.502  -4.572  7.820   1.00 86.75 ? 5  TRP A O  1 
ATOM 21  N N  . ALA A 1 264 ? -5.305  -2.731  9.067   1.00 85.19 ? 6  ALA A N  1 
ATOM 22  C CA . ALA A 1 264 ? -3.983  -2.381  8.554   1.00 85.19 ? 6  ALA A CA 1 
ATOM 23  C C  . ALA A 1 264 ? -2.925  -3.364  9.043   1.00 85.19 ? 6  ALA A C  1 
ATOM 24  O O  . ALA A 1 264 ? -1.845  -3.465  8.462   1.00 85.19 ? 6  ALA A O  1 
ATOM 25  N N  . SER A 1 265 ? -3.280  -4.165  9.990   1.00 90.25 ? 7  SER A N  1 
ATOM 26  C CA . SER A 1 265 ? -2.314  -5.082  10.586  1.00 90.25 ? 7  SER A CA 1 
ATOM 27  C C  . SER A 1 265 ? -2.472  -6.493  10.027  1.00 90.25 ? 7  SER A C  1 
ATOM 28  O O  . SER A 1 265 ? -1.744  -7.406  10.426  1.00 90.25 ? 7  SER A O  1 
ATOM 29  N N  . ILE A 1 266 ? -3.451  -6.647  9.152   1.00 95.12 ? 8  ILE A N  1 
ATOM 30  C CA . ILE A 1 266 ? -3.662  -7.941  8.507   1.00 95.12 ? 8  ILE A CA 1 
ATOM 31  C C  . ILE A 1 266 ? -2.581  -8.180  7.458   1.00 95.12 ? 8  ILE A C  1 
ATOM 32  O O  . ILE A 1 266 ? -2.477  -7.430  6.484   1.00 95.12 ? 8  ILE A O  1 
ATOM 33  N N  . LEU A 1 267 ? -1.777  -9.170  7.717   1.00 97.50 ? 9  LEU A N  1 
ATOM 34  C CA . LEU A 1 267 ? -0.684  -9.540  6.823   1.00 97.50 ? 9  LEU A CA 1 
ATOM 35  C C  . LEU A 1 267 ? -0.879  -10.954 6.281   1.00 97.50 ? 9  LEU A C  1 
ATOM 36  O O  . LEU A 1 267 ? -1.438  -11.814 6.966   1.00 97.50 ? 9  LEU A O  1 
ATOM 37  N N  . GLN A 1 268 ? -0.539  -11.111 5.015   1.00 97.56 ? 10 GLN A N  1 
ATOM 38  C CA . GLN A 1 268 ? -0.546  -12.461 4.461   1.00 97.56 ? 10 GLN A CA 1 
ATOM 39  C C  . GLN A 1 268 ? 0.470   -13.350 5.173   1.00 97.56 ? 10 GLN A C  1 
ATOM 40  O O  . GLN A 1 268 ? 1.624   -12.958 5.364   1.00 97.56 ? 10 GLN A O  1 
ATOM 41  N N  . GLY A 1 269 ? 0.027   -14.463 5.637   1.00 97.12 ? 11 GLY A N  1 
ATOM 42  C CA . GLY A 1 269 ? 0.950   -15.406 6.245   1.00 97.12 ? 11 GLY A CA 1 
ATOM 43  C C  . GLY A 1 269 ? 1.967   -15.959 5.262   1.00 97.12 ? 11 GLY A C  1 
ATOM 44  O O  . GLY A 1 269 ? 1.781   -15.860 4.046   1.00 97.12 ? 11 GLY A O  1 
ATOM 45  N N  . LEU A 1 270 ? 3.047   -16.637 5.783   1.00 95.12 ? 12 LEU A N  1 
ATOM 46  C CA . LEU A 1 270 ? 4.113   -17.194 4.958   1.00 95.12 ? 12 LEU A CA 1 
ATOM 47  C C  . LEU A 1 270 ? 3.577   -18.291 4.046   1.00 95.12 ? 12 LEU A C  1 
ATOM 48  O O  . LEU A 1 270 ? 3.997   -18.408 2.893   1.00 95.12 ? 12 LEU A O  1 
ATOM 49  N N  . GLU A 1 271 ? 2.603   -19.042 4.474   1.00 95.06 ? 13 GLU A N  1 
ATOM 50  C CA . GLU A 1 271 ? 2.045   -20.160 3.719   1.00 95.06 ? 13 GLU A CA 1 
ATOM 51  C C  . GLU A 1 271 ? 0.565   -19.936 3.415   1.00 95.06 ? 13 GLU A C  1 
ATOM 52  O O  . GLU A 1 271 ? -0.143  -20.871 3.037   1.00 95.06 ? 13 GLU A O  1 
ATOM 53  N N  . GLU A 1 272 ? 0.105   -18.807 3.724   1.00 95.62 ? 14 GLU A N  1 
ATOM 54  C CA . GLU A 1 272 ? -1.287  -18.453 3.466   1.00 95.62 ? 14 GLU A CA 1 
ATOM 55  C C  . GLU A 1 272 ? -1.503  -18.100 1.998   1.00 95.62 ? 14 GLU A C  1 
ATOM 56  O O  . GLU A 1 272 ? -0.830  -17.221 1.458   1.00 95.62 ? 14 GLU A O  1 
ATOM 57  N N  . PRO A 1 273 ? -2.378  -18.828 1.378   1.00 95.88 ? 15 PRO A N  1 
ATOM 58  C CA . PRO A 1 273 ? -2.709  -18.449 0.005   1.00 95.88 ? 15 PRO A CA 1 
ATOM 59  C C  . PRO A 1 273 ? -3.202  -17.007 -0.104  1.00 95.88 ? 15 PRO A C  1 
ATOM 60  O O  . PRO A 1 273 ? -3.884  -16.513 0.797   1.00 95.88 ? 15 PRO A O  1 
ATOM 61  N N  . TYR A 1 274 ? -2.918  -16.385 -1.196  1.00 96.88 ? 16 TYR A N  1 
ATOM 62  C CA . TYR A 1 274 ? -3.205  -14.971 -1.407  1.00 96.88 ? 16 TYR A CA 1 
ATOM 63  C C  . TYR A 1 274 ? -4.705  -14.700 -1.333  1.00 96.88 ? 16 TYR A C  1 
ATOM 64  O O  . TYR A 1 274 ? -5.135  -13.722 -0.715  1.00 96.88 ? 16 TYR A O  1 
ATOM 65  N N  . HIS A 1 275 ? -5.539  -15.541 -1.906  1.00 96.50 ? 17 HIS A N  1 
ATOM 66  C CA . HIS A 1 275 ? -6.979  -15.307 -1.896  1.00 96.50 ? 17 HIS A CA 1 
ATOM 67  C C  . HIS A 1 275 ? -7.540  -15.375 -0.478  1.00 96.50 ? 17 HIS A C  1 
ATOM 68  O O  . HIS A 1 275 ? -8.479  -14.646 -0.145  1.00 96.50 ? 17 HIS A O  1 
ATOM 69  N N  . ALA A 1 276 ? -7.025  -16.311 0.288   1.00 97.06 ? 18 ALA A N  1 
ATOM 70  C CA . ALA A 1 276 ? -7.455  -16.400 1.681   1.00 97.06 ? 18 ALA A CA 1 
ATOM 71  C C  . ALA A 1 276 ? -7.105  -15.127 2.444   1.00 97.06 ? 18 ALA A C  1 
ATOM 72  O O  . ALA A 1 276 ? -7.915  -14.626 3.231   1.00 97.06 ? 18 ALA A O  1 
ATOM 73  N N  . PHE A 1 277 ? -5.909  -14.617 2.232   1.00 97.44 ? 19 PHE A N  1 
ATOM 74  C CA . PHE A 1 277 ? -5.458  -13.359 2.814   1.00 97.44 ? 19 PHE A CA 1 
ATOM 75  C C  . PHE A 1 277 ? -6.362  -12.210 2.380   1.00 97.44 ? 19 PHE A C  1 
ATOM 76  O O  . PHE A 1 277 ? -6.824  -11.427 3.213   1.00 97.44 ? 19 PHE A O  1 
ATOM 77  N N  . VAL A 1 278 ? -6.646  -12.051 1.135   1.00 96.94 ? 20 VAL A N  1 
ATOM 78  C CA . VAL A 1 278 ? -7.470  -10.971 0.598   1.00 96.94 ? 20 VAL A CA 1 
ATOM 79  C C  . VAL A 1 278 ? -8.877  -11.051 1.189   1.00 96.94 ? 20 VAL A C  1 
ATOM 80  O O  . VAL A 1 278 ? -9.481  -10.024 1.508   1.00 96.94 ? 20 VAL A O  1 
ATOM 81  N N  . GLU A 1 279 ? -9.358  -12.276 1.368   1.00 97.25 ? 21 GLU A N  1 
ATOM 82  C CA . GLU A 1 279 ? -10.678 -12.468 1.967   1.00 97.25 ? 21 GLU A CA 1 
ATOM 83  C C  . GLU A 1 279 ? -10.714 -11.937 3.398   1.00 97.25 ? 21 GLU A C  1 
ATOM 84  O O  . GLU A 1 279 ? -11.664 -11.255 3.785   1.00 97.25 ? 21 GLU A O  1 
ATOM 85  N N  . ARG A 1 280 ? -9.688  -12.254 4.239   1.00 97.31 ? 22 ARG A N  1 
ATOM 86  C CA . ARG A 1 280 ? -9.629  -11.740 5.603   1.00 97.31 ? 22 ARG A CA 1 
ATOM 87  C C  . ARG A 1 280 ? -9.549  -10.215 5.609   1.00 97.31 ? 22 ARG A C  1 
ATOM 88  O O  . ARG A 1 280 ? -10.216 -9.558  6.413   1.00 97.31 ? 22 ARG A O  1 
ATOM 89  N N  . LEU A 1 281 ? -8.813  -9.722  4.682   1.00 96.88 ? 23 LEU A N  1 
ATOM 90  C CA . LEU A 1 281 ? -8.678  -8.274  4.567   1.00 96.88 ? 23 LEU A CA 1 
ATOM 91  C C  . LEU A 1 281 ? -10.011 -7.628  4.208   1.00 96.88 ? 23 LEU A C  1 
ATOM 92  O O  . LEU A 1 281 ? -10.396 -6.619  4.801   1.00 96.88 ? 23 LEU A O  1 
ATOM 93  N N  . ASN A 1 282 ? -10.672 -8.207  3.275   1.00 96.69 ? 24 ASN A N  1 
ATOM 94  C CA . ASN A 1 282 ? -11.967 -7.711  2.827   1.00 96.69 ? 24 ASN A CA 1 
ATOM 95  C C  . ASN A 1 282 ? -12.983 -7.691  3.966   1.00 96.69 ? 24 ASN A C  1 
ATOM 96  O O  . ASN A 1 282 ? -13.707 -6.708  4.140   1.00 96.69 ? 24 ASN A O  1 
ATOM 97  N N  . ILE A 1 283 ? -13.021 -8.725  4.733   1.00 96.31 ? 25 ILE A N  1 
ATOM 98  C CA . ILE A 1 283 ? -13.933 -8.842  5.864   1.00 96.31 ? 25 ILE A CA 1 
ATOM 99  C C  . ILE A 1 283 ? -13.603 -7.785  6.913   1.00 96.31 ? 25 ILE A C  1 
ATOM 100 O O  . ILE A 1 283 ? -14.499 -7.113  7.432   1.00 96.31 ? 25 ILE A O  1 
ATOM 101 N N  . ALA A 1 284 ? -12.342 -7.583  7.184   1.00 95.62 ? 26 ALA A N  1 
ATOM 102 C CA . ALA A 1 284 ? -11.908 -6.592  8.165   1.00 95.62 ? 26 ALA A CA 1 
ATOM 103 C C  . ALA A 1 284 ? -12.284 -5.183  7.721   1.00 95.62 ? 26 ALA A C  1 
ATOM 104 O O  . ALA A 1 284 ? -12.719 -4.363  8.536   1.00 95.62 ? 26 ALA A O  1 
ATOM 105 N N  . LEU A 1 285 ? -12.129 -4.900  6.491   1.00 95.50 ? 27 LEU A N  1 
ATOM 106 C CA . LEU A 1 285 ? -12.462 -3.573  5.986   1.00 95.50 ? 27 LEU A CA 1 
ATOM 107 C C  . LEU A 1 285 ? -13.968 -3.334  6.041   1.00 95.50 ? 27 LEU A C  1 
ATOM 108 O O  . LEU A 1 285 ? -14.415 -2.238  6.385   1.00 95.50 ? 27 LEU A O  1 
ATOM 109 N N  . ASP A 1 286 ? -14.726 -4.363  5.767   1.00 94.31 ? 28 ASP A N  1 
ATOM 110 C CA . ASP A 1 286 ? -16.182 -4.272  5.826   1.00 94.31 ? 28 ASP A CA 1 
ATOM 111 C C  . ASP A 1 286 ? -16.650 -3.923  7.233   1.00 94.31 ? 28 ASP A C  1 
ATOM 112 O O  . ASP A 1 286 ? -17.595 -3.149  7.400   1.00 94.31 ? 28 ASP A O  1 
ATOM 113 N N  . ASN A 1 287 ? -15.912 -4.350  8.154   1.00 93.50 ? 29 ASN A N  1 
ATOM 114 C CA . ASN A 1 287 ? -16.333 -4.199  9.542   1.00 93.50 ? 29 ASN A CA 1 
ATOM 115 C C  . ASN A 1 287 ? -15.741 -2.946  10.176  1.00 93.50 ? 29 ASN A C  1 
ATOM 116 O O  . ASN A 1 287 ? -16.283 -2.414  11.146  1.00 93.50 ? 29 ASN A O  1 
ATOM 117 N N  . GLY A 1 288 ? -14.685 -2.455  9.576   1.00 92.12 ? 30 GLY A N  1 
ATOM 118 C CA . GLY A 1 288 ? -13.923 -1.463  10.321  1.00 92.12 ? 30 GLY A CA 1 
ATOM 119 C C  . GLY A 1 288 ? -13.936 -0.091  9.678   1.00 92.12 ? 30 GLY A C  1 
ATOM 120 O O  . GLY A 1 288 ? -13.613 0.910   10.320  1.00 92.12 ? 30 GLY A O  1 
ATOM 121 N N  . LEU A 1 289 ? -14.314 -0.017  8.417   1.00 92.06 ? 31 LEU A N  1 
ATOM 122 C CA . LEU A 1 289 ? -14.251 1.264   7.722   1.00 92.06 ? 31 LEU A CA 1 
ATOM 123 C C  . LEU A 1 289 ? -15.432 2.150   8.112   1.00 92.06 ? 31 LEU A C  1 
ATOM 124 O O  . LEU A 1 289 ? -16.558 1.670   8.238   1.00 92.06 ? 31 LEU A O  1 
ATOM 125 N N  . PRO A 1 290 ? -15.169 3.398   8.448   1.00 92.62 ? 32 PRO A N  1 
ATOM 126 C CA . PRO A 1 290 ? -16.270 4.342   8.678   1.00 92.62 ? 32 PRO A CA 1 
ATOM 127 C C  . PRO A 1 290 ? -17.248 4.400   7.512   1.00 92.62 ? 32 PRO A C  1 
ATOM 128 O O  . PRO A 1 290 ? -16.861 4.172   6.367   1.00 92.62 ? 32 PRO A O  1 
ATOM 129 N N  . GLU A 1 291 ? -18.465 4.738   7.804   1.00 92.19 ? 33 GLU A N  1 
ATOM 130 C CA . GLU A 1 291 ? -19.486 4.880   6.766   1.00 92.19 ? 33 GLU A CA 1 
ATOM 131 C C  . GLU A 1 291 ? -19.059 5.881   5.699   1.00 92.19 ? 33 GLU A C  1 
ATOM 132 O O  . GLU A 1 291 ? -18.603 6.982   6.022   1.00 92.19 ? 33 GLU A O  1 
ATOM 133 N N  . GLY A 1 292 ? -19.060 5.496   4.403   1.00 92.69 ? 34 GLY A N  1 
ATOM 134 C CA . GLY A 1 292 ? -18.767 6.400   3.307   1.00 92.69 ? 34 GLY A CA 1 
ATOM 135 C C  . GLY A 1 292 ? -17.335 6.303   2.814   1.00 92.69 ? 34 GLY A C  1 
ATOM 136 O O  . GLY A 1 292 ? -16.975 6.919   1.807   1.00 92.69 ? 34 GLY A O  1 
ATOM 137 N N  . THR A 1 293 ? -16.504 5.566   3.570   1.00 93.56 ? 35 THR A N  1 
ATOM 138 C CA . THR A 1 293 ? -15.122 5.386   3.134   1.00 93.56 ? 35 THR A CA 1 
ATOM 139 C C  . THR A 1 293 ? -15.043 4.384   1.982   1.00 93.56 ? 35 THR A C  1 
ATOM 140 O O  . THR A 1 293 ? -15.609 3.293   2.063   1.00 93.56 ? 35 THR A O  1 
ATOM 141 N N  . PRO A 1 294 ? -14.324 4.883   0.880   1.00 94.44 ? 36 PRO A N  1 
ATOM 142 C CA . PRO A 1 294 ? -14.192 3.952   -0.245  1.00 94.44 ? 36 PRO A CA 1 
ATOM 143 C C  . PRO A 1 294 ? -13.333 2.740   0.093   1.00 94.44 ? 36 PRO A C  1 
ATOM 144 O O  . PRO A 1 294 ? -12.158 2.889   0.438   1.00 94.44 ? 36 PRO A O  1 
ATOM 145 N N  . LYS A 1 295 ? -13.782 1.574   -0.047  1.00 94.75 ? 37 LYS A N  1 
ATOM 146 C CA . LYS A 1 295 ? -13.138 0.316   0.353   1.00 94.75 ? 37 LYS A CA 1 
ATOM 147 C C  . LYS A 1 295 ? -12.180 -0.176  -0.728  1.00 94.75 ? 37 LYS A C  1 
ATOM 148 O O  . LYS A 1 295 ? -11.077 -0.633  -0.424  1.00 94.75 ? 37 LYS A O  1 
ATOM 149 N N  . ASP A 1 296 ? -12.596 -0.008  -1.910  1.00 95.06 ? 38 ASP A N  1 
ATOM 150 C CA . ASP A 1 296 ? -11.897 -0.663  -3.011  1.00 95.06 ? 38 ASP A CA 1 
ATOM 151 C C  . ASP A 1 296 ? -10.463 -0.152  -3.133  1.00 95.06 ? 38 ASP A C  1 
ATOM 152 O O  . ASP A 1 296 ? -9.524  -0.935  -3.219  1.00 95.06 ? 38 ASP A O  1 
ATOM 153 N N  . PRO A 1 297 ? -10.231 1.167   -3.173  1.00 94.81 ? 39 PRO A N  1 
ATOM 154 C CA . PRO A 1 297 ? -8.849  1.645   -3.259  1.00 94.81 ? 39 PRO A CA 1 
ATOM 155 C C  . PRO A 1 297 ? -8.005  1.235   -2.052  1.00 94.81 ? 39 PRO A C  1 
ATOM 156 O O  . PRO A 1 297 ? -6.810  0.953   -2.192  1.00 94.81 ? 39 PRO A O  1 
ATOM 157 N N  . ILE A 1 298 ? -8.632  1.157   -0.866  1.00 94.75 ? 40 ILE A N  1 
ATOM 158 C CA . ILE A 1 298 ? -7.939  0.750   0.350   1.00 94.75 ? 40 ILE A CA 1 
ATOM 159 C C  . ILE A 1 298 ? -7.587  -0.735  0.269   1.00 94.75 ? 40 ILE A C  1 
ATOM 160 O O  . ILE A 1 298 ? -6.455  -1.127  0.565   1.00 94.75 ? 40 ILE A O  1 
ATOM 161 N N  . LEU A 1 299 ? -8.564  -1.490  -0.147  1.00 96.19 ? 41 LEU A N  1 
ATOM 162 C CA . LEU A 1 299 ? -8.344  -2.922  -0.294  1.00 96.19 ? 41 LEU A CA 1 
ATOM 163 C C  . LEU A 1 299 ? -7.212  -3.201  -1.276  1.00 96.19 ? 41 LEU A C  1 
ATOM 164 O O  . LEU A 1 299 ? -6.320  -4.006  -0.991  1.00 96.19 ? 41 LEU A O  1 
ATOM 165 N N  . ARG A 1 300 ? -7.127  -2.578  -2.403  1.00 96.12 ? 42 ARG A N  1 
ATOM 166 C CA . ARG A 1 300 ? -6.106  -2.799  -3.422  1.00 96.12 ? 42 ARG A CA 1 
ATOM 167 C C  . ARG A 1 300 ? -4.725  -2.401  -2.909  1.00 96.12 ? 42 ARG A C  1 
ATOM 168 O O  . ARG A 1 300 ? -3.739  -3.097  -3.163  1.00 96.12 ? 42 ARG A O  1 
ATOM 169 N N  . SER A 1 301 ? -4.698  -1.344  -2.275  1.00 95.25 ? 43 SER A N  1 
ATOM 170 C CA . SER A 1 301 ? -3.430  -0.887  -1.709  1.00 95.25 ? 43 SER A CA 1 
ATOM 171 C C  . SER A 1 301 ? -2.911  -1.864  -0.659  1.00 95.25 ? 43 SER A C  1 
ATOM 172 O O  . SER A 1 301 ? -1.741  -2.250  -0.689  1.00 95.25 ? 43 SER A O  1 
ATOM 173 N N  . LEU A 1 302 ? -3.795  -2.296  0.211   1.00 96.12 ? 44 LEU A N  1 
ATOM 174 C CA . LEU A 1 302 ? -3.399  -3.205  1.283   1.00 96.12 ? 44 LEU A CA 1 
ATOM 175 C C  . LEU A 1 302 ? -3.117  -4.600  0.737   1.00 96.12 ? 44 LEU A C  1 
ATOM 176 O O  . LEU A 1 302 ? -2.253  -5.312  1.255   1.00 96.12 ? 44 LEU A O  1 
ATOM 177 N N  . ALA A 1 303 ? -3.858  -5.019  -0.266  1.00 97.00 ? 45 ALA A N  1 
ATOM 178 C CA . ALA A 1 303 ? -3.645  -6.322  -0.891  1.00 97.00 ? 45 ALA A CA 1 
ATOM 179 C C  . ALA A 1 303 ? -2.209  -6.461  -1.393  1.00 97.00 ? 45 ALA A C  1 
ATOM 180 O O  . ALA A 1 303 ? -1.635  -7.552  -1.353  1.00 97.00 ? 45 ALA A O  1 
ATOM 181 N N  . TYR A 1 304 ? -1.629  -5.352  -1.790  1.00 97.38 ? 46 TYR A N  1 
ATOM 182 C CA . TYR A 1 304 ? -0.251  -5.386  -2.258  1.00 97.38 ? 46 TYR A CA 1 
ATOM 183 C C  . TYR A 1 304 ? 0.723   -5.174  -1.106  1.00 97.38 ? 46 TYR A C  1 
ATOM 184 O O  . TYR A 1 304 ? 1.634   -5.980  -0.899  1.00 97.38 ? 46 TYR A O  1 
ATOM 185 N N  . SER A 1 305 ? 0.525   -4.112  -0.366  1.00 96.19 ? 47 SER A N  1 
ATOM 186 C CA . SER A 1 305 ? 1.490   -3.706  0.648   1.00 96.19 ? 47 SER A CA 1 
ATOM 187 C C  . SER A 1 305 ? 1.561   -4.714  1.786   1.00 96.19 ? 47 SER A C  1 
ATOM 188 O O  . SER A 1 305 ? 2.613   -4.889  2.407   1.00 96.19 ? 47 SER A O  1 
ATOM 189 N N  . ASN A 1 306 ? 0.472   -5.485  2.057   1.00 97.50 ? 48 ASN A N  1 
ATOM 190 C CA . ASN A 1 306 ? 0.427   -6.421  3.176   1.00 97.50 ? 48 ASN A CA 1 
ATOM 191 C C  . ASN A 1 306 ? 0.586   -7.864  2.708   1.00 97.50 ? 48 ASN A C  1 
ATOM 192 O O  . ASN A 1 306 ? 0.402   -8.800  3.489   1.00 97.50 ? 48 ASN A O  1 
ATOM 193 N N  . ALA A 1 307 ? 0.825   -8.066  1.440   1.00 97.12 ? 49 ALA A N  1 
ATOM 194 C CA . ALA A 1 307 ? 1.084   -9.401  0.908   1.00 97.12 ? 49 ALA A CA 1 
ATOM 195 C C  . ALA A 1 307 ? 2.432   -9.932  1.384   1.00 97.12 ? 49 ALA A C  1 
ATOM 196 O O  . ALA A 1 307 ? 3.328   -9.153  1.727   1.00 97.12 ? 49 ALA A O  1 
ATOM 197 N N  . ASN A 1 308 ? 2.627   -11.175 1.494   1.00 97.06 ? 50 ASN A N  1 
ATOM 198 C CA . ASN A 1 308 ? 3.943   -11.713 1.828   1.00 97.06 ? 50 ASN A CA 1 
ATOM 199 C C  . ASN A 1 308 ? 4.950   -11.474 0.706   1.00 97.06 ? 50 ASN A C  1 
ATOM 200 O O  . ASN A 1 308 ? 4.575   -11.058 -0.392  1.00 97.06 ? 50 ASN A O  1 
ATOM 201 N N  . LYS A 1 309 ? 6.225   -11.679 0.932   1.00 96.31 ? 51 LYS A N  1 
ATOM 202 C CA . LYS A 1 309 ? 7.311   -11.278 0.047   1.00 96.31 ? 51 LYS A CA 1 
ATOM 203 C C  . LYS A 1 309 ? 7.189   -11.957 -1.316  1.00 96.31 ? 51 LYS A C  1 
ATOM 204 O O  . LYS A 1 309 ? 7.447   -11.333 -2.348  1.00 96.31 ? 51 LYS A O  1 
ATOM 205 N N  . GLU A 1 310 ? 6.760   -13.237 -1.274  1.00 95.88 ? 52 GLU A N  1 
ATOM 206 C CA . GLU A 1 310 ? 6.651   -13.987 -2.524  1.00 95.88 ? 52 GLU A CA 1 
ATOM 207 C C  . GLU A 1 310 ? 5.560   -13.404 -3.418  1.00 95.88 ? 52 GLU A C  1 
ATOM 208 O O  . GLU A 1 310 ? 5.766   -13.202 -4.614  1.00 95.88 ? 52 GLU A O  1 
ATOM 209 N N  . CYS A 1 311 ? 4.389   -13.164 -2.844  1.00 97.00 ? 53 CYS A N  1 
ATOM 210 C CA . CYS A 1 311 ? 3.300   -12.600 -3.628  1.00 97.00 ? 53 CYS A CA 1 
ATOM 211 C C  . CYS A 1 311 ? 3.620   -11.173 -4.062  1.00 97.00 ? 53 CYS A C  1 
ATOM 212 O O  . CYS A 1 311 ? 3.274   -10.766 -5.172  1.00 97.00 ? 53 CYS A O  1 
ATOM 213 N N  . GLN A 1 312 ? 4.290   -10.424 -3.197  1.00 97.38 ? 54 GLN A N  1 
ATOM 214 C CA . GLN A 1 312 ? 4.707   -9.073  -3.569  1.00 97.38 ? 54 GLN A CA 1 
ATOM 215 C C  . GLN A 1 312 ? 5.622   -9.097  -4.787  1.00 97.38 ? 54 GLN A C  1 
ATOM 216 O O  . GLN A 1 312 ? 5.487   -8.267  -5.687  1.00 97.38 ? 54 GLN A O  1 
ATOM 217 N N  . LYS A 1 313 ? 6.526   -10.012 -4.828  1.00 96.62 ? 55 LYS A N  1 
ATOM 218 C CA . LYS A 1 313 ? 7.430   -10.163 -5.961  1.00 96.62 ? 55 LYS A CA 1 
ATOM 219 C C  . LYS A 1 313 ? 6.668   -10.472 -7.243  1.00 96.62 ? 55 LYS A C  1 
ATOM 220 O O  . LYS A 1 313 ? 6.958   -9.915  -8.303  1.00 96.62 ? 55 LYS A O  1 
ATOM 221 N N  . LEU A 1 314 ? 5.681   -11.377 -7.117  1.00 96.19 ? 56 LEU A N  1 
ATOM 222 C CA . LEU A 1 314 ? 4.876   -11.747 -8.279  1.00 96.19 ? 56 LEU A CA 1 
ATOM 223 C C  . LEU A 1 314 ? 4.080   -10.549 -8.784  1.00 96.19 ? 56 LEU A C  1 
ATOM 224 O O  . LEU A 1 314 ? 4.007   -10.315 -9.992  1.00 96.19 ? 56 LEU A O  1 
ATOM 225 N N  . LEU A 1 315 ? 3.551   -9.826  -7.872  1.00 97.12 ? 57 LEU A N  1 
ATOM 226 C CA . LEU A 1 315 ? 2.754   -8.663  -8.242  1.00 97.12 ? 57 LEU A CA 1 
ATOM 227 C C  . LEU A 1 315 ? 3.625   -7.590  -8.885  1.00 97.12 ? 57 LEU A C  1 
ATOM 228 O O  . LEU A 1 315 ? 3.223   -6.966  -9.867  1.00 97.12 ? 57 LEU A O  1 
ATOM 229 N N  . GLN A 1 316 ? 4.808   -7.373  -8.383  1.00 96.62 ? 58 GLN A N  1 
ATOM 230 C CA . GLN A 1 316 ? 5.736   -6.409  -8.955  1.00 96.62 ? 58 GLN A CA 1 
ATOM 231 C C  . GLN A 1 316 ? 6.199   -6.839  -10.341 1.00 96.62 ? 58 GLN A C  1 
ATOM 232 O O  . GLN A 1 316 ? 6.248   -6.024  -11.266 1.00 96.62 ? 58 GLN A O  1 
ATOM 233 N N  . ALA A 1 317 ? 6.507   -8.065  -10.440 1.00 95.69 ? 59 ALA A N  1 
ATOM 234 C CA . ALA A 1 317 ? 7.010   -8.608  -11.699 1.00 95.69 ? 59 ALA A CA 1 
ATOM 235 C C  . ALA A 1 317 ? 5.978   -8.463  -12.810 1.00 95.69 ? 59 ALA A C  1 
ATOM 236 O O  . ALA A 1 317 ? 6.332   -8.231  -13.966 1.00 95.69 ? 59 ALA A O  1 
ATOM 237 N N  . ARG A 1 318 ? 4.749   -8.448  -12.453 1.00 94.50 ? 60 ARG A N  1 
ATOM 238 C CA . ARG A 1 318 ? 3.683   -8.403  -13.442 1.00 94.50 ? 60 ARG A CA 1 
ATOM 239 C C  . ARG A 1 318 ? 3.090   -7.005  -13.557 1.00 94.50 ? 60 ARG A C  1 
ATOM 240 O O  . ARG A 1 318 ? 2.139   -6.779  -14.305 1.00 94.50 ? 60 ARG A O  1 
ATOM 241 N N  . GLY A 1 319 ? 3.599   -6.051  -12.786 1.00 94.56 ? 61 GLY A N  1 
ATOM 242 C CA . GLY A 1 319 ? 3.103   -4.684  -12.806 1.00 94.56 ? 61 GLY A CA 1 
ATOM 243 C C  . GLY A 1 319 ? 1.740   -4.531  -12.159 1.00 94.56 ? 61 GLY A C  1 
ATOM 244 O O  . GLY A 1 319 ? 0.931   -3.707  -12.596 1.00 94.56 ? 61 GLY A O  1 
ATOM 245 N N  . HIS A 1 320 ? 1.411   -5.398  -11.202 1.00 95.50 ? 62 HIS A N  1 
ATOM 246 C CA . HIS A 1 320 ? 0.092   -5.402  -10.582 1.00 95.50 ? 62 HIS A CA 1 
ATOM 247 C C  . HIS A 1 320 ? 0.146   -4.854  -9.156  1.00 95.50 ? 62 HIS A C  1 
ATOM 248 O O  . HIS A 1 320 ? -0.464  -5.417  -8.247  1.00 95.50 ? 62 HIS A O  1 
ATOM 249 N N  . THR A 1 321 ? 0.969   -3.757  -8.882  1.00 92.19 ? 63 THR A N  1 
ATOM 250 C CA . THR A 1 321 ? 1.116   -3.188  -7.545  1.00 92.19 ? 63 THR A CA 1 
ATOM 251 C C  . THR A 1 321 ? -0.071  -2.286  -7.209  1.00 92.19 ? 63 THR A C  1 
ATOM 252 O O  . THR A 1 321 ? -0.309  -1.980  -6.037  1.00 92.19 ? 63 THR A O  1 
ATOM 253 N N  . ASN A 1 322 ? -0.840  -1.904  -8.120  1.00 89.94 ? 64 ASN A N  1 
ATOM 254 C CA . ASN A 1 322 ? -2.052  -1.108  -7.955  1.00 89.94 ? 64 ASN A CA 1 
ATOM 255 C C  . ASN A 1 322 ? -3.125  -1.507  -8.967  1.00 89.94 ? 64 ASN A C  1 
ATOM 256 O O  . ASN A 1 322 ? -3.917  -0.661  -9.401  1.00 89.94 ? 64 ASN A O  1 
ATOM 257 N N  . SER A 1 323 ? -3.158  -2.732  -9.461  1.00 93.75 ? 65 SER A N  1 
ATOM 258 C CA . SER A 1 323 ? -4.105  -3.267  -10.435 1.00 93.75 ? 65 SER A CA 1 
ATOM 259 C C  . SER A 1 323 ? -5.402  -3.698  -9.767  1.00 93.75 ? 65 SER A C  1 
ATOM 260 O O  . SER A 1 323 ? -5.483  -3.762  -8.537  1.00 93.75 ? 65 SER A O  1 
ATOM 261 N N  . PRO A 1 324 ? -6.378  -3.792  -10.594 1.00 95.94 ? 66 PRO A N  1 
ATOM 262 C CA . PRO A 1 324 ? -7.612  -4.356  -10.040 1.00 95.94 ? 66 PRO A CA 1 
ATOM 263 C C  . PRO A 1 324 ? -7.378  -5.653  -9.273  1.00 95.94 ? 66 PRO A C  1 
ATOM 264 O O  . PRO A 1 324 ? -6.492  -6.432  -9.628  1.00 95.94 ? 66 PRO A O  1 
ATOM 265 N N  . LEU A 1 325 ? -8.151  -5.853  -8.203  1.00 96.25 ? 67 LEU A N  1 
ATOM 266 C CA . LEU A 1 325 ? -7.984  -6.970  -7.280  1.00 96.25 ? 67 LEU A CA 1 
ATOM 267 C C  . LEU A 1 325 ? -8.006  -8.295  -8.026  1.00 96.25 ? 67 LEU A C  1 
ATOM 268 O O  . LEU A 1 325 ? -7.236  -9.207  -7.705  1.00 96.25 ? 67 LEU A O  1 
ATOM 269 N N  . GLY A 1 326 ? -8.846  -8.427  -9.022  1.00 96.19 ? 68 GLY A N  1 
ATOM 270 C CA . GLY A 1 326 ? -8.905  -9.646  -9.820  1.00 96.19 ? 68 GLY A CA 1 
ATOM 271 C C  . GLY A 1 326 ? -7.579  -10.008 -10.454 1.00 96.19 ? 68 GLY A C  1 
ATOM 272 O O  . GLY A 1 326 ? -7.190  -11.177 -10.470 1.00 96.19 ? 68 GLY A O  1 
ATOM 273 N N  . ASP A 1 327 ? -6.900  -8.987  -10.961 1.00 96.56 ? 69 ASP A N  1 
ATOM 274 C CA . ASP A 1 327 ? -5.593  -9.197  -11.580 1.00 96.56 ? 69 ASP A CA 1 
ATOM 275 C C  . ASP A 1 327 ? -4.557  -9.616  -10.535 1.00 96.56 ? 69 ASP A C  1 
ATOM 276 O O  . ASP A 1 327 ? -3.722  -10.486 -10.801 1.00 96.56 ? 69 ASP A O  1 
ATOM 277 N N  . MET A 1 328 ? -4.624  -9.005  -9.375  1.00 96.75 ? 70 MET A N  1 
ATOM 278 C CA . MET A 1 328 ? -3.714  -9.353  -8.289  1.00 96.75 ? 70 MET A CA 1 
ATOM 279 C C  . MET A 1 328 ? -3.931  -10.790 -7.833  1.00 96.75 ? 70 MET A C  1 
ATOM 280 O O  . MET A 1 328 ? -2.966  -11.533 -7.624  1.00 96.75 ? 70 MET A O  1 
ATOM 281 N N  . LEU A 1 329 ? -5.210  -11.231 -7.758  1.00 96.50 ? 71 LEU A N  1 
ATOM 282 C CA . LEU A 1 329 ? -5.558  -12.592 -7.363  1.00 96.50 ? 71 LEU A CA 1 
ATOM 283 C C  . LEU A 1 329 ? -5.017  -13.606 -8.376  1.00 96.50 ? 71 LEU A C  1 
ATOM 284 O O  . LEU A 1 329 ? -4.456  -14.632 -7.983  1.00 96.50 ? 71 LEU A O  1 
ATOM 285 N N  . ARG A 1 330 ? -5.135  -13.291 -9.604  1.00 95.56 ? 72 ARG A N  1 
ATOM 286 C CA . ARG A 1 330 ? -4.675  -14.183 -10.662 1.00 95.56 ? 72 ARG A CA 1 
ATOM 287 C C  . ARG A 1 330 ? -3.154  -14.291 -10.663 1.00 95.56 ? 72 ARG A C  1 
ATOM 288 O O  . ARG A 1 330 ? -2.603  -15.373 -10.890 1.00 95.56 ? 72 ARG A O  1 
ATOM 289 N N  . ALA A 1 331 ? -2.533  -13.192 -10.378 1.00 94.94 ? 73 ALA A N  1 
ATOM 290 C CA . ALA A 1 331 ? -1.074  -13.149 -10.394 1.00 94.94 ? 73 ALA A CA 1 
ATOM 291 C C  . ALA A 1 331 ? -0.485  -14.040 -9.307  1.00 94.94 ? 73 ALA A C  1 
ATOM 292 O O  . ALA A 1 331 ? 0.519   -14.718 -9.521  1.00 94.94 ? 73 ALA A O  1 
ATOM 293 N N  . CYS A 1 332 ? -1.105  -14.101 -8.157  1.00 95.50 ? 74 CYS A N  1 
ATOM 294 C CA . CYS A 1 332 ? -0.544  -14.815 -7.015  1.00 95.50 ? 74 CYS A CA 1 
ATOM 295 C C  . CYS A 1 332 ? -1.045  -16.251 -6.966  1.00 95.50 ? 74 CYS A C  1 
ATOM 296 O O  . CYS A 1 332 ? -0.642  -17.027 -6.099  1.00 95.50 ? 74 CYS A O  1 
ATOM 297 N N  . GLN A 1 333 ? -1.965  -16.607 -7.861  1.00 91.25 ? 75 GLN A N  1 
ATOM 298 C CA . GLN A 1 333 ? -2.509  -17.959 -7.913  1.00 91.25 ? 75 GLN A CA 1 
ATOM 299 C C  . GLN A 1 333 ? -1.420  -18.979 -8.247  1.00 91.25 ? 75 GLN A C  1 
ATOM 300 O O  . GLN A 1 333 ? -1.517  -20.145 -7.857  1.00 91.25 ? 75 GLN A O  1 
ATOM 301 N N  . THR A 1 334 ? -0.435  -18.467 -8.961  1.00 86.31 ? 76 THR A N  1 
ATOM 302 C CA . THR A 1 334 ? 0.640   -19.355 -9.395  1.00 86.31 ? 76 THR A CA 1 
ATOM 303 C C  . THR A 1 334 ? 1.536   -19.733 -8.214  1.00 86.31 ? 76 THR A C  1 
ATOM 304 O O  . THR A 1 334 ? 2.230   -20.749 -8.261  1.00 86.31 ? 76 THR A O  1 
ATOM 305 N N  . TRP A 1 335 ? 1.404   -18.863 -7.243  1.00 84.88 ? 77 TRP A N  1 
ATOM 306 C CA . TRP A 1 335 ? 2.170   -19.136 -6.039  1.00 84.88 ? 77 TRP A CA 1 
ATOM 307 C C  . TRP A 1 335 ? 1.397   -20.063 -5.101  1.00 84.88 ? 77 TRP A C  1 
ATOM 308 O O  . TRP A 1 335 ? 0.242   -19.797 -4.767  1.00 84.88 ? 77 TRP A O  1 
ATOM 309 N N  . THR A 1 336 ? 1.804   -21.226 -4.861  1.00 72.88 ? 78 THR A N  1 
ATOM 310 C CA . THR A 1 336 ? 1.297   -22.171 -3.866  1.00 72.88 ? 78 THR A CA 1 
ATOM 311 C C  . THR A 1 336 ? 2.375   -22.509 -2.843  1.00 72.88 ? 78 THR A C  1 
ATOM 312 O O  . THR A 1 336 ? 3.531   -22.738 -3.198  1.00 72.88 ? 78 THR A O  1 
ATOM 313 N N  . PRO A 1 337 ? 2.190   -22.168 -1.493  1.00 66.31 ? 79 PRO A N  1 
ATOM 314 C CA . PRO A 1 337 ? 3.229   -22.656 -0.578  1.00 66.31 ? 79 PRO A CA 1 
ATOM 315 C C  . PRO A 1 337 ? 3.591   -24.121 -0.819  1.00 66.31 ? 79 PRO A C  1 
ATOM 316 O O  . PRO A 1 337 ? 2.808   -24.865 -1.413  1.00 66.31 ? 79 PRO A O  1 
ATOM 317 N N  . LYS B 1 259 ? -14.202 6.489   -10.341 1.00 61.19 ? 1  LYS B N  1 
ATOM 318 C CA . LYS B 1 259 ? -13.095 7.441   -10.450 1.00 61.19 ? 1  LYS B CA 1 
ATOM 319 C C  . LYS B 1 259 ? -12.101 7.274   -9.303  1.00 61.19 ? 1  LYS B C  1 
ATOM 320 O O  . LYS B 1 259 ? -12.506 7.172   -8.144  1.00 61.19 ? 1  LYS B O  1 
ATOM 321 N N  . ASP B 1 260 ? -11.048 6.508   -9.464  1.00 68.44 ? 2  ASP B N  1 
ATOM 322 C CA . ASP B 1 260 ? -10.027 6.333   -8.423  1.00 68.44 ? 2  ASP B CA 1 
ATOM 323 C C  . ASP B 1 260 ? -9.713  7.656   -7.732  1.00 68.44 ? 2  ASP B C  1 
ATOM 324 O O  . ASP B 1 260 ? -9.748  8.716   -8.360  1.00 68.44 ? 2  ASP B O  1 
ATOM 325 N N  . PRO B 1 261 ? -9.739  7.690   -6.366  1.00 76.75 ? 3  PRO B N  1 
ATOM 326 C CA . PRO B 1 261 ? -9.331  8.930   -5.703  1.00 76.75 ? 3  PRO B CA 1 
ATOM 327 C C  . PRO B 1 261 ? -8.064  9.533   -6.308  1.00 76.75 ? 3  PRO B C  1 
ATOM 328 O O  . PRO B 1 261 ? -7.162  8.799   -6.716  1.00 76.75 ? 3  PRO B O  1 
ATOM 329 N N  . SER B 1 262 ? -8.069  10.842  -6.657  1.00 85.19 ? 4  SER B N  1 
ATOM 330 C CA . SER B 1 262 ? -6.978  11.587  -7.272  1.00 85.19 ? 4  SER B CA 1 
ATOM 331 C C  . SER B 1 262 ? -5.662  11.359  -6.526  1.00 85.19 ? 4  SER B C  1 
ATOM 332 O O  . SER B 1 262 ? -4.599  11.308  -7.145  1.00 85.19 ? 4  SER B O  1 
ATOM 333 N N  . TRP B 1 263 ? -5.816  11.075  -5.228  1.00 86.75 ? 5  TRP B N  1 
ATOM 334 C CA . TRP B 1 263 ? -4.595  10.909  -4.453  1.00 86.75 ? 5  TRP B CA 1 
ATOM 335 C C  . TRP B 1 263 ? -3.969  9.542   -4.707  1.00 86.75 ? 5  TRP B C  1 
ATOM 336 O O  . TRP B 1 263 ? -2.754  9.372   -4.568  1.00 86.75 ? 5  TRP B O  1 
ATOM 337 N N  . ALA B 1 264 ? -4.747  8.555   -5.157  1.00 85.19 ? 6  ALA B N  1 
ATOM 338 C CA . ALA B 1 264 ? -4.254  7.202   -5.400  1.00 85.19 ? 6  ALA B CA 1 
ATOM 339 C C  . ALA B 1 264 ? -3.369  7.154   -6.641  1.00 85.19 ? 6  ALA B C  1 
ATOM 340 O O  . ALA B 1 264 ? -2.586  6.222   -6.819  1.00 85.19 ? 6  ALA B O  1 
ATOM 341 N N  . SER B 1 265 ? -3.390  8.197   -7.402  1.00 90.25 ? 7  SER B N  1 
ATOM 342 C CA . SER B 1 265 ? -2.647  8.212   -8.658  1.00 90.25 ? 7  SER B CA 1 
ATOM 343 C C  . SER B 1 265 ? -1.333  8.973   -8.514  1.00 90.25 ? 7  SER B C  1 
ATOM 344 O O  . SER B 1 265 ? -0.577  9.099   -9.480  1.00 90.25 ? 7  SER B O  1 
ATOM 345 N N  . ILE B 1 266 ? -1.114  9.503   -7.323  1.00 95.12 ? 8  ILE B N  1 
ATOM 346 C CA . ILE B 1 266 ? 0.136   10.207  -7.050  1.00 95.12 ? 8  ILE B CA 1 
ATOM 347 C C  . ILE B 1 266 ? 1.274   9.202   -6.898  1.00 95.12 ? 8  ILE B C  1 
ATOM 348 O O  . ILE B 1 266 ? 1.255   8.366   -5.990  1.00 95.12 ? 8  ILE B O  1 
ATOM 349 N N  . LEU B 1 267 ? 2.191   9.270   -7.819  1.00 97.50 ? 9  LEU B N  1 
ATOM 350 C CA . LEU B 1 267 ? 3.350   8.384   -7.831  1.00 97.50 ? 9  LEU B CA 1 
ATOM 351 C C  . LEU B 1 267 ? 4.646   9.180   -7.681  1.00 97.50 ? 9  LEU B C  1 
ATOM 352 O O  . LEU B 1 267 ? 4.733   10.323  -8.137  1.00 97.50 ? 9  LEU B O  1 
ATOM 353 N N  . GLN B 1 268 ? 5.559   8.606   -6.922  1.00 97.56 ? 10 GLN B N  1 
ATOM 354 C CA . GLN B 1 268 ? 6.881   9.221   -6.850  1.00 97.56 ? 10 GLN B CA 1 
ATOM 355 C C  . GLN B 1 268 ? 7.561   9.221   -8.217  1.00 97.56 ? 10 GLN B C  1 
ATOM 356 O O  . GLN B 1 268 ? 7.587   8.199   -8.907  1.00 97.56 ? 10 GLN B O  1 
ATOM 357 N N  . GLY B 1 269 ? 8.000   10.354  -8.634  1.00 97.12 ? 11 GLY B N  1 
ATOM 358 C CA . GLY B 1 269 ? 8.742   10.421  -9.882  1.00 97.12 ? 11 GLY B CA 1 
ATOM 359 C C  . GLY B 1 269 ? 10.060  9.669   -9.832  1.00 97.12 ? 11 GLY B C  1 
ATOM 360 O O  . GLY B 1 269 ? 10.558  9.352   -8.749  1.00 97.12 ? 11 GLY B O  1 
ATOM 361 N N  . LEU B 1 270 ? 10.702  9.436   -11.027 1.00 95.12 ? 12 LEU B N  1 
ATOM 362 C CA . LEU B 1 270 ? 11.958  8.702   -11.129 1.00 95.12 ? 12 LEU B CA 1 
ATOM 363 C C  . LEU B 1 270 ? 13.080  9.445   -10.411 1.00 95.12 ? 12 LEU B C  1 
ATOM 364 O O  . LEU B 1 270 ? 13.934  8.824   -9.777  1.00 95.12 ? 12 LEU B O  1 
ATOM 365 N N  . GLU B 1 271 ? 13.067  10.746  -10.406 1.00 95.06 ? 13 GLU B N  1 
ATOM 366 C CA . GLU B 1 271 ? 14.114  11.568  -9.805  1.00 95.06 ? 13 GLU B CA 1 
ATOM 367 C C  . GLU B 1 271 ? 13.555  12.434  -8.678  1.00 95.06 ? 13 GLU B C  1 
ATOM 368 O O  . GLU B 1 271 ? 14.207  13.384  -8.239  1.00 95.06 ? 13 GLU B O  1 
ATOM 369 N N  . GLU B 1 272 ? 12.359  12.215  -8.356  1.00 95.62 ? 14 GLU B N  1 
ATOM 370 C CA . GLU B 1 272 ? 11.710  12.955  -7.279  1.00 95.62 ? 14 GLU B CA 1 
ATOM 371 C C  . GLU B 1 272 ? 12.137  12.429  -5.912  1.00 95.62 ? 14 GLU B C  1 
ATOM 372 O O  . GLU B 1 272 ? 12.000  11.239  -5.629  1.00 95.62 ? 14 GLU B O  1 
ATOM 373 N N  . PRO B 1 273 ? 12.696  13.301  -5.134  1.00 95.88 ? 15 PRO B N  1 
ATOM 374 C CA . PRO B 1 273 ? 13.011  12.875  -3.772  1.00 95.88 ? 15 PRO B CA 1 
ATOM 375 C C  . PRO B 1 273 ? 11.785  12.360  -3.020  1.00 95.88 ? 15 PRO B C  1 
ATOM 376 O O  . PRO B 1 273 ? 10.679  12.871  -3.210  1.00 95.88 ? 15 PRO B O  1 
ATOM 377 N N  . TYR B 1 274 ? 11.992  11.428  -2.155  1.00 96.88 ? 16 TYR B N  1 
ATOM 378 C CA . TYR B 1 274 ? 10.917  10.742  -1.446  1.00 96.88 ? 16 TYR B CA 1 
ATOM 379 C C  . TYR B 1 274 ? 10.117  11.721  -0.591  1.00 96.88 ? 16 TYR B C  1 
ATOM 380 O O  . TYR B 1 274 ? 8.884   11.669  -0.569  1.00 96.88 ? 16 TYR B O  1 
ATOM 381 N N  . HIS B 1 275 ? 10.753  12.645  0.097   1.00 96.50 ? 17 HIS B N  1 
ATOM 382 C CA . HIS B 1 275 ? 10.036  13.579  0.958   1.00 96.50 ? 17 HIS B CA 1 
ATOM 383 C C  . HIS B 1 275 ? 9.130   14.498  0.143   1.00 96.50 ? 17 HIS B C  1 
ATOM 384 O O  . HIS B 1 275 ? 8.049   14.876  0.605   1.00 96.50 ? 17 HIS B O  1 
ATOM 385 N N  . ALA B 1 276 ? 9.631   14.916  -0.998  1.00 97.06 ? 18 ALA B N  1 
ATOM 386 C CA . ALA B 1 276 ? 8.803   15.743  -1.872  1.00 97.06 ? 18 ALA B CA 1 
ATOM 387 C C  . ALA B 1 276 ? 7.556   14.987  -2.322  1.00 97.06 ? 18 ALA B C  1 
ATOM 388 O O  . ALA B 1 276 ? 6.458   15.550  -2.349  1.00 97.06 ? 18 ALA B O  1 
ATOM 389 N N  . PHE B 1 277 ? 7.722   13.731  -2.686  1.00 97.44 ? 19 PHE B N  1 
ATOM 390 C CA . PHE B 1 277 ? 6.620   12.850  -3.054  1.00 97.44 ? 19 PHE B CA 1 
ATOM 391 C C  . PHE B 1 277 ? 5.637   12.706  -1.897  1.00 97.44 ? 19 PHE B C  1 
ATOM 392 O O  . PHE B 1 277 ? 4.428   12.862  -2.079  1.00 97.44 ? 19 PHE B O  1 
ATOM 393 N N  . VAL B 1 278 ? 6.069   12.415  -0.719  1.00 96.94 ? 20 VAL B N  1 
ATOM 394 C CA . VAL B 1 278 ? 5.223   12.218  0.455   1.00 96.94 ? 20 VAL B CA 1 
ATOM 395 C C  . VAL B 1 278 ? 4.451   13.501  0.757   1.00 96.94 ? 20 VAL B C  1 
ATOM 396 O O  . VAL B 1 278 ? 3.274   13.452  1.125   1.00 96.94 ? 20 VAL B O  1 
ATOM 397 N N  . GLU B 1 279 ? 5.114   14.635  0.554   1.00 97.25 ? 21 GLU B N  1 
ATOM 398 C CA . GLU B 1 279 ? 4.456   15.921  0.773   1.00 97.25 ? 21 GLU B CA 1 
ATOM 399 C C  . GLU B 1 279 ? 3.280   16.105  -0.183  1.00 97.25 ? 21 GLU B C  1 
ATOM 400 O O  . GLU B 1 279 ? 2.202   16.537  0.229   1.00 97.25 ? 21 GLU B O  1 
ATOM 401 N N  . ARG B 1 280 ? 3.457   15.805  -1.503  1.00 97.31 ? 22 ARG B N  1 
ATOM 402 C CA . ARG B 1 280 ? 2.364   15.907  -2.465  1.00 97.31 ? 22 ARG B CA 1 
ATOM 403 C C  . ARG B 1 280 ? 1.227   14.956  -2.101  1.00 97.31 ? 22 ARG B C  1 
ATOM 404 O O  . ARG B 1 280 ? 0.053   15.329  -2.180  1.00 97.31 ? 22 ARG B O  1 
ATOM 405 N N  . LEU B 1 281 ? 1.612   13.818  -1.653  1.00 96.88 ? 23 LEU B N  1 
ATOM 406 C CA . LEU B 1 281 ? 0.617   12.831  -1.247  1.00 96.88 ? 23 LEU B CA 1 
ATOM 407 C C  . LEU B 1 281 ? -0.180  13.324  -0.045  1.00 96.88 ? 23 LEU B C  1 
ATOM 408 O O  . LEU B 1 281 ? -1.407  13.212  -0.019  1.00 96.88 ? 23 LEU B O  1 
ATOM 409 N N  . ASN B 1 282 ? 0.510   13.848  0.900   1.00 96.69 ? 24 ASN B N  1 
ATOM 410 C CA . ASN B 1 282 ? -0.111  14.371  2.110   1.00 96.69 ? 24 ASN B CA 1 
ATOM 411 C C  . ASN B 1 282 ? -1.104  15.485  1.791   1.00 96.69 ? 24 ASN B C  1 
ATOM 412 O O  . ASN B 1 282 ? -2.215  15.503  2.328   1.00 96.69 ? 24 ASN B O  1 
ATOM 413 N N  . ILE B 1 283 ? -0.734  16.370  0.932   1.00 96.31 ? 25 ILE B N  1 
ATOM 414 C CA . ILE B 1 283 ? -1.580  17.486  0.524   1.00 96.31 ? 25 ILE B CA 1 
ATOM 415 C C  . ILE B 1 283 ? -2.820  16.965  -0.195  1.00 96.31 ? 25 ILE B C  1 
ATOM 416 O O  . ILE B 1 283 ? -3.940  17.405  0.082   1.00 96.31 ? 25 ILE B O  1 
ATOM 417 N N  . ALA B 1 284 ? -2.651  16.000  -1.058  1.00 95.62 ? 26 ALA B N  1 
ATOM 418 C CA . ALA B 1 284 ? -3.766  15.418  -1.801  1.00 95.62 ? 26 ALA B CA 1 
ATOM 419 C C  . ALA B 1 284 ? -4.748  14.726  -0.861  1.00 95.62 ? 26 ALA B C  1 
ATOM 420 O O  . ALA B 1 284 ? -5.964  14.835  -1.033  1.00 95.62 ? 26 ALA B O  1 
ATOM 421 N N  . LEU B 1 285 ? -4.255  14.043  0.092   1.00 95.50 ? 27 LEU B N  1 
ATOM 422 C CA . LEU B 1 285 ? -5.124  13.348  1.034   1.00 95.50 ? 27 LEU B CA 1 
ATOM 423 C C  . LEU B 1 285 ? -5.893  14.342  1.897   1.00 95.50 ? 27 LEU B C  1 
ATOM 424 O O  . LEU B 1 285 ? -7.078  14.143  2.176   1.00 95.50 ? 27 LEU B O  1 
ATOM 425 N N  . ASP B 1 286 ? -5.243  15.417  2.258   1.00 94.31 ? 28 ASP B N  1 
ATOM 426 C CA . ASP B 1 286 ? -5.883  16.462  3.052   1.00 94.31 ? 28 ASP B CA 1 
ATOM 427 C C  . ASP B 1 286 ? -7.067  17.065  2.306   1.00 94.31 ? 28 ASP B C  1 
ATOM 428 O O  . ASP B 1 286 ? -8.096  17.367  2.915   1.00 94.31 ? 28 ASP B O  1 
ATOM 429 N N  . ASN B 1 287 ? -6.954  17.068  1.056   1.00 93.50 ? 29 ASN B N  1 
ATOM 430 C CA . ASN B 1 287 ? -7.960  17.748  0.245   1.00 93.50 ? 29 ASN B CA 1 
ATOM 431 C C  . ASN B 1 287 ? -9.033  16.781  -0.242  1.00 93.50 ? 29 ASN B C  1 
ATOM 432 O O  . ASN B 1 287 ? -10.152 17.189  -0.555  1.00 93.50 ? 29 ASN B O  1 
ATOM 433 N N  . GLY B 1 288 ? -8.700  15.515  -0.230  1.00 92.12 ? 30 GLY B N  1 
ATOM 434 C CA . GLY B 1 288 ? -9.569  14.612  -0.973  1.00 92.12 ? 30 GLY B CA 1 
ATOM 435 C C  . GLY B 1 288 ? -10.282 13.608  -0.089  1.00 92.12 ? 30 GLY B C  1 
ATOM 436 O O  . GLY B 1 288 ? -11.266 12.992  -0.503  1.00 92.12 ? 30 GLY B O  1 
ATOM 437 N N  . LEU B 1 289 ? -9.811  13.432  1.130   1.00 92.06 ? 31 LEU B N  1 
ATOM 438 C CA . LEU B 1 289 ? -10.398 12.407  1.985   1.00 92.06 ? 31 LEU B CA 1 
ATOM 439 C C  . LEU B 1 289 ? -11.720 12.891  2.582   1.00 92.06 ? 31 LEU B C  1 
ATOM 440 O O  . LEU B 1 289 ? -11.835 14.049  2.983   1.00 92.06 ? 31 LEU B O  1 
ATOM 441 N N  . PRO B 1 290 ? -12.751 12.075  2.509   1.00 92.62 ? 32 PRO B N  1 
ATOM 442 C CA . PRO B 1 290 ? -14.003 12.414  3.201   1.00 92.62 ? 32 PRO B CA 1 
ATOM 443 C C  . PRO B 1 290 ? -13.793 12.724  4.677   1.00 92.62 ? 32 PRO B C  1 
ATOM 444 O O  . PRO B 1 290 ? -12.869 12.195  5.296   1.00 92.62 ? 32 PRO B O  1 
ATOM 445 N N  . GLU B 1 291 ? -14.656 13.524  5.222   1.00 92.19 ? 33 GLU B N  1 
ATOM 446 C CA . GLU B 1 291 ? -14.593 13.857  6.644   1.00 92.19 ? 33 GLU B CA 1 
ATOM 447 C C  . GLU B 1 291 ? -14.636 12.604  7.513   1.00 92.19 ? 33 GLU B C  1 
ATOM 448 O O  . GLU B 1 291 ? -15.478 11.726  7.302   1.00 92.19 ? 33 GLU B O  1 
ATOM 449 N N  . GLY B 1 292 ? -13.657 12.407  8.423   1.00 92.69 ? 34 GLY B N  1 
ATOM 450 C CA . GLY B 1 292 ? -13.658 11.301  9.363   1.00 92.69 ? 34 GLY B CA 1 
ATOM 451 C C  . GLY B 1 292 ? -12.794 10.136  8.922   1.00 92.69 ? 34 GLY B C  1 
ATOM 452 O O  . GLY B 1 292 ? -12.598 9.179   9.675   1.00 92.69 ? 34 GLY B O  1 
ATOM 453 N N  . THR B 1 293 ? -12.323 10.198  7.664   1.00 93.56 ? 35 THR B N  1 
ATOM 454 C CA . THR B 1 293 ? -11.444 9.137   7.183   1.00 93.56 ? 35 THR B CA 1 
ATOM 455 C C  . THR B 1 293 ? -10.040 9.289   7.770   1.00 93.56 ? 35 THR B C  1 
ATOM 456 O O  . THR B 1 293 ? -9.459  10.374  7.727   1.00 93.56 ? 35 THR B O  1 
ATOM 457 N N  . PRO B 1 294 ? -9.572  8.102   8.365   1.00 94.44 ? 36 PRO B N  1 
ATOM 458 C CA . PRO B 1 294 ? -8.217  8.182   8.921   1.00 94.44 ? 36 PRO B CA 1 
ATOM 459 C C  . PRO B 1 294 ? -7.153  8.366   7.847   1.00 94.44 ? 36 PRO B C  1 
ATOM 460 O O  . PRO B 1 294 ? -7.014  7.521   6.959   1.00 94.44 ? 36 PRO B O  1 
ATOM 461 N N  . LYS B 1 295 ? -6.354  9.337   7.891   1.00 94.75 ? 37 LYS B N  1 
ATOM 462 C CA . LYS B 1 295 ? -5.366  9.727   6.878   1.00 94.75 ? 37 LYS B CA 1 
ATOM 463 C C  . LYS B 1 295 ? -4.064  8.951   7.054   1.00 94.75 ? 37 LYS B C  1 
ATOM 464 O O  . LYS B 1 295 ? -3.468  8.500   6.075   1.00 94.75 ? 37 LYS B O  1 
ATOM 465 N N  . ASP B 1 296 ? -3.721  8.775   8.259   1.00 95.06 ? 38 ASP B N  1 
ATOM 466 C CA . ASP B 1 296 ? -2.380  8.280   8.552   1.00 95.06 ? 38 ASP B CA 1 
ATOM 467 C C  . ASP B 1 296 ? -2.175  6.877   7.983   1.00 95.06 ? 38 ASP B C  1 
ATOM 468 O O  . ASP B 1 296 ? -1.184  6.612   7.312   1.00 95.06 ? 38 ASP B O  1 
ATOM 469 N N  . PRO B 1 297 ? -3.075  5.919   8.242   1.00 94.81 ? 39 PRO B N  1 
ATOM 470 C CA . PRO B 1 297 ? -2.884  4.587   7.665   1.00 94.81 ? 39 PRO B CA 1 
ATOM 471 C C  . PRO B 1 297 ? -2.896  4.596   6.136   1.00 94.81 ? 39 PRO B C  1 
ATOM 472 O O  . PRO B 1 297 ? -2.163  3.830   5.502   1.00 94.81 ? 39 PRO B O  1 
ATOM 473 N N  . ILE B 1 298 ? -3.696  5.494   5.538   1.00 94.75 ? 40 ILE B N  1 
ATOM 474 C CA . ILE B 1 298 ? -3.771  5.617   4.087   1.00 94.75 ? 40 ILE B CA 1 
ATOM 475 C C  . ILE B 1 298 ? -2.463  6.199   3.551   1.00 94.75 ? 40 ILE B C  1 
ATOM 476 O O  . ILE B 1 298 ? -1.901  5.688   2.580   1.00 94.75 ? 40 ILE B O  1 
ATOM 477 N N  . LEU B 1 299 ? -2.029  7.230   4.219   1.00 96.19 ? 41 LEU B N  1 
ATOM 478 C CA . LEU B 1 299 ? -0.776  7.859   3.823   1.00 96.19 ? 41 LEU B CA 1 
ATOM 479 C C  . LEU B 1 299 ? 0.376   6.862   3.883   1.00 96.19 ? 41 LEU B C  1 
ATOM 480 O O  . LEU B 1 299 ? 1.169   6.764   2.944   1.00 96.19 ? 41 LEU B O  1 
ATOM 481 N N  . ARG B 1 300 ? 0.527   6.063   4.888   1.00 96.12 ? 42 ARG B N  1 
ATOM 482 C CA . ARG B 1 300 ? 1.612   5.104   5.053   1.00 96.12 ? 42 ARG B CA 1 
ATOM 483 C C  . ARG B 1 300 ? 1.549   4.014   3.987   1.00 96.12 ? 42 ARG B C  1 
ATOM 484 O O  . ARG B 1 300 ? 2.579   3.608   3.446   1.00 96.12 ? 42 ARG B O  1 
ATOM 485 N N  . SER B 1 301 ? 0.416   3.582   3.761   1.00 95.25 ? 43 SER B N  1 
ATOM 486 C CA . SER B 1 301 ? 0.238   2.559   2.733   1.00 95.25 ? 43 SER B CA 1 
ATOM 487 C C  . SER B 1 301 ? 0.621   3.091   1.355   1.00 95.25 ? 43 SER B C  1 
ATOM 488 O O  . SER B 1 301 ? 1.364   2.440   0.619   1.00 95.25 ? 43 SER B O  1 
ATOM 489 N N  . LEU B 1 302 ? 0.162   4.284   1.051   1.00 96.12 ? 44 LEU B N  1 
ATOM 490 C CA . LEU B 1 302 ? 0.436   4.873   -0.257  1.00 96.12 ? 44 LEU B CA 1 
ATOM 491 C C  . LEU B 1 302 ? 1.896   5.303   -0.363  1.00 96.12 ? 44 LEU B C  1 
ATOM 492 O O  . LEU B 1 302 ? 2.485   5.249   -1.446  1.00 96.12 ? 44 LEU B O  1 
ATOM 493 N N  . ALA B 1 303 ? 2.472   5.770   0.723   1.00 97.00 ? 45 ALA B N  1 
ATOM 494 C CA . ALA B 1 303 ? 3.876   6.170   0.740   1.00 97.00 ? 45 ALA B CA 1 
ATOM 495 C C  . ALA B 1 303 ? 4.779   5.024   0.292   1.00 97.00 ? 45 ALA B C  1 
ATOM 496 O O  . ALA B 1 303 ? 5.804   5.250   -0.357  1.00 97.00 ? 45 ALA B O  1 
ATOM 497 N N  . TYR B 1 304 ? 4.357   3.814   0.578   1.00 97.38 ? 46 TYR B N  1 
ATOM 498 C CA . TYR B 1 304 ? 5.140   2.658   0.165   1.00 97.38 ? 46 TYR B CA 1 
ATOM 499 C C  . TYR B 1 304 ? 4.730   2.190   -1.226  1.00 97.38 ? 46 TYR B C  1 
ATOM 500 O O  . TYR B 1 304 ? 5.574   2.054   -2.116  1.00 97.38 ? 46 TYR B O  1 
ATOM 501 N N  . SER B 1 305 ? 3.454   1.956   -1.407  1.00 96.19 ? 47 SER B N  1 
ATOM 502 C CA . SER B 1 305 ? 2.965   1.335   -2.631  1.00 96.19 ? 47 SER B CA 1 
ATOM 503 C C  . SER B 1 305 ? 3.159   2.246   -3.835  1.00 96.19 ? 47 SER B C  1 
ATOM 504 O O  . SER B 1 305 ? 3.354   1.771   -4.958  1.00 96.19 ? 47 SER B O  1 
ATOM 505 N N  . ASN B 1 306 ? 3.202   3.593   -3.646  1.00 97.50 ? 48 ASN B N  1 
ATOM 506 C CA . ASN B 1 306 ? 3.308   4.541   -4.752  1.00 97.50 ? 48 ASN B CA 1 
ATOM 507 C C  . ASN B 1 306 ? 4.718   5.115   -4.864  1.00 97.50 ? 48 ASN B C  1 
ATOM 508 O O  . ASN B 1 306 ? 4.950   6.056   -5.628  1.00 97.50 ? 48 ASN B O  1 
ATOM 509 N N  . ALA B 1 307 ? 5.630   4.641   -4.060  1.00 97.12 ? 49 ALA B N  1 
ATOM 510 C CA . ALA B 1 307 ? 7.027   5.058   -4.150  1.00 97.12 ? 49 ALA B CA 1 
ATOM 511 C C  . ALA B 1 307 ? 7.679   4.524   -5.422  1.00 97.12 ? 49 ALA B C  1 
ATOM 512 O O  . ALA B 1 307 ? 7.236   3.517   -5.980  1.00 97.12 ? 49 ALA B O  1 
ATOM 513 N N  . ASN B 1 308 ? 8.642   5.144   -5.954  1.00 97.06 ? 50 ASN B N  1 
ATOM 514 C CA . ASN B 1 308 ? 9.364   4.594   -7.097  1.00 97.06 ? 50 ASN B CA 1 
ATOM 515 C C  . ASN B 1 308 ? 10.148  3.341   -6.717  1.00 97.06 ? 50 ASN B C  1 
ATOM 516 O O  . ASN B 1 308 ? 10.272  3.014   -5.534  1.00 97.06 ? 50 ASN B O  1 
ATOM 517 N N  . LYS B 1 309 ? 10.657  2.588   -7.664  1.00 96.31 ? 51 LYS B N  1 
ATOM 518 C CA . LYS B 1 309 ? 11.222  1.259   -7.469  1.00 96.31 ? 51 LYS B CA 1 
ATOM 519 C C  . LYS B 1 309 ? 12.416  1.301   -6.518  1.00 96.31 ? 51 LYS B C  1 
ATOM 520 O O  . LYS B 1 309 ? 12.581  0.407   -5.684  1.00 96.31 ? 51 LYS B O  1 
ATOM 521 N N  . GLU B 1 310 ? 13.212  2.383   -6.658  1.00 95.88 ? 52 GLU B N  1 
ATOM 522 C CA . GLU B 1 310 ? 14.405  2.494   -5.821  1.00 95.88 ? 52 GLU B CA 1 
ATOM 523 C C  . GLU B 1 310 ? 14.029  2.669   -4.351  1.00 95.88 ? 52 GLU B C  1 
ATOM 524 O O  . GLU B 1 310 ? 14.583  2.007   -3.476  1.00 95.88 ? 52 GLU B O  1 
ATOM 525 N N  . CYS B 1 311 ? 13.109  3.585   -4.082  1.00 97.00 ? 53 CYS B N  1 
ATOM 526 C CA . CYS B 1 311 ? 12.689  3.805   -2.705  1.00 97.00 ? 53 CYS B CA 1 
ATOM 527 C C  . CYS B 1 311 ? 11.948  2.590   -2.158  1.00 97.00 ? 53 CYS B C  1 
ATOM 528 O O  . CYS B 1 311 ? 12.094  2.244   -0.984  1.00 97.00 ? 53 CYS B O  1 
ATOM 529 N N  . GLN B 1 312 ? 11.167  1.938   -3.007  1.00 97.38 ? 54 GLN B N  1 
ATOM 530 C CA . GLN B 1 312 ? 10.485  0.715   -2.583  1.00 97.38 ? 54 GLN B CA 1 
ATOM 531 C C  . GLN B 1 312 ? 11.487  -0.348  -2.148  1.00 97.38 ? 54 GLN B C  1 
ATOM 532 O O  . GLN B 1 312 ? 11.278  -1.029  -1.142  1.00 97.38 ? 54 GLN B O  1 
ATOM 533 N N  . LYS B 1 313 ? 12.542  -0.497  -2.869  1.00 96.62 ? 55 LYS B N  1 
ATOM 534 C CA . LYS B 1 313 ? 13.591  -1.448  -2.529  1.00 96.62 ? 55 LYS B CA 1 
ATOM 535 C C  . LYS B 1 313 ? 14.223  -1.121  -1.183  1.00 96.62 ? 55 LYS B C  1 
ATOM 536 O O  . LYS B 1 313 ? 14.464  -2.010  -0.364  1.00 96.62 ? 55 LYS B O  1 
ATOM 537 N N  . LEU B 1 314 ? 14.482  0.181   -0.974  1.00 96.19 ? 56 LEU B N  1 
ATOM 538 C CA . LEU B 1 314 ? 15.080  0.614   0.286   1.00 96.19 ? 56 LEU B CA 1 
ATOM 539 C C  . LEU B 1 314 ? 14.138  0.338   1.452   1.00 96.19 ? 56 LEU B C  1 
ATOM 540 O O  . LEU B 1 314 ? 14.572  -0.140  2.502   1.00 96.19 ? 56 LEU B O  1 
ATOM 541 N N  . LEU B 1 315 ? 12.907  0.605   1.230   1.00 97.12 ? 57 LEU B N  1 
ATOM 542 C CA . LEU B 1 315 ? 11.919  0.393   2.281   1.00 97.12 ? 57 LEU B CA 1 
ATOM 543 C C  . LEU B 1 315 ? 11.763  -1.093  2.587   1.00 97.12 ? 57 LEU B C  1 
ATOM 544 O O  . LEU B 1 315 ? 11.656  -1.481  3.750   1.00 97.12 ? 57 LEU B O  1 
ATOM 545 N N  . GLN B 1 316 ? 11.770  -1.931  1.591   1.00 96.62 ? 58 GLN B N  1 
ATOM 546 C CA . GLN B 1 316 ? 11.680  -3.372  1.780   1.00 96.62 ? 58 GLN B CA 1 
ATOM 547 C C  . GLN B 1 316 ? 12.913  -3.916  2.491   1.00 96.62 ? 58 GLN B C  1 
ATOM 548 O O  . GLN B 1 316 ? 12.797  -4.733  3.409   1.00 96.62 ? 58 GLN B O  1 
ATOM 549 N N  . ALA B 1 317 ? 14.014  -3.458  2.063   1.00 95.69 ? 59 ALA B N  1 
ATOM 550 C CA . ALA B 1 317 ? 15.282  -3.925  2.621   1.00 95.69 ? 59 ALA B CA 1 
ATOM 551 C C  . ALA B 1 317 ? 15.377  -3.609  4.108   1.00 95.69 ? 59 ALA B C  1 
ATOM 552 O O  . ALA B 1 317 ? 15.942  -4.385  4.878   1.00 95.69 ? 59 ALA B O  1 
ATOM 553 N N  . ARG B 1 318 ? 14.721  -2.589  4.520   1.00 94.50 ? 60 ARG B N  1 
ATOM 554 C CA . ARG B 1 318 ? 14.816  -2.150  5.903   1.00 94.50 ? 60 ARG B CA 1 
ATOM 555 C C  . ARG B 1 318 ? 13.589  -2.567  6.705   1.00 94.50 ? 60 ARG B C  1 
ATOM 556 O O  . ARG B 1 318 ? 13.460  -2.238  7.884   1.00 94.50 ? 60 ARG B O  1 
ATOM 557 N N  . GLY B 1 319 ? 12.640  -3.251  6.075   1.00 94.56 ? 61 GLY B N  1 
ATOM 558 C CA . GLY B 1 319 ? 11.424  -3.690  6.737   1.00 94.56 ? 61 GLY B CA 1 
ATOM 559 C C  . GLY B 1 319 ? 10.460  -2.557  7.036   1.00 94.56 ? 61 GLY B C  1 
ATOM 560 O O  . GLY B 1 319 ? 9.762   -2.584  8.053   1.00 94.56 ? 61 GLY B O  1 
ATOM 561 N N  . HIS B 1 320 ? 10.494  -1.492  6.235   1.00 95.50 ? 62 HIS B N  1 
ATOM 562 C CA . HIS B 1 320 ? 9.681   -0.309  6.487   1.00 95.50 ? 62 HIS B CA 1 
ATOM 563 C C  . HIS B 1 320 ? 8.529   -0.204  5.489   1.00 95.50 ? 62 HIS B C  1 
ATOM 564 O O  . HIS B 1 320 ? 8.253   0.876   4.965   1.00 95.50 ? 62 HIS B O  1 
ATOM 565 N N  . THR B 1 321 ? 7.851   -1.367  5.111   1.00 92.19 ? 63 THR B N  1 
ATOM 566 C CA . THR B 1 321 ? 6.763   -1.372  4.135   1.00 92.19 ? 63 THR B CA 1 
ATOM 567 C C  . THR B 1 321 ? 5.458   -0.910  4.781   1.00 92.19 ? 63 THR B C  1 
ATOM 568 O O  . THR B 1 321 ? 4.517   -0.530  4.079   1.00 92.19 ? 63 THR B O  1 
ATOM 569 N N  . ASN B 1 322 ? 5.362   -0.861  6.028   1.00 89.94 ? 64 ASN B N  1 
ATOM 570 C CA . ASN B 1 322 ? 4.219   -0.376  6.792   1.00 89.94 ? 64 ASN B CA 1 
ATOM 571 C C  . ASN B 1 322 ? 4.662   0.322   8.078   1.00 89.94 ? 64 ASN B C  1 
ATOM 572 O O  . ASN B 1 322 ? 3.951   0.272   9.090   1.00 89.94 ? 64 ASN B O  1 
ATOM 573 N N  . SER B 1 323 ? 5.846   0.902   8.151   1.00 93.75 ? 65 SER B N  1 
ATOM 574 C CA . SER B 1 323 ? 6.419   1.599   9.300   1.00 93.75 ? 65 SER B CA 1 
ATOM 575 C C  . SER B 1 323 ? 5.916   3.032   9.385   1.00 93.75 ? 65 SER B C  1 
ATOM 576 O O  . SER B 1 323 ? 5.284   3.531   8.450   1.00 93.75 ? 65 SER B O  1 
ATOM 577 N N  . PRO B 1 324 ? 6.062   3.540   10.554  1.00 95.94 ? 66 PRO B N  1 
ATOM 578 C CA . PRO B 1 324 ? 5.743   4.967   10.657  1.00 95.94 ? 66 PRO B CA 1 
ATOM 579 C C  . PRO B 1 324 ? 6.415   5.805   9.575   1.00 95.94 ? 66 PRO B C  1 
ATOM 580 O O  . PRO B 1 324 ? 7.527   5.488   9.145   1.00 95.94 ? 66 PRO B O  1 
ATOM 581 N N  . LEU B 1 325 ? 5.716   6.845   9.116   1.00 96.25 ? 67 LEU B N  1 
ATOM 582 C CA . LEU B 1 325 ? 6.143   7.678   7.996   1.00 96.25 ? 67 LEU B CA 1 
ATOM 583 C C  . LEU B 1 325 ? 7.541   8.226   8.233   1.00 96.25 ? 67 LEU B C  1 
ATOM 584 O O  . LEU B 1 325 ? 8.353   8.295   7.304   1.00 96.25 ? 67 LEU B O  1 
ATOM 585 N N  . GLY B 1 326 ? 7.858   8.600   9.449   1.00 96.19 ? 68 GLY B N  1 
ATOM 586 C CA . GLY B 1 326 ? 9.189   9.097   9.777   1.00 96.19 ? 68 GLY B CA 1 
ATOM 587 C C  . GLY B 1 326 ? 10.291  8.118   9.432   1.00 96.19 ? 68 GLY B C  1 
ATOM 588 O O  . GLY B 1 326 ? 11.338  8.510   8.910   1.00 96.19 ? 68 GLY B O  1 
ATOM 589 N N  . ASP B 1 327 ? 10.031  6.852   9.726   1.00 96.56 ? 69 ASP B N  1 
ATOM 590 C CA . ASP B 1 327 ? 11.003  5.802   9.423   1.00 96.56 ? 69 ASP B CA 1 
ATOM 591 C C  . ASP B 1 327 ? 11.154  5.623   7.911   1.00 96.56 ? 69 ASP B C  1 
ATOM 592 O O  . ASP B 1 327 ? 12.269  5.426   7.415   1.00 96.56 ? 69 ASP B O  1 
ATOM 593 N N  . MET B 1 328 ? 10.049  5.693   7.206   1.00 96.75 ? 70 MET B N  1 
ATOM 594 C CA . MET B 1 328 ? 10.077  5.579   5.751   1.00 96.75 ? 70 MET B CA 1 
ATOM 595 C C  . MET B 1 328 ? 10.854  6.729   5.125   1.00 96.75 ? 70 MET B C  1 
ATOM 596 O O  . MET B 1 328 ? 11.668  6.518   4.222   1.00 96.75 ? 70 MET B O  1 
ATOM 597 N N  . LEU B 1 329 ? 10.678  7.961   5.663   1.00 96.50 ? 71 LEU B N  1 
ATOM 598 C CA . LEU B 1 329 ? 11.379  9.145   5.180   1.00 96.50 ? 71 LEU B CA 1 
ATOM 599 C C  . LEU B 1 329 ? 12.889  9.006   5.396   1.00 96.50 ? 71 LEU B C  1 
ATOM 600 O O  . LEU B 1 329 ? 13.672  9.321   4.496   1.00 96.50 ? 71 LEU B O  1 
ATOM 601 N N  . ARG B 1 330 ? 13.255  8.509   6.510   1.00 95.56 ? 72 ARG B N  1 
ATOM 602 C CA . ARG B 1 330 ? 14.665  8.343   6.838   1.00 95.56 ? 72 ARG B CA 1 
ATOM 603 C C  . ARG B 1 330 ? 15.312  7.279   5.958   1.00 95.56 ? 72 ARG B C  1 
ATOM 604 O O  . ARG B 1 330 ? 16.462  7.430   5.535   1.00 95.56 ? 72 ARG B O  1 
ATOM 605 N N  . ALA B 1 331 ? 14.552  6.268   5.686   1.00 94.94 ? 73 ALA B N  1 
ATOM 606 C CA . ALA B 1 331 ? 15.067  5.155   4.893   1.00 94.94 ? 73 ALA B CA 1 
ATOM 607 C C  . ALA B 1 331 ? 15.391  5.597   3.471   1.00 94.94 ? 73 ALA B C  1 
ATOM 608 O O  . ALA B 1 331 ? 16.393  5.179   2.893   1.00 94.94 ? 73 ALA B O  1 
ATOM 609 N N  . CYS B 1 332 ? 14.600  6.468   2.901   1.00 95.50 ? 74 CYS B N  1 
ATOM 610 C CA . CYS B 1 332 ? 14.750  6.845   1.499   1.00 95.50 ? 74 CYS B CA 1 
ATOM 611 C C  . CYS B 1 332 ? 15.635  8.073   1.353   1.00 95.50 ? 74 CYS B C  1 
ATOM 612 O O  . CYS B 1 332 ? 15.917  8.513   0.237   1.00 95.50 ? 74 CYS B O  1 
ATOM 613 N N  . GLN B 1 333 ? 16.038  8.671   2.471   1.00 91.25 ? 75 GLN B N  1 
ATOM 614 C CA . GLN B 1 333 ? 16.898  9.850   2.449   1.00 91.25 ? 75 GLN B CA 1 
ATOM 615 C C  . GLN B 1 333 ? 18.256  9.530   1.826   1.00 91.25 ? 75 GLN B C  1 
ATOM 616 O O  . GLN B 1 333 ? 18.905  10.412  1.259   1.00 91.25 ? 75 GLN B O  1 
ATOM 617 N N  . THR B 1 334 ? 18.608  8.266   1.972   1.00 86.31 ? 76 THR B N  1 
ATOM 618 C CA . THR B 1 334 ? 19.913  7.848   1.471   1.00 86.31 ? 76 THR B CA 1 
ATOM 619 C C  . THR B 1 334 ? 19.909  7.792   -0.058  1.00 86.31 ? 76 THR B C  1 
ATOM 620 O O  . THR B 1 334 ? 20.967  7.857   -0.685  1.00 86.31 ? 76 THR B O  1 
ATOM 621 N N  . TRP B 1 335 ? 18.682  7.696   -0.509  1.00 84.88 ? 77 TRP B N  1 
ATOM 622 C CA . TRP B 1 335 ? 18.538  7.684   -1.956  1.00 84.88 ? 77 TRP B CA 1 
ATOM 623 C C  . TRP B 1 335 ? 18.464  9.106   -2.508  1.00 84.88 ? 77 TRP B C  1 
ATOM 624 O O  . TRP B 1 335 ? 17.656  9.916   -2.052  1.00 84.88 ? 77 TRP B O  1 
ATOM 625 N N  . THR B 1 336 ? 19.376  9.564   -3.239  1.00 72.88 ? 78 THR B N  1 
ATOM 626 C CA . THR B 1 336 ? 19.383  10.819  -3.990  1.00 72.88 ? 78 THR B CA 1 
ATOM 627 C C  . THR B 1 336 ? 19.500  10.553  -5.487  1.00 72.88 ? 78 THR B C  1 
ATOM 628 O O  . THR B 1 336 ? 20.291  9.714   -5.918  1.00 72.88 ? 78 THR B O  1 
ATOM 629 N N  . PRO B 1 337 ? 18.456  10.932  -6.348  1.00 66.31 ? 79 PRO B N  1 
ATOM 630 C CA . PRO B 1 337 ? 18.731  10.747  -7.778  1.00 66.31 ? 79 PRO B CA 1 
ATOM 631 C C  . PRO B 1 337 ? 20.111  11.258  -8.189  1.00 66.31 ? 79 PRO B C  1 
ATOM 632 O O  . PRO B 1 337 ? 20.703  12.080  -7.487  1.00 66.31 ? 79 PRO B O  1 
# 
